data_2IMM
# 
_entry.id   2IMM 
# 
_audit_conform.dict_name       mmcif_pdbx.dic 
_audit_conform.dict_version    5.399 
_audit_conform.dict_location   http://mmcif.pdb.org/dictionaries/ascii/mmcif_pdbx.dic 
# 
loop_
_database_2.database_id 
_database_2.database_code 
_database_2.pdbx_database_accession 
_database_2.pdbx_DOI 
PDB   2IMM         pdb_00002imm 10.2210/pdb2imm/pdb 
WWPDB D_1000178257 ?            ?                   
# 
loop_
_pdbx_audit_revision_history.ordinal 
_pdbx_audit_revision_history.data_content_type 
_pdbx_audit_revision_history.major_revision 
_pdbx_audit_revision_history.minor_revision 
_pdbx_audit_revision_history.revision_date 
1 'Structure model' 1 0 1993-07-15 
2 'Structure model' 1 1 2008-03-24 
3 'Structure model' 1 2 2011-07-13 
4 'Structure model' 1 3 2024-06-05 
5 'Structure model' 1 4 2024-12-25 
# 
_pdbx_audit_revision_details.ordinal             1 
_pdbx_audit_revision_details.revision_ordinal    1 
_pdbx_audit_revision_details.data_content_type   'Structure model' 
_pdbx_audit_revision_details.provider            repository 
_pdbx_audit_revision_details.type                'Initial release' 
_pdbx_audit_revision_details.description         ? 
_pdbx_audit_revision_details.details             ? 
# 
loop_
_pdbx_audit_revision_group.ordinal 
_pdbx_audit_revision_group.revision_ordinal 
_pdbx_audit_revision_group.data_content_type 
_pdbx_audit_revision_group.group 
1  2 'Structure model' 'Version format compliance' 
2  3 'Structure model' 'Derived calculations'      
3  3 'Structure model' 'Version format compliance' 
4  4 'Structure model' 'Data collection'           
5  4 'Structure model' 'Database references'       
6  4 'Structure model' 'Derived calculations'      
7  4 'Structure model' Other                       
8  5 'Structure model' Advisory                    
9  5 'Structure model' 'Derived calculations'      
10 5 'Structure model' 'Structure summary'         
# 
loop_
_pdbx_audit_revision_category.ordinal 
_pdbx_audit_revision_category.revision_ordinal 
_pdbx_audit_revision_category.data_content_type 
_pdbx_audit_revision_category.category 
1  4 'Structure model' chem_comp_atom               
2  4 'Structure model' chem_comp_bond               
3  4 'Structure model' database_2                   
4  4 'Structure model' pdbx_database_status         
5  4 'Structure model' pdbx_struct_special_symmetry 
6  4 'Structure model' struct_conn                  
7  4 'Structure model' struct_sheet                 
8  4 'Structure model' struct_site                  
9  5 'Structure model' pdbx_entry_details           
10 5 'Structure model' pdbx_modification_feature    
11 5 'Structure model' pdbx_validate_symm_contact   
12 5 'Structure model' struct_conn                  
13 5 'Structure model' struct_conn_type             
# 
loop_
_pdbx_audit_revision_item.ordinal 
_pdbx_audit_revision_item.revision_ordinal 
_pdbx_audit_revision_item.data_content_type 
_pdbx_audit_revision_item.item 
1 4 'Structure model' '_database_2.pdbx_DOI'                
2 4 'Structure model' '_database_2.pdbx_database_accession' 
3 4 'Structure model' '_pdbx_database_status.process_site'  
4 4 'Structure model' '_struct_conn.pdbx_leaving_atom_flag' 
5 4 'Structure model' '_struct_sheet.number_strands'        
6 4 'Structure model' '_struct_site.pdbx_auth_asym_id'      
7 4 'Structure model' '_struct_site.pdbx_auth_comp_id'      
8 4 'Structure model' '_struct_site.pdbx_auth_seq_id'       
# 
_pdbx_database_status.status_code                     REL 
_pdbx_database_status.entry_id                        2IMM 
_pdbx_database_status.recvd_initial_deposition_date   1993-03-01 
_pdbx_database_status.deposit_site                    ? 
_pdbx_database_status.process_site                    BNL 
_pdbx_database_status.SG_entry                        . 
_pdbx_database_status.pdb_format_compatible           Y 
_pdbx_database_status.status_code_mr                  ? 
_pdbx_database_status.status_code_sf                  ? 
_pdbx_database_status.status_code_cs                  ? 
_pdbx_database_status.status_code_nmr_data            ? 
_pdbx_database_status.methods_development_category    ? 
# 
loop_
_audit_author.name 
_audit_author.pdbx_ordinal 
'Steipe, B.' 1 
'Huber, R.'  2 
# 
loop_
_citation.id 
_citation.title 
_citation.journal_abbrev 
_citation.journal_volume 
_citation.page_first 
_citation.page_last 
_citation.year 
_citation.journal_id_ASTM 
_citation.country 
_citation.journal_id_ISSN 
_citation.journal_id_CSD 
_citation.book_publisher 
_citation.pdbx_database_id_PubMed 
_citation.pdbx_database_id_DOI 
primary 
'Refined crystal structure of a recombinant immunoglobulin domain and a complementarity-determining region 1-grafted mutant.' 
J.Mol.Biol. 225 739 753 1992 JMOBAK UK 0022-2836 0070 ? 1602480 '10.1016/0022-2836(92)90398-4' 
1       'Crystallization and Preliminary X-Ray Studies of the VL Domain of the Antibody Mc/Pc603 Produced in Escherichia Coli' 
J.Mol.Biol. 213 613 ?   1990 JMOBAK UK 0022-2836 0070 ? ?       ?                              
# 
loop_
_citation_author.citation_id 
_citation_author.name 
_citation_author.ordinal 
_citation_author.identifier_ORCID 
primary 'Steipe, B.'      1 ? 
primary 'Pluckthun, A.'   2 ? 
primary 'Huber, R.'       3 ? 
1       'Glockshuber, R.' 4 ? 
1       'Steipe, B.'      5 ? 
1       'Huber, R.'       6 ? 
1       'Pluckthun, A.'   7 ? 
# 
loop_
_entity.id 
_entity.type 
_entity.src_method 
_entity.pdbx_description 
_entity.formula_weight 
_entity.pdbx_number_of_molecules 
_entity.pdbx_ec 
_entity.pdbx_mutation 
_entity.pdbx_fragment 
_entity.details 
1 polymer     man 'IGA-KAPPA MCPC603 FV (LIGHT CHAIN)' 12341.727 1   ? ? ? ? 
2 non-polymer syn 'SULFATE ION'                        96.063    1   ? ? ? ? 
3 non-polymer syn 'ACETATE ION'                        59.044    1   ? ? ? ? 
4 water       nat water                                18.015    121 ? ? ? ? 
# 
_entity_poly.entity_id                      1 
_entity_poly.type                           'polypeptide(L)' 
_entity_poly.nstd_linkage                   no 
_entity_poly.nstd_monomer                   no 
_entity_poly.pdbx_seq_one_letter_code       
;DIVMTQSPSSLSVSAGERVTMSCKSSQSLLNSGNQKNFLAWYQQKPGQPPKLLIYGASTRESGVPDRFTGSGSGTDFTLT
ISSVQAEDLAVYYCQNDHSYPLTFGAGTKLELKR
;
_entity_poly.pdbx_seq_one_letter_code_can   
;DIVMTQSPSSLSVSAGERVTMSCKSSQSLLNSGNQKNFLAWYQQKPGQPPKLLIYGASTRESGVPDRFTGSGSGTDFTLT
ISSVQAEDLAVYYCQNDHSYPLTFGAGTKLELKR
;
_entity_poly.pdbx_strand_id                 A 
_entity_poly.pdbx_target_identifier         ? 
# 
loop_
_pdbx_entity_nonpoly.entity_id 
_pdbx_entity_nonpoly.name 
_pdbx_entity_nonpoly.comp_id 
2 'SULFATE ION' SO4 
3 'ACETATE ION' ACT 
4 water         HOH 
# 
loop_
_entity_poly_seq.entity_id 
_entity_poly_seq.num 
_entity_poly_seq.mon_id 
_entity_poly_seq.hetero 
1 1   ASP n 
1 2   ILE n 
1 3   VAL n 
1 4   MET n 
1 5   THR n 
1 6   GLN n 
1 7   SER n 
1 8   PRO n 
1 9   SER n 
1 10  SER n 
1 11  LEU n 
1 12  SER n 
1 13  VAL n 
1 14  SER n 
1 15  ALA n 
1 16  GLY n 
1 17  GLU n 
1 18  ARG n 
1 19  VAL n 
1 20  THR n 
1 21  MET n 
1 22  SER n 
1 23  CYS n 
1 24  LYS n 
1 25  SER n 
1 26  SER n 
1 27  GLN n 
1 28  SER n 
1 29  LEU n 
1 30  LEU n 
1 31  ASN n 
1 32  SER n 
1 33  GLY n 
1 34  ASN n 
1 35  GLN n 
1 36  LYS n 
1 37  ASN n 
1 38  PHE n 
1 39  LEU n 
1 40  ALA n 
1 41  TRP n 
1 42  TYR n 
1 43  GLN n 
1 44  GLN n 
1 45  LYS n 
1 46  PRO n 
1 47  GLY n 
1 48  GLN n 
1 49  PRO n 
1 50  PRO n 
1 51  LYS n 
1 52  LEU n 
1 53  LEU n 
1 54  ILE n 
1 55  TYR n 
1 56  GLY n 
1 57  ALA n 
1 58  SER n 
1 59  THR n 
1 60  ARG n 
1 61  GLU n 
1 62  SER n 
1 63  GLY n 
1 64  VAL n 
1 65  PRO n 
1 66  ASP n 
1 67  ARG n 
1 68  PHE n 
1 69  THR n 
1 70  GLY n 
1 71  SER n 
1 72  GLY n 
1 73  SER n 
1 74  GLY n 
1 75  THR n 
1 76  ASP n 
1 77  PHE n 
1 78  THR n 
1 79  LEU n 
1 80  THR n 
1 81  ILE n 
1 82  SER n 
1 83  SER n 
1 84  VAL n 
1 85  GLN n 
1 86  ALA n 
1 87  GLU n 
1 88  ASP n 
1 89  LEU n 
1 90  ALA n 
1 91  VAL n 
1 92  TYR n 
1 93  TYR n 
1 94  CYS n 
1 95  GLN n 
1 96  ASN n 
1 97  ASP n 
1 98  HIS n 
1 99  SER n 
1 100 TYR n 
1 101 PRO n 
1 102 LEU n 
1 103 THR n 
1 104 PHE n 
1 105 GLY n 
1 106 ALA n 
1 107 GLY n 
1 108 THR n 
1 109 LYS n 
1 110 LEU n 
1 111 GLU n 
1 112 LEU n 
1 113 LYS n 
1 114 ARG n 
# 
_entity_src_gen.entity_id                          1 
_entity_src_gen.pdbx_src_id                        1 
_entity_src_gen.pdbx_alt_source_flag               sample 
_entity_src_gen.pdbx_seq_type                      ? 
_entity_src_gen.pdbx_beg_seq_num                   ? 
_entity_src_gen.pdbx_end_seq_num                   ? 
_entity_src_gen.gene_src_common_name               'house mouse' 
_entity_src_gen.gene_src_genus                     Mus 
_entity_src_gen.pdbx_gene_src_gene                 ? 
_entity_src_gen.gene_src_species                   ? 
_entity_src_gen.gene_src_strain                    ? 
_entity_src_gen.gene_src_tissue                    ? 
_entity_src_gen.gene_src_tissue_fraction           ? 
_entity_src_gen.gene_src_details                   ? 
_entity_src_gen.pdbx_gene_src_fragment             ? 
_entity_src_gen.pdbx_gene_src_scientific_name      'Mus musculus' 
_entity_src_gen.pdbx_gene_src_ncbi_taxonomy_id     10090 
_entity_src_gen.pdbx_gene_src_variant              ? 
_entity_src_gen.pdbx_gene_src_cell_line            ? 
_entity_src_gen.pdbx_gene_src_atcc                 ? 
_entity_src_gen.pdbx_gene_src_organ                ? 
_entity_src_gen.pdbx_gene_src_organelle            ? 
_entity_src_gen.pdbx_gene_src_cell                 ? 
_entity_src_gen.pdbx_gene_src_cellular_location    ? 
_entity_src_gen.host_org_common_name               ? 
_entity_src_gen.pdbx_host_org_scientific_name      ? 
_entity_src_gen.pdbx_host_org_ncbi_taxonomy_id     ? 
_entity_src_gen.host_org_genus                     ? 
_entity_src_gen.pdbx_host_org_gene                 ? 
_entity_src_gen.pdbx_host_org_organ                ? 
_entity_src_gen.host_org_species                   ? 
_entity_src_gen.pdbx_host_org_tissue               ? 
_entity_src_gen.pdbx_host_org_tissue_fraction      ? 
_entity_src_gen.pdbx_host_org_strain               ? 
_entity_src_gen.pdbx_host_org_variant              ? 
_entity_src_gen.pdbx_host_org_cell_line            ? 
_entity_src_gen.pdbx_host_org_atcc                 ? 
_entity_src_gen.pdbx_host_org_culture_collection   ? 
_entity_src_gen.pdbx_host_org_cell                 ? 
_entity_src_gen.pdbx_host_org_organelle            ? 
_entity_src_gen.pdbx_host_org_cellular_location    ? 
_entity_src_gen.pdbx_host_org_vector_type          ? 
_entity_src_gen.pdbx_host_org_vector               ? 
_entity_src_gen.host_org_details                   ? 
_entity_src_gen.expression_system_id               ? 
_entity_src_gen.plasmid_name                       ? 
_entity_src_gen.plasmid_details                    ? 
_entity_src_gen.pdbx_description                   ? 
# 
loop_
_chem_comp.id 
_chem_comp.type 
_chem_comp.mon_nstd_flag 
_chem_comp.name 
_chem_comp.pdbx_synonyms 
_chem_comp.formula 
_chem_comp.formula_weight 
ACT non-polymer         . 'ACETATE ION'   ? 'C2 H3 O2 -1'    59.044  
ALA 'L-peptide linking' y ALANINE         ? 'C3 H7 N O2'     89.093  
ARG 'L-peptide linking' y ARGININE        ? 'C6 H15 N4 O2 1' 175.209 
ASN 'L-peptide linking' y ASPARAGINE      ? 'C4 H8 N2 O3'    132.118 
ASP 'L-peptide linking' y 'ASPARTIC ACID' ? 'C4 H7 N O4'     133.103 
CYS 'L-peptide linking' y CYSTEINE        ? 'C3 H7 N O2 S'   121.158 
GLN 'L-peptide linking' y GLUTAMINE       ? 'C5 H10 N2 O3'   146.144 
GLU 'L-peptide linking' y 'GLUTAMIC ACID' ? 'C5 H9 N O4'     147.129 
GLY 'peptide linking'   y GLYCINE         ? 'C2 H5 N O2'     75.067  
HIS 'L-peptide linking' y HISTIDINE       ? 'C6 H10 N3 O2 1' 156.162 
HOH non-polymer         . WATER           ? 'H2 O'           18.015  
ILE 'L-peptide linking' y ISOLEUCINE      ? 'C6 H13 N O2'    131.173 
LEU 'L-peptide linking' y LEUCINE         ? 'C6 H13 N O2'    131.173 
LYS 'L-peptide linking' y LYSINE          ? 'C6 H15 N2 O2 1' 147.195 
MET 'L-peptide linking' y METHIONINE      ? 'C5 H11 N O2 S'  149.211 
PHE 'L-peptide linking' y PHENYLALANINE   ? 'C9 H11 N O2'    165.189 
PRO 'L-peptide linking' y PROLINE         ? 'C5 H9 N O2'     115.130 
SER 'L-peptide linking' y SERINE          ? 'C3 H7 N O3'     105.093 
SO4 non-polymer         . 'SULFATE ION'   ? 'O4 S -2'        96.063  
THR 'L-peptide linking' y THREONINE       ? 'C4 H9 N O3'     119.119 
TRP 'L-peptide linking' y TRYPTOPHAN      ? 'C11 H12 N2 O2'  204.225 
TYR 'L-peptide linking' y TYROSINE        ? 'C9 H11 N O3'    181.189 
VAL 'L-peptide linking' y VALINE          ? 'C5 H11 N O2'    117.146 
# 
loop_
_pdbx_poly_seq_scheme.asym_id 
_pdbx_poly_seq_scheme.entity_id 
_pdbx_poly_seq_scheme.seq_id 
_pdbx_poly_seq_scheme.mon_id 
_pdbx_poly_seq_scheme.ndb_seq_num 
_pdbx_poly_seq_scheme.pdb_seq_num 
_pdbx_poly_seq_scheme.auth_seq_num 
_pdbx_poly_seq_scheme.pdb_mon_id 
_pdbx_poly_seq_scheme.auth_mon_id 
_pdbx_poly_seq_scheme.pdb_strand_id 
_pdbx_poly_seq_scheme.pdb_ins_code 
_pdbx_poly_seq_scheme.hetero 
A 1 1   ASP 1   1   1   ASP ASP A . n 
A 1 2   ILE 2   2   2   ILE ILE A . n 
A 1 3   VAL 3   3   3   VAL VAL A . n 
A 1 4   MET 4   4   4   MET MET A . n 
A 1 5   THR 5   5   5   THR THR A . n 
A 1 6   GLN 6   6   6   GLN GLN A . n 
A 1 7   SER 7   7   7   SER SER A . n 
A 1 8   PRO 8   8   8   PRO PRO A . n 
A 1 9   SER 9   9   9   SER SER A . n 
A 1 10  SER 10  10  10  SER SER A . n 
A 1 11  LEU 11  11  11  LEU LEU A . n 
A 1 12  SER 12  12  12  SER SER A . n 
A 1 13  VAL 13  13  13  VAL VAL A . n 
A 1 14  SER 14  14  14  SER SER A . n 
A 1 15  ALA 15  15  15  ALA ALA A . n 
A 1 16  GLY 16  16  16  GLY GLY A . n 
A 1 17  GLU 17  17  17  GLU GLU A . n 
A 1 18  ARG 18  18  18  ARG ARG A . n 
A 1 19  VAL 19  19  19  VAL VAL A . n 
A 1 20  THR 20  20  20  THR THR A . n 
A 1 21  MET 21  21  21  MET MET A . n 
A 1 22  SER 22  22  22  SER SER A . n 
A 1 23  CYS 23  23  23  CYS CYS A . n 
A 1 24  LYS 24  24  24  LYS LYS A . n 
A 1 25  SER 25  25  25  SER SER A . n 
A 1 26  SER 26  26  26  SER SER A . n 
A 1 27  GLN 27  27  27  GLN GLN A . n 
A 1 28  SER 28  28  28  SER SER A . n 
A 1 29  LEU 29  29  29  LEU LEU A . n 
A 1 30  LEU 30  30  30  LEU LEU A . n 
A 1 31  ASN 31  31  31  ASN ASN A . n 
A 1 32  SER 32  31  31  SER SER A A n 
A 1 33  GLY 33  31  31  GLY GLY A B n 
A 1 34  ASN 34  31  31  ASN ASN A C n 
A 1 35  GLN 35  31  31  GLN GLN A D n 
A 1 36  LYS 36  31  31  LYS LYS A E n 
A 1 37  ASN 37  31  31  ASN ASN A F n 
A 1 38  PHE 38  32  32  PHE PHE A . n 
A 1 39  LEU 39  33  33  LEU LEU A . n 
A 1 40  ALA 40  34  34  ALA ALA A . n 
A 1 41  TRP 41  35  35  TRP TRP A . n 
A 1 42  TYR 42  36  36  TYR TYR A . n 
A 1 43  GLN 43  37  37  GLN GLN A . n 
A 1 44  GLN 44  38  38  GLN GLN A . n 
A 1 45  LYS 45  39  39  LYS LYS A . n 
A 1 46  PRO 46  40  40  PRO PRO A . n 
A 1 47  GLY 47  41  41  GLY GLY A . n 
A 1 48  GLN 48  42  42  GLN GLN A . n 
A 1 49  PRO 49  43  43  PRO PRO A . n 
A 1 50  PRO 50  44  44  PRO PRO A . n 
A 1 51  LYS 51  45  45  LYS LYS A . n 
A 1 52  LEU 52  46  46  LEU LEU A . n 
A 1 53  LEU 53  47  47  LEU LEU A . n 
A 1 54  ILE 54  48  48  ILE ILE A . n 
A 1 55  TYR 55  49  49  TYR TYR A . n 
A 1 56  GLY 56  50  50  GLY GLY A . n 
A 1 57  ALA 57  51  51  ALA ALA A . n 
A 1 58  SER 58  52  52  SER SER A . n 
A 1 59  THR 59  53  53  THR THR A . n 
A 1 60  ARG 60  54  54  ARG ARG A . n 
A 1 61  GLU 61  55  55  GLU GLU A . n 
A 1 62  SER 62  56  56  SER SER A . n 
A 1 63  GLY 63  57  57  GLY GLY A . n 
A 1 64  VAL 64  58  58  VAL VAL A . n 
A 1 65  PRO 65  59  59  PRO PRO A . n 
A 1 66  ASP 66  60  60  ASP ASP A . n 
A 1 67  ARG 67  61  61  ARG ARG A . n 
A 1 68  PHE 68  62  62  PHE PHE A . n 
A 1 69  THR 69  63  63  THR THR A . n 
A 1 70  GLY 70  64  64  GLY GLY A . n 
A 1 71  SER 71  65  65  SER SER A . n 
A 1 72  GLY 72  66  66  GLY GLY A . n 
A 1 73  SER 73  67  67  SER SER A . n 
A 1 74  GLY 74  68  68  GLY GLY A . n 
A 1 75  THR 75  69  69  THR THR A . n 
A 1 76  ASP 76  70  70  ASP ASP A . n 
A 1 77  PHE 77  71  71  PHE PHE A . n 
A 1 78  THR 78  72  72  THR THR A . n 
A 1 79  LEU 79  73  73  LEU LEU A . n 
A 1 80  THR 80  74  74  THR THR A . n 
A 1 81  ILE 81  75  75  ILE ILE A . n 
A 1 82  SER 82  76  76  SER SER A . n 
A 1 83  SER 83  77  77  SER SER A . n 
A 1 84  VAL 84  78  78  VAL VAL A . n 
A 1 85  GLN 85  79  79  GLN GLN A . n 
A 1 86  ALA 86  80  80  ALA ALA A . n 
A 1 87  GLU 87  81  81  GLU GLU A . n 
A 1 88  ASP 88  82  82  ASP ASP A . n 
A 1 89  LEU 89  83  83  LEU LEU A . n 
A 1 90  ALA 90  84  84  ALA ALA A . n 
A 1 91  VAL 91  85  85  VAL VAL A . n 
A 1 92  TYR 92  86  86  TYR TYR A . n 
A 1 93  TYR 93  87  87  TYR TYR A . n 
A 1 94  CYS 94  88  88  CYS CYS A . n 
A 1 95  GLN 95  89  89  GLN GLN A . n 
A 1 96  ASN 96  90  90  ASN ASN A . n 
A 1 97  ASP 97  91  91  ASP ASP A . n 
A 1 98  HIS 98  92  92  HIS HIS A . n 
A 1 99  SER 99  93  93  SER SER A . n 
A 1 100 TYR 100 94  94  TYR TYR A . n 
A 1 101 PRO 101 95  95  PRO PRO A . n 
A 1 102 LEU 102 96  96  LEU LEU A . n 
A 1 103 THR 103 97  97  THR THR A . n 
A 1 104 PHE 104 98  98  PHE PHE A . n 
A 1 105 GLY 105 99  99  GLY GLY A . n 
A 1 106 ALA 106 100 100 ALA ALA A . n 
A 1 107 GLY 107 101 101 GLY GLY A . n 
A 1 108 THR 108 102 102 THR THR A . n 
A 1 109 LYS 109 103 103 LYS LYS A . n 
A 1 110 LEU 110 104 104 LEU LEU A . n 
A 1 111 GLU 111 105 105 GLU GLU A . n 
A 1 112 LEU 112 106 106 LEU LEU A . n 
A 1 113 LYS 113 107 107 LYS LYS A . n 
A 1 114 ARG 114 108 108 ARG ARG A . n 
# 
loop_
_pdbx_nonpoly_scheme.asym_id 
_pdbx_nonpoly_scheme.entity_id 
_pdbx_nonpoly_scheme.mon_id 
_pdbx_nonpoly_scheme.ndb_seq_num 
_pdbx_nonpoly_scheme.pdb_seq_num 
_pdbx_nonpoly_scheme.auth_seq_num 
_pdbx_nonpoly_scheme.pdb_mon_id 
_pdbx_nonpoly_scheme.auth_mon_id 
_pdbx_nonpoly_scheme.pdb_strand_id 
_pdbx_nonpoly_scheme.pdb_ins_code 
B 2 SO4 1   319 319 SO4 SO4 A . 
C 3 ACT 1   320 320 ACT ACT A . 
D 4 HOH 1   321 1   HOH HOH A . 
D 4 HOH 2   322 2   HOH HOH A . 
D 4 HOH 3   323 200 HOH HOH A . 
D 4 HOH 4   324 201 HOH HOH A . 
D 4 HOH 5   325 202 HOH HOH A . 
D 4 HOH 6   326 203 HOH HOH A . 
D 4 HOH 7   327 204 HOH HOH A . 
D 4 HOH 8   328 205 HOH HOH A . 
D 4 HOH 9   329 206 HOH HOH A . 
D 4 HOH 10  330 207 HOH HOH A . 
D 4 HOH 11  331 208 HOH HOH A . 
D 4 HOH 12  332 209 HOH HOH A . 
D 4 HOH 13  333 210 HOH HOH A . 
D 4 HOH 14  334 211 HOH HOH A . 
D 4 HOH 15  335 212 HOH HOH A . 
D 4 HOH 16  336 213 HOH HOH A . 
D 4 HOH 17  337 214 HOH HOH A . 
D 4 HOH 18  338 215 HOH HOH A . 
D 4 HOH 19  339 216 HOH HOH A . 
D 4 HOH 20  340 217 HOH HOH A . 
D 4 HOH 21  341 218 HOH HOH A . 
D 4 HOH 22  342 219 HOH HOH A . 
D 4 HOH 23  343 220 HOH HOH A . 
D 4 HOH 24  344 221 HOH HOH A . 
D 4 HOH 25  345 222 HOH HOH A . 
D 4 HOH 26  346 223 HOH HOH A . 
D 4 HOH 27  347 224 HOH HOH A . 
D 4 HOH 28  348 225 HOH HOH A . 
D 4 HOH 29  349 226 HOH HOH A . 
D 4 HOH 30  350 227 HOH HOH A . 
D 4 HOH 31  351 228 HOH HOH A . 
D 4 HOH 32  352 229 HOH HOH A . 
D 4 HOH 33  353 230 HOH HOH A . 
D 4 HOH 34  354 231 HOH HOH A . 
D 4 HOH 35  355 232 HOH HOH A . 
D 4 HOH 36  356 233 HOH HOH A . 
D 4 HOH 37  357 234 HOH HOH A . 
D 4 HOH 38  358 235 HOH HOH A . 
D 4 HOH 39  359 236 HOH HOH A . 
D 4 HOH 40  360 237 HOH HOH A . 
D 4 HOH 41  361 238 HOH HOH A . 
D 4 HOH 42  362 239 HOH HOH A . 
D 4 HOH 43  363 240 HOH HOH A . 
D 4 HOH 44  364 241 HOH HOH A . 
D 4 HOH 45  365 242 HOH HOH A . 
D 4 HOH 46  366 243 HOH HOH A . 
D 4 HOH 47  367 244 HOH HOH A . 
D 4 HOH 48  368 245 HOH HOH A . 
D 4 HOH 49  369 246 HOH HOH A . 
D 4 HOH 50  370 247 HOH HOH A . 
D 4 HOH 51  371 248 HOH HOH A . 
D 4 HOH 52  372 249 HOH HOH A . 
D 4 HOH 53  373 250 HOH HOH A . 
D 4 HOH 54  374 251 HOH HOH A . 
D 4 HOH 55  375 252 HOH HOH A . 
D 4 HOH 56  376 253 HOH HOH A . 
D 4 HOH 57  377 254 HOH HOH A . 
D 4 HOH 58  378 255 HOH HOH A . 
D 4 HOH 59  379 256 HOH HOH A . 
D 4 HOH 60  380 257 HOH HOH A . 
D 4 HOH 61  381 258 HOH HOH A . 
D 4 HOH 62  382 259 HOH HOH A . 
D 4 HOH 63  383 260 HOH HOH A . 
D 4 HOH 64  384 261 HOH HOH A . 
D 4 HOH 65  385 262 HOH HOH A . 
D 4 HOH 66  386 263 HOH HOH A . 
D 4 HOH 67  387 264 HOH HOH A . 
D 4 HOH 68  388 265 HOH HOH A . 
D 4 HOH 69  389 266 HOH HOH A . 
D 4 HOH 70  390 267 HOH HOH A . 
D 4 HOH 71  391 268 HOH HOH A . 
D 4 HOH 72  392 269 HOH HOH A . 
D 4 HOH 73  393 270 HOH HOH A . 
D 4 HOH 74  394 271 HOH HOH A . 
D 4 HOH 75  395 272 HOH HOH A . 
D 4 HOH 76  396 273 HOH HOH A . 
D 4 HOH 77  397 274 HOH HOH A . 
D 4 HOH 78  398 275 HOH HOH A . 
D 4 HOH 79  399 276 HOH HOH A . 
D 4 HOH 80  400 277 HOH HOH A . 
D 4 HOH 81  401 278 HOH HOH A . 
D 4 HOH 82  402 279 HOH HOH A . 
D 4 HOH 83  403 280 HOH HOH A . 
D 4 HOH 84  404 281 HOH HOH A . 
D 4 HOH 85  405 282 HOH HOH A . 
D 4 HOH 86  406 283 HOH HOH A . 
D 4 HOH 87  407 284 HOH HOH A . 
D 4 HOH 88  408 285 HOH HOH A . 
D 4 HOH 89  409 286 HOH HOH A . 
D 4 HOH 90  410 287 HOH HOH A . 
D 4 HOH 91  411 288 HOH HOH A . 
D 4 HOH 92  412 289 HOH HOH A . 
D 4 HOH 93  413 290 HOH HOH A . 
D 4 HOH 94  414 291 HOH HOH A . 
D 4 HOH 95  415 292 HOH HOH A . 
D 4 HOH 96  416 293 HOH HOH A . 
D 4 HOH 97  417 294 HOH HOH A . 
D 4 HOH 98  418 295 HOH HOH A . 
D 4 HOH 99  419 296 HOH HOH A . 
D 4 HOH 100 420 297 HOH HOH A . 
D 4 HOH 101 421 298 HOH HOH A . 
D 4 HOH 102 422 299 HOH HOH A . 
D 4 HOH 103 423 300 HOH HOH A . 
D 4 HOH 104 424 301 HOH HOH A . 
D 4 HOH 105 425 302 HOH HOH A . 
D 4 HOH 106 426 303 HOH HOH A . 
D 4 HOH 107 427 304 HOH HOH A . 
D 4 HOH 108 428 305 HOH HOH A . 
D 4 HOH 109 429 306 HOH HOH A . 
D 4 HOH 110 430 307 HOH HOH A . 
D 4 HOH 111 431 308 HOH HOH A . 
D 4 HOH 112 432 309 HOH HOH A . 
D 4 HOH 113 433 310 HOH HOH A . 
D 4 HOH 114 434 311 HOH HOH A . 
D 4 HOH 115 435 312 HOH HOH A . 
D 4 HOH 116 436 313 HOH HOH A . 
D 4 HOH 117 437 314 HOH HOH A . 
D 4 HOH 118 438 315 HOH HOH A . 
D 4 HOH 119 439 316 HOH HOH A . 
D 4 HOH 120 440 317 HOH HOH A . 
D 4 HOH 121 441 318 HOH HOH A . 
# 
loop_
_pdbx_unobs_or_zero_occ_atoms.id 
_pdbx_unobs_or_zero_occ_atoms.PDB_model_num 
_pdbx_unobs_or_zero_occ_atoms.polymer_flag 
_pdbx_unobs_or_zero_occ_atoms.occupancy_flag 
_pdbx_unobs_or_zero_occ_atoms.auth_asym_id 
_pdbx_unobs_or_zero_occ_atoms.auth_comp_id 
_pdbx_unobs_or_zero_occ_atoms.auth_seq_id 
_pdbx_unobs_or_zero_occ_atoms.PDB_ins_code 
_pdbx_unobs_or_zero_occ_atoms.auth_atom_id 
_pdbx_unobs_or_zero_occ_atoms.label_alt_id 
_pdbx_unobs_or_zero_occ_atoms.label_asym_id 
_pdbx_unobs_or_zero_occ_atoms.label_comp_id 
_pdbx_unobs_or_zero_occ_atoms.label_seq_id 
_pdbx_unobs_or_zero_occ_atoms.label_atom_id 
1  1 Y 0 A LYS 103 ? CE  ? A LYS 109 CE  
2  1 Y 0 A LYS 103 ? NZ  ? A LYS 109 NZ  
3  1 Y 0 A ARG 108 ? CA  ? A ARG 114 CA  
4  1 Y 0 A ARG 108 ? C   ? A ARG 114 C   
5  1 Y 0 A ARG 108 ? O   ? A ARG 114 O   
6  1 Y 0 A ARG 108 ? CB  ? A ARG 114 CB  
7  1 Y 0 A ARG 108 ? CG  ? A ARG 114 CG  
8  1 Y 0 A ARG 108 ? CD  ? A ARG 114 CD  
9  1 Y 0 A ARG 108 ? NE  ? A ARG 114 NE  
10 1 Y 0 A ARG 108 ? CZ  ? A ARG 114 CZ  
11 1 Y 0 A ARG 108 ? NH1 ? A ARG 114 NH1 
12 1 Y 0 A ARG 108 ? NH2 ? A ARG 114 NH2 
13 1 Y 0 A ARG 108 ? OXT ? A ARG 114 OXT 
# 
_software.name             EREF 
_software.classification   refinement 
_software.version          . 
_software.citation_id      ? 
_software.pdbx_ordinal     1 
# 
_cell.entry_id           2IMM 
_cell.length_a           86.500 
_cell.length_b           86.500 
_cell.length_c           74.600 
_cell.angle_alpha        90.00 
_cell.angle_beta         90.00 
_cell.angle_gamma        120.00 
_cell.Z_PDB              12 
_cell.pdbx_unique_axis   ? 
# 
_symmetry.entry_id                         2IMM 
_symmetry.space_group_name_H-M             'P 61 2 2' 
_symmetry.pdbx_full_space_group_name_H-M   ? 
_symmetry.cell_setting                     ? 
_symmetry.Int_Tables_number                178 
# 
_exptl.entry_id          2IMM 
_exptl.method            'X-RAY DIFFRACTION' 
_exptl.crystals_number   ? 
# 
_exptl_crystal.id                    1 
_exptl_crystal.density_meas          ? 
_exptl_crystal.density_Matthews      3.26 
_exptl_crystal.density_percent_sol   62.30 
_exptl_crystal.description           ? 
# 
_diffrn.id                     1 
_diffrn.crystal_id             1 
_diffrn.ambient_temp           ? 
_diffrn.ambient_temp_details   ? 
# 
_refine.entry_id                                 2IMM 
_refine.ls_number_reflns_obs                     ? 
_refine.ls_number_reflns_all                     ? 
_refine.pdbx_ls_sigma_I                          ? 
_refine.pdbx_ls_sigma_F                          ? 
_refine.pdbx_data_cutoff_high_absF               ? 
_refine.pdbx_data_cutoff_low_absF                ? 
_refine.pdbx_data_cutoff_high_rms_absF           ? 
_refine.ls_d_res_low                             . 
_refine.ls_d_res_high                            2.00 
_refine.ls_percent_reflns_obs                    ? 
_refine.ls_R_factor_obs                          ? 
_refine.ls_R_factor_all                          ? 
_refine.ls_R_factor_R_work                       0.149 
_refine.ls_R_factor_R_free                       ? 
_refine.ls_R_factor_R_free_error                 ? 
_refine.ls_R_factor_R_free_error_details         ? 
_refine.ls_percent_reflns_R_free                 ? 
_refine.ls_number_reflns_R_free                  ? 
_refine.ls_number_parameters                     ? 
_refine.ls_number_restraints                     ? 
_refine.occupancy_min                            ? 
_refine.occupancy_max                            ? 
_refine.B_iso_mean                               ? 
_refine.aniso_B[1][1]                            ? 
_refine.aniso_B[2][2]                            ? 
_refine.aniso_B[3][3]                            ? 
_refine.aniso_B[1][2]                            ? 
_refine.aniso_B[1][3]                            ? 
_refine.aniso_B[2][3]                            ? 
_refine.solvent_model_details                    ? 
_refine.solvent_model_param_ksol                 ? 
_refine.solvent_model_param_bsol                 ? 
_refine.pdbx_ls_cross_valid_method               ? 
_refine.details                                  'RESIDUES LYS 103 AND ARG 108 ARE PARTIALLY DISORDERED IN THE ELECTRON DENSITY' 
_refine.pdbx_starting_model                      ? 
_refine.pdbx_method_to_determine_struct          ? 
_refine.pdbx_isotropic_thermal_model             ? 
_refine.pdbx_stereochemistry_target_values       ? 
_refine.pdbx_stereochem_target_val_spec_case     ? 
_refine.pdbx_R_Free_selection_details            ? 
_refine.pdbx_overall_ESU_R                       ? 
_refine.pdbx_overall_ESU_R_Free                  ? 
_refine.overall_SU_ML                            ? 
_refine.overall_SU_B                             ? 
_refine.pdbx_refine_id                           'X-RAY DIFFRACTION' 
_refine.pdbx_diffrn_id                           1 
_refine.pdbx_TLS_residual_ADP_flag               ? 
_refine.correlation_coeff_Fo_to_Fc               ? 
_refine.correlation_coeff_Fo_to_Fc_free          ? 
_refine.pdbx_solvent_vdw_probe_radii             ? 
_refine.pdbx_solvent_ion_probe_radii             ? 
_refine.pdbx_solvent_shrinkage_radii             ? 
_refine.pdbx_overall_phase_error                 ? 
_refine.overall_SU_R_Cruickshank_DPI             ? 
_refine.pdbx_overall_SU_R_free_Cruickshank_DPI   ? 
_refine.pdbx_overall_SU_R_Blow_DPI               ? 
_refine.pdbx_overall_SU_R_free_Blow_DPI          ? 
# 
_refine_hist.pdbx_refine_id                   'X-RAY DIFFRACTION' 
_refine_hist.cycle_id                         LAST 
_refine_hist.pdbx_number_atoms_protein        866 
_refine_hist.pdbx_number_atoms_nucleic_acid   0 
_refine_hist.pdbx_number_atoms_ligand         9 
_refine_hist.number_atoms_solvent             121 
_refine_hist.number_atoms_total               996 
_refine_hist.d_res_high                       2.00 
_refine_hist.d_res_low                        . 
# 
loop_
_refine_ls_restr.type 
_refine_ls_restr.dev_ideal 
_refine_ls_restr.dev_ideal_target 
_refine_ls_restr.weight 
_refine_ls_restr.number 
_refine_ls_restr.pdbx_refine_id 
_refine_ls_restr.pdbx_restraint_function 
o_bond_d                0.015 ? ? ? 'X-RAY DIFFRACTION' ? 
o_bond_d_na             ?     ? ? ? 'X-RAY DIFFRACTION' ? 
o_bond_d_prot           ?     ? ? ? 'X-RAY DIFFRACTION' ? 
o_angle_d               ?     ? ? ? 'X-RAY DIFFRACTION' ? 
o_angle_d_na            ?     ? ? ? 'X-RAY DIFFRACTION' ? 
o_angle_d_prot          ?     ? ? ? 'X-RAY DIFFRACTION' ? 
o_angle_deg             2.23  ? ? ? 'X-RAY DIFFRACTION' ? 
o_angle_deg_na          ?     ? ? ? 'X-RAY DIFFRACTION' ? 
o_angle_deg_prot        ?     ? ? ? 'X-RAY DIFFRACTION' ? 
o_dihedral_angle_d      ?     ? ? ? 'X-RAY DIFFRACTION' ? 
o_dihedral_angle_d_na   ?     ? ? ? 'X-RAY DIFFRACTION' ? 
o_dihedral_angle_d_prot ?     ? ? ? 'X-RAY DIFFRACTION' ? 
o_improper_angle_d      ?     ? ? ? 'X-RAY DIFFRACTION' ? 
o_improper_angle_d_na   ?     ? ? ? 'X-RAY DIFFRACTION' ? 
o_improper_angle_d_prot ?     ? ? ? 'X-RAY DIFFRACTION' ? 
o_mcbond_it             ?     ? ? ? 'X-RAY DIFFRACTION' ? 
o_mcangle_it            ?     ? ? ? 'X-RAY DIFFRACTION' ? 
o_scbond_it             ?     ? ? ? 'X-RAY DIFFRACTION' ? 
o_scangle_it            ?     ? ? ? 'X-RAY DIFFRACTION' ? 
# 
_struct.entry_id                  2IMM 
_struct.title                     
'Refined crystal structure of a recombinant immunoglobulin domain and a complementarity-determining region 1-grafted mutant' 
_struct.pdbx_model_details        ? 
_struct.pdbx_CASP_flag            ? 
_struct.pdbx_model_type_details   ? 
# 
_struct_keywords.entry_id        2IMM 
_struct_keywords.pdbx_keywords   IMMUNOGLOBULIN 
_struct_keywords.text            IMMUNOGLOBULIN 
# 
loop_
_struct_asym.id 
_struct_asym.pdbx_blank_PDB_chainid_flag 
_struct_asym.pdbx_modified 
_struct_asym.entity_id 
_struct_asym.details 
A N N 1 ? 
B N N 2 ? 
C N N 3 ? 
D N N 4 ? 
# 
_struct_ref.id                         1 
_struct_ref.db_name                    GB 
_struct_ref.db_code                    AAA72671 
_struct_ref.entity_id                  1 
_struct_ref.pdbx_db_accession          208622 
_struct_ref.pdbx_align_begin           1 
_struct_ref.pdbx_seq_one_letter_code   
;MDIVMTQSPSSLSVSAGERVTMSCKSSQSLLNSGNQKNFLAWYQQKPGQPPKLLIYGASTRESGVPDRFTGSGSGTDFTL
TISSVQAEDLAVYYCQNDHSYPLTFGAGTKLELKRADAAPTVSIFPPSSEQLTSGGASVVCFLNNFYPKDINVKWKIDGS
ERQNGVLNSWTDQDSKDSTYSMSSTLTLTKDEYERHNSYTCEATHKTSTSPIVKSFNRNEC
;
_struct_ref.pdbx_db_isoform            ? 
# 
_struct_ref_seq.align_id                      1 
_struct_ref_seq.ref_id                        1 
_struct_ref_seq.pdbx_PDB_id_code              2IMM 
_struct_ref_seq.pdbx_strand_id                A 
_struct_ref_seq.seq_align_beg                 1 
_struct_ref_seq.pdbx_seq_align_beg_ins_code   ? 
_struct_ref_seq.seq_align_end                 114 
_struct_ref_seq.pdbx_seq_align_end_ins_code   ? 
_struct_ref_seq.pdbx_db_accession             208622 
_struct_ref_seq.db_align_beg                  2 
_struct_ref_seq.pdbx_db_align_beg_ins_code    ? 
_struct_ref_seq.db_align_end                  115 
_struct_ref_seq.pdbx_db_align_end_ins_code    ? 
_struct_ref_seq.pdbx_auth_seq_align_beg       1 
_struct_ref_seq.pdbx_auth_seq_align_end       108 
# 
loop_
_pdbx_struct_assembly.id 
_pdbx_struct_assembly.details 
_pdbx_struct_assembly.method_details 
_pdbx_struct_assembly.oligomeric_details 
_pdbx_struct_assembly.oligomeric_count 
1 author_and_software_defined_assembly PISA,PQS dimeric 2 
2 software_defined_assembly            PISA     dimeric 2 
# 
loop_
_pdbx_struct_assembly_prop.biol_id 
_pdbx_struct_assembly_prop.type 
_pdbx_struct_assembly_prop.value 
_pdbx_struct_assembly_prop.details 
1 'ABSA (A^2)' 1970  ? 
1 MORE         -24   ? 
1 'SSA (A^2)'  10960 ? 
2 'ABSA (A^2)' 1170  ? 
2 MORE         -40   ? 
2 'SSA (A^2)'  11760 ? 
# 
loop_
_pdbx_struct_assembly_gen.assembly_id 
_pdbx_struct_assembly_gen.oper_expression 
_pdbx_struct_assembly_gen.asym_id_list 
1 1,2 A,B,C,D 
2 1,3 A,B,C,D 
# 
loop_
_pdbx_struct_oper_list.id 
_pdbx_struct_oper_list.type 
_pdbx_struct_oper_list.name 
_pdbx_struct_oper_list.symmetry_operation 
_pdbx_struct_oper_list.matrix[1][1] 
_pdbx_struct_oper_list.matrix[1][2] 
_pdbx_struct_oper_list.matrix[1][3] 
_pdbx_struct_oper_list.vector[1] 
_pdbx_struct_oper_list.matrix[2][1] 
_pdbx_struct_oper_list.matrix[2][2] 
_pdbx_struct_oper_list.matrix[2][3] 
_pdbx_struct_oper_list.vector[2] 
_pdbx_struct_oper_list.matrix[3][1] 
_pdbx_struct_oper_list.matrix[3][2] 
_pdbx_struct_oper_list.matrix[3][3] 
_pdbx_struct_oper_list.vector[3] 
1 'identity operation'         1_555  x,y,z            1.0000000000  0.0000000000  0.0000000000  0.0000000000   0.0000000000  1.0000000000  0.0000000000 0.0000000000   0.0000000000  0.0000000000 1.0000000000  0.0000000000  
2 'crystal symmetry operation' 8_676  x-y+1,-y+2,-z+1  -0.2269283570 -0.9271470203 -0.2981642560 -16.0988496253 -0.9271470203 0.1119300585  0.3575892402 -15.6175811406 -0.2981642560 0.3575892402 -0.8850017016 6.8225135898  
3 'crystal symmetry operation' 10_665 -y+1,-x+1,-z+5/6 0.6385107921  -0.5700498314 -0.5170562427 12.1152278119  -0.5700498314 -0.8016755142 0.1798876305 21.4396783214  -0.5170562427 0.1798876305 -0.8368352779 14.7551579040 
# 
_struct_biol.id   1 
# 
_struct_conf.conf_type_id            HELX_P 
_struct_conf.id                      HELX_P1 
_struct_conf.pdbx_PDB_helix_id       1 
_struct_conf.beg_label_comp_id       GLN 
_struct_conf.beg_label_asym_id       A 
_struct_conf.beg_label_seq_id        85 
_struct_conf.pdbx_beg_PDB_ins_code   ? 
_struct_conf.end_label_comp_id       LEU 
_struct_conf.end_label_asym_id       A 
_struct_conf.end_label_seq_id        89 
_struct_conf.pdbx_end_PDB_ins_code   ? 
_struct_conf.beg_auth_comp_id        GLN 
_struct_conf.beg_auth_asym_id        A 
_struct_conf.beg_auth_seq_id         79 
_struct_conf.end_auth_comp_id        LEU 
_struct_conf.end_auth_asym_id        A 
_struct_conf.end_auth_seq_id         83 
_struct_conf.pdbx_PDB_helix_class    5 
_struct_conf.details                 ? 
_struct_conf.pdbx_PDB_helix_length   5 
# 
_struct_conf_type.id          HELX_P 
_struct_conf_type.criteria    ? 
_struct_conf_type.reference   ? 
# 
_struct_conn.id                            disulf1 
_struct_conn.conn_type_id                  disulf 
_struct_conn.pdbx_leaving_atom_flag        ? 
_struct_conn.pdbx_PDB_id                   ? 
_struct_conn.ptnr1_label_asym_id           A 
_struct_conn.ptnr1_label_comp_id           CYS 
_struct_conn.ptnr1_label_seq_id            23 
_struct_conn.ptnr1_label_atom_id           SG 
_struct_conn.pdbx_ptnr1_label_alt_id       ? 
_struct_conn.pdbx_ptnr1_PDB_ins_code       ? 
_struct_conn.pdbx_ptnr1_standard_comp_id   ? 
_struct_conn.ptnr1_symmetry                1_555 
_struct_conn.ptnr2_label_asym_id           A 
_struct_conn.ptnr2_label_comp_id           CYS 
_struct_conn.ptnr2_label_seq_id            94 
_struct_conn.ptnr2_label_atom_id           SG 
_struct_conn.pdbx_ptnr2_label_alt_id       ? 
_struct_conn.pdbx_ptnr2_PDB_ins_code       ? 
_struct_conn.ptnr1_auth_asym_id            A 
_struct_conn.ptnr1_auth_comp_id            CYS 
_struct_conn.ptnr1_auth_seq_id             23 
_struct_conn.ptnr2_auth_asym_id            A 
_struct_conn.ptnr2_auth_comp_id            CYS 
_struct_conn.ptnr2_auth_seq_id             88 
_struct_conn.ptnr2_symmetry                1_555 
_struct_conn.pdbx_ptnr3_label_atom_id      ? 
_struct_conn.pdbx_ptnr3_label_seq_id       ? 
_struct_conn.pdbx_ptnr3_label_comp_id      ? 
_struct_conn.pdbx_ptnr3_label_asym_id      ? 
_struct_conn.pdbx_ptnr3_label_alt_id       ? 
_struct_conn.pdbx_ptnr3_PDB_ins_code       ? 
_struct_conn.details                       ? 
_struct_conn.pdbx_dist_value               2.052 
_struct_conn.pdbx_value_order              ? 
_struct_conn.pdbx_role                     ? 
# 
_struct_conn_type.id          disulf 
_struct_conn_type.criteria    ? 
_struct_conn_type.reference   ? 
# 
_pdbx_modification_feature.ordinal                            1 
_pdbx_modification_feature.label_comp_id                      CYS 
_pdbx_modification_feature.label_asym_id                      A 
_pdbx_modification_feature.label_seq_id                       23 
_pdbx_modification_feature.label_alt_id                       ? 
_pdbx_modification_feature.modified_residue_label_comp_id     CYS 
_pdbx_modification_feature.modified_residue_label_asym_id     A 
_pdbx_modification_feature.modified_residue_label_seq_id      94 
_pdbx_modification_feature.modified_residue_label_alt_id      ? 
_pdbx_modification_feature.auth_comp_id                       CYS 
_pdbx_modification_feature.auth_asym_id                       A 
_pdbx_modification_feature.auth_seq_id                        23 
_pdbx_modification_feature.PDB_ins_code                       ? 
_pdbx_modification_feature.symmetry                           1_555 
_pdbx_modification_feature.modified_residue_auth_comp_id      CYS 
_pdbx_modification_feature.modified_residue_auth_asym_id      A 
_pdbx_modification_feature.modified_residue_auth_seq_id       88 
_pdbx_modification_feature.modified_residue_PDB_ins_code      ? 
_pdbx_modification_feature.modified_residue_symmetry          1_555 
_pdbx_modification_feature.comp_id_linking_atom               SG 
_pdbx_modification_feature.modified_residue_id_linking_atom   SG 
_pdbx_modification_feature.modified_residue_id                . 
_pdbx_modification_feature.ref_pcm_id                         . 
_pdbx_modification_feature.ref_comp_id                        . 
_pdbx_modification_feature.type                               None 
_pdbx_modification_feature.category                           'Disulfide bridge' 
# 
loop_
_struct_mon_prot_cis.pdbx_id 
_struct_mon_prot_cis.label_comp_id 
_struct_mon_prot_cis.label_seq_id 
_struct_mon_prot_cis.label_asym_id 
_struct_mon_prot_cis.label_alt_id 
_struct_mon_prot_cis.pdbx_PDB_ins_code 
_struct_mon_prot_cis.auth_comp_id 
_struct_mon_prot_cis.auth_seq_id 
_struct_mon_prot_cis.auth_asym_id 
_struct_mon_prot_cis.pdbx_label_comp_id_2 
_struct_mon_prot_cis.pdbx_label_seq_id_2 
_struct_mon_prot_cis.pdbx_label_asym_id_2 
_struct_mon_prot_cis.pdbx_PDB_ins_code_2 
_struct_mon_prot_cis.pdbx_auth_comp_id_2 
_struct_mon_prot_cis.pdbx_auth_seq_id_2 
_struct_mon_prot_cis.pdbx_auth_asym_id_2 
_struct_mon_prot_cis.pdbx_PDB_model_num 
_struct_mon_prot_cis.pdbx_omega_angle 
1 SER 7   A . ? SER 7  A PRO 8   A ? PRO 8  A 1 -7.05 
2 TYR 100 A . ? TYR 94 A PRO 101 A ? PRO 95 A 1 -5.75 
# 
loop_
_struct_sheet.id 
_struct_sheet.type 
_struct_sheet.number_strands 
_struct_sheet.details 
A ? 4 ? 
B ? 5 ? 
C ? 6 ? 
D ? 1 ? 
# 
loop_
_struct_sheet_order.sheet_id 
_struct_sheet_order.range_id_1 
_struct_sheet_order.range_id_2 
_struct_sheet_order.offset 
_struct_sheet_order.sense 
A 1 2 ? anti-parallel 
A 2 3 ? anti-parallel 
A 3 4 ? anti-parallel 
B 1 2 ? anti-parallel 
B 2 3 ? anti-parallel 
B 3 4 ? anti-parallel 
B 4 5 ? anti-parallel 
C 1 2 ? anti-parallel 
C 2 3 ? anti-parallel 
C 3 4 ? anti-parallel 
C 4 5 ? anti-parallel 
C 5 6 ? parallel      
# 
loop_
_struct_sheet_range.sheet_id 
_struct_sheet_range.id 
_struct_sheet_range.beg_label_comp_id 
_struct_sheet_range.beg_label_asym_id 
_struct_sheet_range.beg_label_seq_id 
_struct_sheet_range.pdbx_beg_PDB_ins_code 
_struct_sheet_range.end_label_comp_id 
_struct_sheet_range.end_label_asym_id 
_struct_sheet_range.end_label_seq_id 
_struct_sheet_range.pdbx_end_PDB_ins_code 
_struct_sheet_range.beg_auth_comp_id 
_struct_sheet_range.beg_auth_asym_id 
_struct_sheet_range.beg_auth_seq_id 
_struct_sheet_range.end_auth_comp_id 
_struct_sheet_range.end_auth_asym_id 
_struct_sheet_range.end_auth_seq_id 
A 1 MET A 4   ? SER A 7   ? MET A 4   SER A 7   
A 2 VAL A 19  ? SER A 25  ? VAL A 19  SER A 25  
A 3 ASP A 76  ? ILE A 81  ? ASP A 70  ILE A 75  
A 4 PHE A 68  ? SER A 73  ? PHE A 62  SER A 67  
B 1 THR A 59  ? ARG A 60  ? THR A 53  ARG A 54  
B 2 LYS A 51  ? TYR A 55  ? LYS A 45  TYR A 49  
B 3 LEU A 39  ? GLN A 44  ? LEU A 33  GLN A 38  
B 4 ALA A 90  ? ASN A 96  ? ALA A 84  ASN A 90  
B 5 THR A 103 ? PHE A 104 ? THR A 97  PHE A 98  
C 1 THR A 59  ? ARG A 60  ? THR A 53  ARG A 54  
C 2 LYS A 51  ? TYR A 55  ? LYS A 45  TYR A 49  
C 3 LEU A 39  ? GLN A 44  ? LEU A 33  GLN A 38  
C 4 ALA A 90  ? ASN A 96  ? ALA A 84  ASN A 90  
C 5 THR A 108 ? LEU A 112 ? THR A 102 LEU A 106 
C 6 SER A 10  ? VAL A 13  ? SER A 10  VAL A 13  
D 1 LEU A 30  ? ASN A 31  ? LEU A 30  ASN A 31  
# 
loop_
_pdbx_struct_sheet_hbond.sheet_id 
_pdbx_struct_sheet_hbond.range_id_1 
_pdbx_struct_sheet_hbond.range_id_2 
_pdbx_struct_sheet_hbond.range_1_label_atom_id 
_pdbx_struct_sheet_hbond.range_1_label_comp_id 
_pdbx_struct_sheet_hbond.range_1_label_asym_id 
_pdbx_struct_sheet_hbond.range_1_label_seq_id 
_pdbx_struct_sheet_hbond.range_1_PDB_ins_code 
_pdbx_struct_sheet_hbond.range_1_auth_atom_id 
_pdbx_struct_sheet_hbond.range_1_auth_comp_id 
_pdbx_struct_sheet_hbond.range_1_auth_asym_id 
_pdbx_struct_sheet_hbond.range_1_auth_seq_id 
_pdbx_struct_sheet_hbond.range_2_label_atom_id 
_pdbx_struct_sheet_hbond.range_2_label_comp_id 
_pdbx_struct_sheet_hbond.range_2_label_asym_id 
_pdbx_struct_sheet_hbond.range_2_label_seq_id 
_pdbx_struct_sheet_hbond.range_2_PDB_ins_code 
_pdbx_struct_sheet_hbond.range_2_auth_atom_id 
_pdbx_struct_sheet_hbond.range_2_auth_comp_id 
_pdbx_struct_sheet_hbond.range_2_auth_asym_id 
_pdbx_struct_sheet_hbond.range_2_auth_seq_id 
A 1 2 O SER A 7   ? O SER A 7   N SER A 22  ? N SER A 22  
A 2 3 O CYS A 23  ? O CYS A 23  N PHE A 77  ? N PHE A 71  
A 3 4 O THR A 80  ? O THR A 74  N THR A 69  ? N THR A 63  
B 1 2 N THR A 59  ? N THR A 53  O TYR A 55  ? O TYR A 49  
B 2 3 O ILE A 54  ? O ILE A 48  N TRP A 41  ? N TRP A 35  
B 3 4 N GLN A 44  ? N GLN A 38  O VAL A 91  ? O VAL A 85  
B 4 5 N ASN A 96  ? N ASN A 90  O THR A 103 ? O THR A 97  
C 1 2 N THR A 59  ? N THR A 53  O TYR A 55  ? O TYR A 49  
C 2 3 O ILE A 54  ? O ILE A 48  N TRP A 41  ? N TRP A 35  
C 3 4 N GLN A 44  ? N GLN A 38  O VAL A 91  ? O VAL A 85  
C 4 5 N TYR A 92  ? N TYR A 86  O THR A 108 ? O THR A 102 
C 5 6 N GLU A 111 ? N GLU A 105 O LEU A 11  ? O LEU A 11  
# 
loop_
_struct_site.id 
_struct_site.pdbx_evidence_code 
_struct_site.pdbx_auth_asym_id 
_struct_site.pdbx_auth_comp_id 
_struct_site.pdbx_auth_seq_id 
_struct_site.pdbx_auth_ins_code 
_struct_site.pdbx_num_residues 
_struct_site.details 
AC1 Software A SO4 319 ? 4 'BINDING SITE FOR RESIDUE SO4 A 319' 
AC2 Software A ACT 320 ? 4 'BINDING SITE FOR RESIDUE ACT A 320' 
# 
loop_
_struct_site_gen.id 
_struct_site_gen.site_id 
_struct_site_gen.pdbx_num_res 
_struct_site_gen.label_comp_id 
_struct_site_gen.label_asym_id 
_struct_site_gen.label_seq_id 
_struct_site_gen.pdbx_auth_ins_code 
_struct_site_gen.auth_comp_id 
_struct_site_gen.auth_asym_id 
_struct_site_gen.auth_seq_id 
_struct_site_gen.label_atom_id 
_struct_site_gen.label_alt_id 
_struct_site_gen.symmetry 
_struct_site_gen.details 
1 AC1 4 ARG A 60  ? ARG A 54  . ? 10_665 ? 
2 AC1 4 ARG A 60  ? ARG A 54  . ? 1_555  ? 
3 AC1 4 HOH D .   ? HOH A 414 . ? 1_555  ? 
4 AC1 4 HOH D .   ? HOH A 414 . ? 10_665 ? 
5 AC2 4 LEU A 39  ? LEU A 33  . ? 1_555  ? 
6 AC2 4 GLY A 56  ? GLY A 50  . ? 1_555  ? 
7 AC2 4 ASP A 97  ? ASP A 91  . ? 1_555  ? 
8 AC2 4 TYR A 100 ? TYR A 94  . ? 8_676  ? 
# 
_pdbx_entry_details.entry_id                   2IMM 
_pdbx_entry_details.compound_details           ? 
_pdbx_entry_details.source_details             ? 
_pdbx_entry_details.nonpolymer_details         ? 
_pdbx_entry_details.sequence_details           ? 
_pdbx_entry_details.has_ligand_of_interest     ? 
_pdbx_entry_details.has_protein_modification   Y 
# 
_pdbx_validate_symm_contact.id                1 
_pdbx_validate_symm_contact.PDB_model_num     1 
_pdbx_validate_symm_contact.auth_atom_id_1    NH1 
_pdbx_validate_symm_contact.auth_asym_id_1    A 
_pdbx_validate_symm_contact.auth_comp_id_1    ARG 
_pdbx_validate_symm_contact.auth_seq_id_1     54 
_pdbx_validate_symm_contact.PDB_ins_code_1    ? 
_pdbx_validate_symm_contact.label_alt_id_1    ? 
_pdbx_validate_symm_contact.site_symmetry_1   1_555 
_pdbx_validate_symm_contact.auth_atom_id_2    O4 
_pdbx_validate_symm_contact.auth_asym_id_2    A 
_pdbx_validate_symm_contact.auth_comp_id_2    SO4 
_pdbx_validate_symm_contact.auth_seq_id_2     319 
_pdbx_validate_symm_contact.PDB_ins_code_2    ? 
_pdbx_validate_symm_contact.label_alt_id_2    ? 
_pdbx_validate_symm_contact.site_symmetry_2   10_665 
_pdbx_validate_symm_contact.dist              1.88 
# 
loop_
_pdbx_validate_rmsd_angle.id 
_pdbx_validate_rmsd_angle.PDB_model_num 
_pdbx_validate_rmsd_angle.auth_atom_id_1 
_pdbx_validate_rmsd_angle.auth_asym_id_1 
_pdbx_validate_rmsd_angle.auth_comp_id_1 
_pdbx_validate_rmsd_angle.auth_seq_id_1 
_pdbx_validate_rmsd_angle.PDB_ins_code_1 
_pdbx_validate_rmsd_angle.label_alt_id_1 
_pdbx_validate_rmsd_angle.auth_atom_id_2 
_pdbx_validate_rmsd_angle.auth_asym_id_2 
_pdbx_validate_rmsd_angle.auth_comp_id_2 
_pdbx_validate_rmsd_angle.auth_seq_id_2 
_pdbx_validate_rmsd_angle.PDB_ins_code_2 
_pdbx_validate_rmsd_angle.label_alt_id_2 
_pdbx_validate_rmsd_angle.auth_atom_id_3 
_pdbx_validate_rmsd_angle.auth_asym_id_3 
_pdbx_validate_rmsd_angle.auth_comp_id_3 
_pdbx_validate_rmsd_angle.auth_seq_id_3 
_pdbx_validate_rmsd_angle.PDB_ins_code_3 
_pdbx_validate_rmsd_angle.label_alt_id_3 
_pdbx_validate_rmsd_angle.angle_value 
_pdbx_validate_rmsd_angle.angle_target_value 
_pdbx_validate_rmsd_angle.angle_deviation 
_pdbx_validate_rmsd_angle.angle_standard_deviation 
_pdbx_validate_rmsd_angle.linker_flag 
1 1 NE A ARG 18 ? ? CZ A ARG 18 ? ? NH2 A ARG 18 ? ? 116.58 120.30 -3.72 0.50 N 
2 1 NE A ARG 54 ? ? CZ A ARG 54 ? ? NH1 A ARG 54 ? ? 123.71 120.30 3.41  0.50 N 
3 1 NE A ARG 54 ? ? CZ A ARG 54 ? ? NH2 A ARG 54 ? ? 113.27 120.30 -7.03 0.50 N 
4 1 CB A ASP 60 ? ? CG A ASP 60 ? ? OD1 A ASP 60 ? ? 124.09 118.30 5.79  0.90 N 
# 
loop_
_pdbx_validate_torsion.id 
_pdbx_validate_torsion.PDB_model_num 
_pdbx_validate_torsion.auth_comp_id 
_pdbx_validate_torsion.auth_asym_id 
_pdbx_validate_torsion.auth_seq_id 
_pdbx_validate_torsion.PDB_ins_code 
_pdbx_validate_torsion.label_alt_id 
_pdbx_validate_torsion.phi 
_pdbx_validate_torsion.psi 
1 1 GLN A 31 D ? 37.54  44.96  
2 1 ALA A 51 ? ? 68.84  -33.43 
3 1 ALA A 84 ? ? 179.90 173.89 
# 
loop_
_pdbx_validate_main_chain_plane.id 
_pdbx_validate_main_chain_plane.PDB_model_num 
_pdbx_validate_main_chain_plane.auth_comp_id 
_pdbx_validate_main_chain_plane.auth_asym_id 
_pdbx_validate_main_chain_plane.auth_seq_id 
_pdbx_validate_main_chain_plane.PDB_ins_code 
_pdbx_validate_main_chain_plane.label_alt_id 
_pdbx_validate_main_chain_plane.improper_torsion_angle 
1 1 GLN A 6  ? ? -10.96 
2 1 ILE A 75 ? ? 10.01  
# 
_pdbx_struct_special_symmetry.id              1 
_pdbx_struct_special_symmetry.PDB_model_num   1 
_pdbx_struct_special_symmetry.auth_asym_id    A 
_pdbx_struct_special_symmetry.auth_comp_id    SO4 
_pdbx_struct_special_symmetry.auth_seq_id     319 
_pdbx_struct_special_symmetry.PDB_ins_code    ? 
_pdbx_struct_special_symmetry.label_asym_id   B 
_pdbx_struct_special_symmetry.label_comp_id   SO4 
_pdbx_struct_special_symmetry.label_seq_id    . 
# 
loop_
_chem_comp_atom.comp_id 
_chem_comp_atom.atom_id 
_chem_comp_atom.type_symbol 
_chem_comp_atom.pdbx_aromatic_flag 
_chem_comp_atom.pdbx_stereo_config 
_chem_comp_atom.pdbx_ordinal 
ACT C    C N N 1   
ACT O    O N N 2   
ACT OXT  O N N 3   
ACT CH3  C N N 4   
ACT H1   H N N 5   
ACT H2   H N N 6   
ACT H3   H N N 7   
ALA N    N N N 8   
ALA CA   C N S 9   
ALA C    C N N 10  
ALA O    O N N 11  
ALA CB   C N N 12  
ALA OXT  O N N 13  
ALA H    H N N 14  
ALA H2   H N N 15  
ALA HA   H N N 16  
ALA HB1  H N N 17  
ALA HB2  H N N 18  
ALA HB3  H N N 19  
ALA HXT  H N N 20  
ARG N    N N N 21  
ARG CA   C N S 22  
ARG C    C N N 23  
ARG O    O N N 24  
ARG CB   C N N 25  
ARG CG   C N N 26  
ARG CD   C N N 27  
ARG NE   N N N 28  
ARG CZ   C N N 29  
ARG NH1  N N N 30  
ARG NH2  N N N 31  
ARG OXT  O N N 32  
ARG H    H N N 33  
ARG H2   H N N 34  
ARG HA   H N N 35  
ARG HB2  H N N 36  
ARG HB3  H N N 37  
ARG HG2  H N N 38  
ARG HG3  H N N 39  
ARG HD2  H N N 40  
ARG HD3  H N N 41  
ARG HE   H N N 42  
ARG HH11 H N N 43  
ARG HH12 H N N 44  
ARG HH21 H N N 45  
ARG HH22 H N N 46  
ARG HXT  H N N 47  
ASN N    N N N 48  
ASN CA   C N S 49  
ASN C    C N N 50  
ASN O    O N N 51  
ASN CB   C N N 52  
ASN CG   C N N 53  
ASN OD1  O N N 54  
ASN ND2  N N N 55  
ASN OXT  O N N 56  
ASN H    H N N 57  
ASN H2   H N N 58  
ASN HA   H N N 59  
ASN HB2  H N N 60  
ASN HB3  H N N 61  
ASN HD21 H N N 62  
ASN HD22 H N N 63  
ASN HXT  H N N 64  
ASP N    N N N 65  
ASP CA   C N S 66  
ASP C    C N N 67  
ASP O    O N N 68  
ASP CB   C N N 69  
ASP CG   C N N 70  
ASP OD1  O N N 71  
ASP OD2  O N N 72  
ASP OXT  O N N 73  
ASP H    H N N 74  
ASP H2   H N N 75  
ASP HA   H N N 76  
ASP HB2  H N N 77  
ASP HB3  H N N 78  
ASP HD2  H N N 79  
ASP HXT  H N N 80  
CYS N    N N N 81  
CYS CA   C N R 82  
CYS C    C N N 83  
CYS O    O N N 84  
CYS CB   C N N 85  
CYS SG   S N N 86  
CYS OXT  O N N 87  
CYS H    H N N 88  
CYS H2   H N N 89  
CYS HA   H N N 90  
CYS HB2  H N N 91  
CYS HB3  H N N 92  
CYS HG   H N N 93  
CYS HXT  H N N 94  
GLN N    N N N 95  
GLN CA   C N S 96  
GLN C    C N N 97  
GLN O    O N N 98  
GLN CB   C N N 99  
GLN CG   C N N 100 
GLN CD   C N N 101 
GLN OE1  O N N 102 
GLN NE2  N N N 103 
GLN OXT  O N N 104 
GLN H    H N N 105 
GLN H2   H N N 106 
GLN HA   H N N 107 
GLN HB2  H N N 108 
GLN HB3  H N N 109 
GLN HG2  H N N 110 
GLN HG3  H N N 111 
GLN HE21 H N N 112 
GLN HE22 H N N 113 
GLN HXT  H N N 114 
GLU N    N N N 115 
GLU CA   C N S 116 
GLU C    C N N 117 
GLU O    O N N 118 
GLU CB   C N N 119 
GLU CG   C N N 120 
GLU CD   C N N 121 
GLU OE1  O N N 122 
GLU OE2  O N N 123 
GLU OXT  O N N 124 
GLU H    H N N 125 
GLU H2   H N N 126 
GLU HA   H N N 127 
GLU HB2  H N N 128 
GLU HB3  H N N 129 
GLU HG2  H N N 130 
GLU HG3  H N N 131 
GLU HE2  H N N 132 
GLU HXT  H N N 133 
GLY N    N N N 134 
GLY CA   C N N 135 
GLY C    C N N 136 
GLY O    O N N 137 
GLY OXT  O N N 138 
GLY H    H N N 139 
GLY H2   H N N 140 
GLY HA2  H N N 141 
GLY HA3  H N N 142 
GLY HXT  H N N 143 
HIS N    N N N 144 
HIS CA   C N S 145 
HIS C    C N N 146 
HIS O    O N N 147 
HIS CB   C N N 148 
HIS CG   C Y N 149 
HIS ND1  N Y N 150 
HIS CD2  C Y N 151 
HIS CE1  C Y N 152 
HIS NE2  N Y N 153 
HIS OXT  O N N 154 
HIS H    H N N 155 
HIS H2   H N N 156 
HIS HA   H N N 157 
HIS HB2  H N N 158 
HIS HB3  H N N 159 
HIS HD1  H N N 160 
HIS HD2  H N N 161 
HIS HE1  H N N 162 
HIS HE2  H N N 163 
HIS HXT  H N N 164 
HOH O    O N N 165 
HOH H1   H N N 166 
HOH H2   H N N 167 
ILE N    N N N 168 
ILE CA   C N S 169 
ILE C    C N N 170 
ILE O    O N N 171 
ILE CB   C N S 172 
ILE CG1  C N N 173 
ILE CG2  C N N 174 
ILE CD1  C N N 175 
ILE OXT  O N N 176 
ILE H    H N N 177 
ILE H2   H N N 178 
ILE HA   H N N 179 
ILE HB   H N N 180 
ILE HG12 H N N 181 
ILE HG13 H N N 182 
ILE HG21 H N N 183 
ILE HG22 H N N 184 
ILE HG23 H N N 185 
ILE HD11 H N N 186 
ILE HD12 H N N 187 
ILE HD13 H N N 188 
ILE HXT  H N N 189 
LEU N    N N N 190 
LEU CA   C N S 191 
LEU C    C N N 192 
LEU O    O N N 193 
LEU CB   C N N 194 
LEU CG   C N N 195 
LEU CD1  C N N 196 
LEU CD2  C N N 197 
LEU OXT  O N N 198 
LEU H    H N N 199 
LEU H2   H N N 200 
LEU HA   H N N 201 
LEU HB2  H N N 202 
LEU HB3  H N N 203 
LEU HG   H N N 204 
LEU HD11 H N N 205 
LEU HD12 H N N 206 
LEU HD13 H N N 207 
LEU HD21 H N N 208 
LEU HD22 H N N 209 
LEU HD23 H N N 210 
LEU HXT  H N N 211 
LYS N    N N N 212 
LYS CA   C N S 213 
LYS C    C N N 214 
LYS O    O N N 215 
LYS CB   C N N 216 
LYS CG   C N N 217 
LYS CD   C N N 218 
LYS CE   C N N 219 
LYS NZ   N N N 220 
LYS OXT  O N N 221 
LYS H    H N N 222 
LYS H2   H N N 223 
LYS HA   H N N 224 
LYS HB2  H N N 225 
LYS HB3  H N N 226 
LYS HG2  H N N 227 
LYS HG3  H N N 228 
LYS HD2  H N N 229 
LYS HD3  H N N 230 
LYS HE2  H N N 231 
LYS HE3  H N N 232 
LYS HZ1  H N N 233 
LYS HZ2  H N N 234 
LYS HZ3  H N N 235 
LYS HXT  H N N 236 
MET N    N N N 237 
MET CA   C N S 238 
MET C    C N N 239 
MET O    O N N 240 
MET CB   C N N 241 
MET CG   C N N 242 
MET SD   S N N 243 
MET CE   C N N 244 
MET OXT  O N N 245 
MET H    H N N 246 
MET H2   H N N 247 
MET HA   H N N 248 
MET HB2  H N N 249 
MET HB3  H N N 250 
MET HG2  H N N 251 
MET HG3  H N N 252 
MET HE1  H N N 253 
MET HE2  H N N 254 
MET HE3  H N N 255 
MET HXT  H N N 256 
PHE N    N N N 257 
PHE CA   C N S 258 
PHE C    C N N 259 
PHE O    O N N 260 
PHE CB   C N N 261 
PHE CG   C Y N 262 
PHE CD1  C Y N 263 
PHE CD2  C Y N 264 
PHE CE1  C Y N 265 
PHE CE2  C Y N 266 
PHE CZ   C Y N 267 
PHE OXT  O N N 268 
PHE H    H N N 269 
PHE H2   H N N 270 
PHE HA   H N N 271 
PHE HB2  H N N 272 
PHE HB3  H N N 273 
PHE HD1  H N N 274 
PHE HD2  H N N 275 
PHE HE1  H N N 276 
PHE HE2  H N N 277 
PHE HZ   H N N 278 
PHE HXT  H N N 279 
PRO N    N N N 280 
PRO CA   C N S 281 
PRO C    C N N 282 
PRO O    O N N 283 
PRO CB   C N N 284 
PRO CG   C N N 285 
PRO CD   C N N 286 
PRO OXT  O N N 287 
PRO H    H N N 288 
PRO HA   H N N 289 
PRO HB2  H N N 290 
PRO HB3  H N N 291 
PRO HG2  H N N 292 
PRO HG3  H N N 293 
PRO HD2  H N N 294 
PRO HD3  H N N 295 
PRO HXT  H N N 296 
SER N    N N N 297 
SER CA   C N S 298 
SER C    C N N 299 
SER O    O N N 300 
SER CB   C N N 301 
SER OG   O N N 302 
SER OXT  O N N 303 
SER H    H N N 304 
SER H2   H N N 305 
SER HA   H N N 306 
SER HB2  H N N 307 
SER HB3  H N N 308 
SER HG   H N N 309 
SER HXT  H N N 310 
SO4 S    S N N 311 
SO4 O1   O N N 312 
SO4 O2   O N N 313 
SO4 O3   O N N 314 
SO4 O4   O N N 315 
THR N    N N N 316 
THR CA   C N S 317 
THR C    C N N 318 
THR O    O N N 319 
THR CB   C N R 320 
THR OG1  O N N 321 
THR CG2  C N N 322 
THR OXT  O N N 323 
THR H    H N N 324 
THR H2   H N N 325 
THR HA   H N N 326 
THR HB   H N N 327 
THR HG1  H N N 328 
THR HG21 H N N 329 
THR HG22 H N N 330 
THR HG23 H N N 331 
THR HXT  H N N 332 
TRP N    N N N 333 
TRP CA   C N S 334 
TRP C    C N N 335 
TRP O    O N N 336 
TRP CB   C N N 337 
TRP CG   C Y N 338 
TRP CD1  C Y N 339 
TRP CD2  C Y N 340 
TRP NE1  N Y N 341 
TRP CE2  C Y N 342 
TRP CE3  C Y N 343 
TRP CZ2  C Y N 344 
TRP CZ3  C Y N 345 
TRP CH2  C Y N 346 
TRP OXT  O N N 347 
TRP H    H N N 348 
TRP H2   H N N 349 
TRP HA   H N N 350 
TRP HB2  H N N 351 
TRP HB3  H N N 352 
TRP HD1  H N N 353 
TRP HE1  H N N 354 
TRP HE3  H N N 355 
TRP HZ2  H N N 356 
TRP HZ3  H N N 357 
TRP HH2  H N N 358 
TRP HXT  H N N 359 
TYR N    N N N 360 
TYR CA   C N S 361 
TYR C    C N N 362 
TYR O    O N N 363 
TYR CB   C N N 364 
TYR CG   C Y N 365 
TYR CD1  C Y N 366 
TYR CD2  C Y N 367 
TYR CE1  C Y N 368 
TYR CE2  C Y N 369 
TYR CZ   C Y N 370 
TYR OH   O N N 371 
TYR OXT  O N N 372 
TYR H    H N N 373 
TYR H2   H N N 374 
TYR HA   H N N 375 
TYR HB2  H N N 376 
TYR HB3  H N N 377 
TYR HD1  H N N 378 
TYR HD2  H N N 379 
TYR HE1  H N N 380 
TYR HE2  H N N 381 
TYR HH   H N N 382 
TYR HXT  H N N 383 
VAL N    N N N 384 
VAL CA   C N S 385 
VAL C    C N N 386 
VAL O    O N N 387 
VAL CB   C N N 388 
VAL CG1  C N N 389 
VAL CG2  C N N 390 
VAL OXT  O N N 391 
VAL H    H N N 392 
VAL H2   H N N 393 
VAL HA   H N N 394 
VAL HB   H N N 395 
VAL HG11 H N N 396 
VAL HG12 H N N 397 
VAL HG13 H N N 398 
VAL HG21 H N N 399 
VAL HG22 H N N 400 
VAL HG23 H N N 401 
VAL HXT  H N N 402 
# 
loop_
_chem_comp_bond.comp_id 
_chem_comp_bond.atom_id_1 
_chem_comp_bond.atom_id_2 
_chem_comp_bond.value_order 
_chem_comp_bond.pdbx_aromatic_flag 
_chem_comp_bond.pdbx_stereo_config 
_chem_comp_bond.pdbx_ordinal 
ACT C   O    doub N N 1   
ACT C   OXT  sing N N 2   
ACT C   CH3  sing N N 3   
ACT CH3 H1   sing N N 4   
ACT CH3 H2   sing N N 5   
ACT CH3 H3   sing N N 6   
ALA N   CA   sing N N 7   
ALA N   H    sing N N 8   
ALA N   H2   sing N N 9   
ALA CA  C    sing N N 10  
ALA CA  CB   sing N N 11  
ALA CA  HA   sing N N 12  
ALA C   O    doub N N 13  
ALA C   OXT  sing N N 14  
ALA CB  HB1  sing N N 15  
ALA CB  HB2  sing N N 16  
ALA CB  HB3  sing N N 17  
ALA OXT HXT  sing N N 18  
ARG N   CA   sing N N 19  
ARG N   H    sing N N 20  
ARG N   H2   sing N N 21  
ARG CA  C    sing N N 22  
ARG CA  CB   sing N N 23  
ARG CA  HA   sing N N 24  
ARG C   O    doub N N 25  
ARG C   OXT  sing N N 26  
ARG CB  CG   sing N N 27  
ARG CB  HB2  sing N N 28  
ARG CB  HB3  sing N N 29  
ARG CG  CD   sing N N 30  
ARG CG  HG2  sing N N 31  
ARG CG  HG3  sing N N 32  
ARG CD  NE   sing N N 33  
ARG CD  HD2  sing N N 34  
ARG CD  HD3  sing N N 35  
ARG NE  CZ   sing N N 36  
ARG NE  HE   sing N N 37  
ARG CZ  NH1  sing N N 38  
ARG CZ  NH2  doub N N 39  
ARG NH1 HH11 sing N N 40  
ARG NH1 HH12 sing N N 41  
ARG NH2 HH21 sing N N 42  
ARG NH2 HH22 sing N N 43  
ARG OXT HXT  sing N N 44  
ASN N   CA   sing N N 45  
ASN N   H    sing N N 46  
ASN N   H2   sing N N 47  
ASN CA  C    sing N N 48  
ASN CA  CB   sing N N 49  
ASN CA  HA   sing N N 50  
ASN C   O    doub N N 51  
ASN C   OXT  sing N N 52  
ASN CB  CG   sing N N 53  
ASN CB  HB2  sing N N 54  
ASN CB  HB3  sing N N 55  
ASN CG  OD1  doub N N 56  
ASN CG  ND2  sing N N 57  
ASN ND2 HD21 sing N N 58  
ASN ND2 HD22 sing N N 59  
ASN OXT HXT  sing N N 60  
ASP N   CA   sing N N 61  
ASP N   H    sing N N 62  
ASP N   H2   sing N N 63  
ASP CA  C    sing N N 64  
ASP CA  CB   sing N N 65  
ASP CA  HA   sing N N 66  
ASP C   O    doub N N 67  
ASP C   OXT  sing N N 68  
ASP CB  CG   sing N N 69  
ASP CB  HB2  sing N N 70  
ASP CB  HB3  sing N N 71  
ASP CG  OD1  doub N N 72  
ASP CG  OD2  sing N N 73  
ASP OD2 HD2  sing N N 74  
ASP OXT HXT  sing N N 75  
CYS N   CA   sing N N 76  
CYS N   H    sing N N 77  
CYS N   H2   sing N N 78  
CYS CA  C    sing N N 79  
CYS CA  CB   sing N N 80  
CYS CA  HA   sing N N 81  
CYS C   O    doub N N 82  
CYS C   OXT  sing N N 83  
CYS CB  SG   sing N N 84  
CYS CB  HB2  sing N N 85  
CYS CB  HB3  sing N N 86  
CYS SG  HG   sing N N 87  
CYS OXT HXT  sing N N 88  
GLN N   CA   sing N N 89  
GLN N   H    sing N N 90  
GLN N   H2   sing N N 91  
GLN CA  C    sing N N 92  
GLN CA  CB   sing N N 93  
GLN CA  HA   sing N N 94  
GLN C   O    doub N N 95  
GLN C   OXT  sing N N 96  
GLN CB  CG   sing N N 97  
GLN CB  HB2  sing N N 98  
GLN CB  HB3  sing N N 99  
GLN CG  CD   sing N N 100 
GLN CG  HG2  sing N N 101 
GLN CG  HG3  sing N N 102 
GLN CD  OE1  doub N N 103 
GLN CD  NE2  sing N N 104 
GLN NE2 HE21 sing N N 105 
GLN NE2 HE22 sing N N 106 
GLN OXT HXT  sing N N 107 
GLU N   CA   sing N N 108 
GLU N   H    sing N N 109 
GLU N   H2   sing N N 110 
GLU CA  C    sing N N 111 
GLU CA  CB   sing N N 112 
GLU CA  HA   sing N N 113 
GLU C   O    doub N N 114 
GLU C   OXT  sing N N 115 
GLU CB  CG   sing N N 116 
GLU CB  HB2  sing N N 117 
GLU CB  HB3  sing N N 118 
GLU CG  CD   sing N N 119 
GLU CG  HG2  sing N N 120 
GLU CG  HG3  sing N N 121 
GLU CD  OE1  doub N N 122 
GLU CD  OE2  sing N N 123 
GLU OE2 HE2  sing N N 124 
GLU OXT HXT  sing N N 125 
GLY N   CA   sing N N 126 
GLY N   H    sing N N 127 
GLY N   H2   sing N N 128 
GLY CA  C    sing N N 129 
GLY CA  HA2  sing N N 130 
GLY CA  HA3  sing N N 131 
GLY C   O    doub N N 132 
GLY C   OXT  sing N N 133 
GLY OXT HXT  sing N N 134 
HIS N   CA   sing N N 135 
HIS N   H    sing N N 136 
HIS N   H2   sing N N 137 
HIS CA  C    sing N N 138 
HIS CA  CB   sing N N 139 
HIS CA  HA   sing N N 140 
HIS C   O    doub N N 141 
HIS C   OXT  sing N N 142 
HIS CB  CG   sing N N 143 
HIS CB  HB2  sing N N 144 
HIS CB  HB3  sing N N 145 
HIS CG  ND1  sing Y N 146 
HIS CG  CD2  doub Y N 147 
HIS ND1 CE1  doub Y N 148 
HIS ND1 HD1  sing N N 149 
HIS CD2 NE2  sing Y N 150 
HIS CD2 HD2  sing N N 151 
HIS CE1 NE2  sing Y N 152 
HIS CE1 HE1  sing N N 153 
HIS NE2 HE2  sing N N 154 
HIS OXT HXT  sing N N 155 
HOH O   H1   sing N N 156 
HOH O   H2   sing N N 157 
ILE N   CA   sing N N 158 
ILE N   H    sing N N 159 
ILE N   H2   sing N N 160 
ILE CA  C    sing N N 161 
ILE CA  CB   sing N N 162 
ILE CA  HA   sing N N 163 
ILE C   O    doub N N 164 
ILE C   OXT  sing N N 165 
ILE CB  CG1  sing N N 166 
ILE CB  CG2  sing N N 167 
ILE CB  HB   sing N N 168 
ILE CG1 CD1  sing N N 169 
ILE CG1 HG12 sing N N 170 
ILE CG1 HG13 sing N N 171 
ILE CG2 HG21 sing N N 172 
ILE CG2 HG22 sing N N 173 
ILE CG2 HG23 sing N N 174 
ILE CD1 HD11 sing N N 175 
ILE CD1 HD12 sing N N 176 
ILE CD1 HD13 sing N N 177 
ILE OXT HXT  sing N N 178 
LEU N   CA   sing N N 179 
LEU N   H    sing N N 180 
LEU N   H2   sing N N 181 
LEU CA  C    sing N N 182 
LEU CA  CB   sing N N 183 
LEU CA  HA   sing N N 184 
LEU C   O    doub N N 185 
LEU C   OXT  sing N N 186 
LEU CB  CG   sing N N 187 
LEU CB  HB2  sing N N 188 
LEU CB  HB3  sing N N 189 
LEU CG  CD1  sing N N 190 
LEU CG  CD2  sing N N 191 
LEU CG  HG   sing N N 192 
LEU CD1 HD11 sing N N 193 
LEU CD1 HD12 sing N N 194 
LEU CD1 HD13 sing N N 195 
LEU CD2 HD21 sing N N 196 
LEU CD2 HD22 sing N N 197 
LEU CD2 HD23 sing N N 198 
LEU OXT HXT  sing N N 199 
LYS N   CA   sing N N 200 
LYS N   H    sing N N 201 
LYS N   H2   sing N N 202 
LYS CA  C    sing N N 203 
LYS CA  CB   sing N N 204 
LYS CA  HA   sing N N 205 
LYS C   O    doub N N 206 
LYS C   OXT  sing N N 207 
LYS CB  CG   sing N N 208 
LYS CB  HB2  sing N N 209 
LYS CB  HB3  sing N N 210 
LYS CG  CD   sing N N 211 
LYS CG  HG2  sing N N 212 
LYS CG  HG3  sing N N 213 
LYS CD  CE   sing N N 214 
LYS CD  HD2  sing N N 215 
LYS CD  HD3  sing N N 216 
LYS CE  NZ   sing N N 217 
LYS CE  HE2  sing N N 218 
LYS CE  HE3  sing N N 219 
LYS NZ  HZ1  sing N N 220 
LYS NZ  HZ2  sing N N 221 
LYS NZ  HZ3  sing N N 222 
LYS OXT HXT  sing N N 223 
MET N   CA   sing N N 224 
MET N   H    sing N N 225 
MET N   H2   sing N N 226 
MET CA  C    sing N N 227 
MET CA  CB   sing N N 228 
MET CA  HA   sing N N 229 
MET C   O    doub N N 230 
MET C   OXT  sing N N 231 
MET CB  CG   sing N N 232 
MET CB  HB2  sing N N 233 
MET CB  HB3  sing N N 234 
MET CG  SD   sing N N 235 
MET CG  HG2  sing N N 236 
MET CG  HG3  sing N N 237 
MET SD  CE   sing N N 238 
MET CE  HE1  sing N N 239 
MET CE  HE2  sing N N 240 
MET CE  HE3  sing N N 241 
MET OXT HXT  sing N N 242 
PHE N   CA   sing N N 243 
PHE N   H    sing N N 244 
PHE N   H2   sing N N 245 
PHE CA  C    sing N N 246 
PHE CA  CB   sing N N 247 
PHE CA  HA   sing N N 248 
PHE C   O    doub N N 249 
PHE C   OXT  sing N N 250 
PHE CB  CG   sing N N 251 
PHE CB  HB2  sing N N 252 
PHE CB  HB3  sing N N 253 
PHE CG  CD1  doub Y N 254 
PHE CG  CD2  sing Y N 255 
PHE CD1 CE1  sing Y N 256 
PHE CD1 HD1  sing N N 257 
PHE CD2 CE2  doub Y N 258 
PHE CD2 HD2  sing N N 259 
PHE CE1 CZ   doub Y N 260 
PHE CE1 HE1  sing N N 261 
PHE CE2 CZ   sing Y N 262 
PHE CE2 HE2  sing N N 263 
PHE CZ  HZ   sing N N 264 
PHE OXT HXT  sing N N 265 
PRO N   CA   sing N N 266 
PRO N   CD   sing N N 267 
PRO N   H    sing N N 268 
PRO CA  C    sing N N 269 
PRO CA  CB   sing N N 270 
PRO CA  HA   sing N N 271 
PRO C   O    doub N N 272 
PRO C   OXT  sing N N 273 
PRO CB  CG   sing N N 274 
PRO CB  HB2  sing N N 275 
PRO CB  HB3  sing N N 276 
PRO CG  CD   sing N N 277 
PRO CG  HG2  sing N N 278 
PRO CG  HG3  sing N N 279 
PRO CD  HD2  sing N N 280 
PRO CD  HD3  sing N N 281 
PRO OXT HXT  sing N N 282 
SER N   CA   sing N N 283 
SER N   H    sing N N 284 
SER N   H2   sing N N 285 
SER CA  C    sing N N 286 
SER CA  CB   sing N N 287 
SER CA  HA   sing N N 288 
SER C   O    doub N N 289 
SER C   OXT  sing N N 290 
SER CB  OG   sing N N 291 
SER CB  HB2  sing N N 292 
SER CB  HB3  sing N N 293 
SER OG  HG   sing N N 294 
SER OXT HXT  sing N N 295 
SO4 S   O1   doub N N 296 
SO4 S   O2   doub N N 297 
SO4 S   O3   sing N N 298 
SO4 S   O4   sing N N 299 
THR N   CA   sing N N 300 
THR N   H    sing N N 301 
THR N   H2   sing N N 302 
THR CA  C    sing N N 303 
THR CA  CB   sing N N 304 
THR CA  HA   sing N N 305 
THR C   O    doub N N 306 
THR C   OXT  sing N N 307 
THR CB  OG1  sing N N 308 
THR CB  CG2  sing N N 309 
THR CB  HB   sing N N 310 
THR OG1 HG1  sing N N 311 
THR CG2 HG21 sing N N 312 
THR CG2 HG22 sing N N 313 
THR CG2 HG23 sing N N 314 
THR OXT HXT  sing N N 315 
TRP N   CA   sing N N 316 
TRP N   H    sing N N 317 
TRP N   H2   sing N N 318 
TRP CA  C    sing N N 319 
TRP CA  CB   sing N N 320 
TRP CA  HA   sing N N 321 
TRP C   O    doub N N 322 
TRP C   OXT  sing N N 323 
TRP CB  CG   sing N N 324 
TRP CB  HB2  sing N N 325 
TRP CB  HB3  sing N N 326 
TRP CG  CD1  doub Y N 327 
TRP CG  CD2  sing Y N 328 
TRP CD1 NE1  sing Y N 329 
TRP CD1 HD1  sing N N 330 
TRP CD2 CE2  doub Y N 331 
TRP CD2 CE3  sing Y N 332 
TRP NE1 CE2  sing Y N 333 
TRP NE1 HE1  sing N N 334 
TRP CE2 CZ2  sing Y N 335 
TRP CE3 CZ3  doub Y N 336 
TRP CE3 HE3  sing N N 337 
TRP CZ2 CH2  doub Y N 338 
TRP CZ2 HZ2  sing N N 339 
TRP CZ3 CH2  sing Y N 340 
TRP CZ3 HZ3  sing N N 341 
TRP CH2 HH2  sing N N 342 
TRP OXT HXT  sing N N 343 
TYR N   CA   sing N N 344 
TYR N   H    sing N N 345 
TYR N   H2   sing N N 346 
TYR CA  C    sing N N 347 
TYR CA  CB   sing N N 348 
TYR CA  HA   sing N N 349 
TYR C   O    doub N N 350 
TYR C   OXT  sing N N 351 
TYR CB  CG   sing N N 352 
TYR CB  HB2  sing N N 353 
TYR CB  HB3  sing N N 354 
TYR CG  CD1  doub Y N 355 
TYR CG  CD2  sing Y N 356 
TYR CD1 CE1  sing Y N 357 
TYR CD1 HD1  sing N N 358 
TYR CD2 CE2  doub Y N 359 
TYR CD2 HD2  sing N N 360 
TYR CE1 CZ   doub Y N 361 
TYR CE1 HE1  sing N N 362 
TYR CE2 CZ   sing Y N 363 
TYR CE2 HE2  sing N N 364 
TYR CZ  OH   sing N N 365 
TYR OH  HH   sing N N 366 
TYR OXT HXT  sing N N 367 
VAL N   CA   sing N N 368 
VAL N   H    sing N N 369 
VAL N   H2   sing N N 370 
VAL CA  C    sing N N 371 
VAL CA  CB   sing N N 372 
VAL CA  HA   sing N N 373 
VAL C   O    doub N N 374 
VAL C   OXT  sing N N 375 
VAL CB  CG1  sing N N 376 
VAL CB  CG2  sing N N 377 
VAL CB  HB   sing N N 378 
VAL CG1 HG11 sing N N 379 
VAL CG1 HG12 sing N N 380 
VAL CG1 HG13 sing N N 381 
VAL CG2 HG21 sing N N 382 
VAL CG2 HG22 sing N N 383 
VAL CG2 HG23 sing N N 384 
VAL OXT HXT  sing N N 385 
# 
_atom_sites.entry_id                    2IMM 
_atom_sites.fract_transf_matrix[1][1]   0.00229223 
_atom_sites.fract_transf_matrix[1][2]   -0.01303688 
_atom_sites.fract_transf_matrix[1][3]   -0.00173141 
_atom_sites.fract_transf_matrix[2][1]   -0.00979021 
_atom_sites.fract_transf_matrix[2][2]   -0.00883262 
_atom_sites.fract_transf_matrix[2][3]   0.00208143 
_atom_sites.fract_transf_matrix[3][1]   -0.00368535 
_atom_sites.fract_transf_matrix[3][2]   0.00105794 
_atom_sites.fract_transf_matrix[3][3]   -0.01284496 
_atom_sites.fract_transf_vector[1]      0.432177 
_atom_sites.fract_transf_vector[2]      0.845112 
_atom_sites.fract_transf_vector[3]      0.522420 
# 
loop_
_atom_sites_footnote.id 
_atom_sites_footnote.text 
1 'RESIDUES PRO 8 AND PRO 95 ARE CIS-PROLINES.'                                    
2 'RESIDUES LYS 103 AND ARG 108 ARE PARTIALLY DISORDERED IN THE ELECTRON DENSITY.' 
# 
loop_
_atom_type.symbol 
C 
N 
O 
S 
# 
loop_
_atom_site.group_PDB 
_atom_site.id 
_atom_site.type_symbol 
_atom_site.label_atom_id 
_atom_site.label_alt_id 
_atom_site.label_comp_id 
_atom_site.label_asym_id 
_atom_site.label_entity_id 
_atom_site.label_seq_id 
_atom_site.pdbx_PDB_ins_code 
_atom_site.Cartn_x 
_atom_site.Cartn_y 
_atom_site.Cartn_z 
_atom_site.occupancy 
_atom_site.B_iso_or_equiv 
_atom_site.pdbx_formal_charge 
_atom_site.auth_seq_id 
_atom_site.auth_comp_id 
_atom_site.auth_asym_id 
_atom_site.auth_atom_id 
_atom_site.pdbx_PDB_model_num 
ATOM   1   N N   . ASP A 1 1   ? -17.534 -1.796  -10.340 1.00 36.34 ? 1   ASP A N   1 
ATOM   2   C CA  . ASP A 1 1   ? -16.507 -1.899  -9.292  1.00 44.94 ? 1   ASP A CA  1 
ATOM   3   C C   . ASP A 1 1   ? -15.277 -1.037  -9.605  1.00 32.28 ? 1   ASP A C   1 
ATOM   4   O O   . ASP A 1 1   ? -14.868 -0.928  -10.768 1.00 19.32 ? 1   ASP A O   1 
ATOM   5   C CB  . ASP A 1 1   ? -15.971 -3.337  -9.185  1.00 22.37 ? 1   ASP A CB  1 
ATOM   6   C CG  . ASP A 1 1   ? -17.015 -4.352  -8.776  1.00 55.64 ? 1   ASP A CG  1 
ATOM   7   O OD1 . ASP A 1 1   ? -18.199 -4.032  -8.681  1.00 50.39 ? 1   ASP A OD1 1 
ATOM   8   O OD2 . ASP A 1 1   ? -16.647 -5.510  -8.564  1.00 56.79 ? 1   ASP A OD2 1 
ATOM   9   N N   . ILE A 1 2   ? -14.614 -0.625  -8.541  1.00 14.86 ? 2   ILE A N   1 
ATOM   10  C CA  . ILE A 1 2   ? -13.336 0.064   -8.689  1.00 6.59  ? 2   ILE A CA  1 
ATOM   11  C C   . ILE A 1 2   ? -12.159 -0.908  -8.838  1.00 22.39 ? 2   ILE A C   1 
ATOM   12  O O   . ILE A 1 2   ? -11.999 -1.784  -8.006  1.00 12.71 ? 2   ILE A O   1 
ATOM   13  C CB  . ILE A 1 2   ? -13.199 1.025   -7.530  1.00 8.89  ? 2   ILE A CB  1 
ATOM   14  C CG1 . ILE A 1 2   ? -14.420 1.973   -7.545  1.00 3.84  ? 2   ILE A CG1 1 
ATOM   15  C CG2 . ILE A 1 2   ? -11.854 1.770   -7.594  1.00 9.44  ? 2   ILE A CG2 1 
ATOM   16  C CD1 . ILE A 1 2   ? -14.369 2.964   -6.359  1.00 5.63  ? 2   ILE A CD1 1 
ATOM   17  N N   . VAL A 1 3   ? -11.444 -0.845  -9.954  1.00 6.36  ? 3   VAL A N   1 
ATOM   18  C CA  . VAL A 1 3   ? -10.243 -1.717  -10.155 1.00 3.90  ? 3   VAL A CA  1 
ATOM   19  C C   . VAL A 1 3   ? -9.007  -0.999  -9.669  1.00 5.78  ? 3   VAL A C   1 
ATOM   20  O O   . VAL A 1 3   ? -8.896  0.219   -9.907  1.00 6.61  ? 3   VAL A O   1 
ATOM   21  C CB  . VAL A 1 3   ? -10.090 -1.915  -11.674 1.00 8.06  ? 3   VAL A CB  1 
ATOM   22  C CG1 . VAL A 1 3   ? -8.881  -2.831  -11.978 1.00 9.65  ? 3   VAL A CG1 1 
ATOM   23  C CG2 . VAL A 1 3   ? -11.423 -2.601  -12.100 1.00 20.48 ? 3   VAL A CG2 1 
ATOM   24  N N   . MET A 1 4   ? -8.246  -1.707  -8.799  1.00 3.01  ? 4   MET A N   1 
ATOM   25  C CA  . MET A 1 4   ? -7.027  -1.129  -8.252  1.00 3.00  ? 4   MET A CA  1 
ATOM   26  C C   . MET A 1 4   ? -5.911  -1.867  -8.986  1.00 9.93  ? 4   MET A C   1 
ATOM   27  O O   . MET A 1 4   ? -5.874  -3.097  -8.999  1.00 6.68  ? 4   MET A O   1 
ATOM   28  C CB  . MET A 1 4   ? -6.948  -1.461  -6.749  1.00 3.72  ? 4   MET A CB  1 
ATOM   29  C CG  . MET A 1 4   ? -8.248  -1.060  -6.013  1.00 5.20  ? 4   MET A CG  1 
ATOM   30  S SD  . MET A 1 4   ? -8.496  0.725   -5.945  1.00 8.23  ? 4   MET A SD  1 
ATOM   31  C CE  . MET A 1 4   ? -7.119  1.105   -4.868  1.00 10.38 ? 4   MET A CE  1 
ATOM   32  N N   . THR A 1 5   ? -5.110  -1.130  -9.686  1.00 5.52  ? 5   THR A N   1 
ATOM   33  C CA  . THR A 1 5   ? -3.938  -1.669  -10.411 1.00 3.00  ? 5   THR A CA  1 
ATOM   34  C C   . THR A 1 5   ? -2.624  -1.412  -9.689  1.00 7.31  ? 5   THR A C   1 
ATOM   35  O O   . THR A 1 5   ? -2.229  -0.245  -9.532  1.00 4.37  ? 5   THR A O   1 
ATOM   36  C CB  . THR A 1 5   ? -3.886  -0.987  -11.805 1.00 12.73 ? 5   THR A CB  1 
ATOM   37  O OG1 . THR A 1 5   ? -5.117  -1.329  -12.425 1.00 9.22  ? 5   THR A OG1 1 
ATOM   38  C CG2 . THR A 1 5   ? -2.717  -1.553  -12.663 1.00 3.00  ? 5   THR A CG2 1 
ATOM   39  N N   . GLN A 1 6   ? -2.040  -2.489  -9.202  1.00 3.00  ? 6   GLN A N   1 
ATOM   40  C CA  . GLN A 1 6   ? -0.787  -2.429  -8.493  1.00 4.47  ? 6   GLN A CA  1 
ATOM   41  C C   . GLN A 1 6   ? 0.393   -2.742  -9.391  1.00 8.99  ? 6   GLN A C   1 
ATOM   42  O O   . GLN A 1 6   ? 0.395   -3.789  -10.004 1.00 4.69  ? 6   GLN A O   1 
ATOM   43  C CB  . GLN A 1 6   ? -0.768  -3.308  -7.242  1.00 3.00  ? 6   GLN A CB  1 
ATOM   44  C CG  . GLN A 1 6   ? -1.593  -2.612  -6.156  1.00 3.00  ? 6   GLN A CG  1 
ATOM   45  C CD  . GLN A 1 6   ? -1.404  -3.352  -4.840  1.00 7.56  ? 6   GLN A CD  1 
ATOM   46  O OE1 . GLN A 1 6   ? -2.329  -4.060  -4.455  1.00 12.26 ? 6   GLN A OE1 1 
ATOM   47  N NE2 . GLN A 1 6   ? -0.226  -3.227  -4.190  1.00 6.27  ? 6   GLN A NE2 1 
ATOM   48  N N   . SER A 1 7   ? 1.498   -2.074  -9.132  1.00 7.19  ? 7   SER A N   1 
ATOM   49  C CA  . SER A 1 7   ? 2.772   -2.437  -9.783  1.00 6.18  ? 7   SER A CA  1 
ATOM   50  C C   . SER A 1 7   ? 3.970   -1.970  -8.932  1.00 19.17 ? 7   SER A C   1 
ATOM   51  O O   . SER A 1 7   ? 3.796   -1.097  -8.099  1.00 10.51 ? 7   SER A O   1 
ATOM   52  C CB  . SER A 1 7   ? 2.816   -1.827  -11.222 1.00 5.67  ? 7   SER A CB  1 
ATOM   53  O OG  . SER A 1 7   ? 2.751   -0.387  -11.189 1.00 5.29  ? 7   SER A OG  1 
ATOM   54  N N   . PRO A 1 8   ? 5.121   -2.615  -9.040  1.00 5.48  ? 8   PRO A N   1 
ATOM   55  C CA  . PRO A 1 8   ? 5.263   -3.886  -9.847  1.00 10.31 ? 8   PRO A CA  1 
ATOM   56  C C   . PRO A 1 8   ? 4.606   -5.067  -9.120  1.00 3.00  ? 8   PRO A C   1 
ATOM   57  O O   . PRO A 1 8   ? 4.151   -4.898  -7.983  1.00 5.31  ? 8   PRO A O   1 
ATOM   58  C CB  . PRO A 1 8   ? 6.806   -4.010  -9.904  1.00 6.80  ? 8   PRO A CB  1 
ATOM   59  C CG  . PRO A 1 8   ? 7.230   -3.483  -8.560  1.00 8.83  ? 8   PRO A CG  1 
ATOM   60  C CD  . PRO A 1 8   ? 6.364   -2.251  -8.370  1.00 5.94  ? 8   PRO A CD  1 
ATOM   61  N N   . SER A 1 9   ? 4.490   -6.194  -9.763  1.00 3.00  ? 9   SER A N   1 
ATOM   62  C CA  . SER A 1 9   ? 3.919   -7.384  -9.087  1.00 7.04  ? 9   SER A CA  1 
ATOM   63  C C   . SER A 1 9   ? 4.869   -8.039  -8.075  1.00 20.75 ? 9   SER A C   1 
ATOM   64  O O   . SER A 1 9   ? 4.406   -8.533  -7.052  1.00 9.38  ? 9   SER A O   1 
ATOM   65  C CB  . SER A 1 9   ? 3.561   -8.527  -10.117 1.00 5.89  ? 9   SER A CB  1 
ATOM   66  O OG  . SER A 1 9   ? 2.696   -7.942  -11.082 1.00 37.67 ? 9   SER A OG  1 
ATOM   67  N N   . SER A 1 10  ? 6.182   -7.965  -8.287  1.00 6.25  ? 10  SER A N   1 
ATOM   68  C CA  . SER A 1 10  ? 7.143   -8.393  -7.300  1.00 12.33 ? 10  SER A CA  1 
ATOM   69  C C   . SER A 1 10  ? 8.454   -7.629  -7.495  1.00 10.30 ? 10  SER A C   1 
ATOM   70  O O   . SER A 1 10  ? 8.706   -7.052  -8.555  1.00 5.77  ? 10  SER A O   1 
ATOM   71  C CB  . SER A 1 10  ? 7.438   -9.931  -7.345  1.00 5.39  ? 10  SER A CB  1 
ATOM   72  O OG  . SER A 1 10  ? 8.055   -10.208 -8.593  1.00 19.56 ? 10  SER A OG  1 
ATOM   73  N N   . LEU A 1 11  ? 9.184   -7.550  -6.430  1.00 5.52  ? 11  LEU A N   1 
ATOM   74  C CA  . LEU A 1 11  ? 10.515  -6.904  -6.525  1.00 10.19 ? 11  LEU A CA  1 
ATOM   75  C C   . LEU A 1 11  ? 11.483  -7.521  -5.513  1.00 12.67 ? 11  LEU A C   1 
ATOM   76  O O   . LEU A 1 11  ? 11.058  -8.098  -4.516  1.00 10.67 ? 11  LEU A O   1 
ATOM   77  C CB  . LEU A 1 11  ? 10.376  -5.393  -6.307  1.00 17.10 ? 11  LEU A CB  1 
ATOM   78  C CG  . LEU A 1 11  ? 9.700   -4.967  -4.999  1.00 4.79  ? 11  LEU A CG  1 
ATOM   79  C CD1 . LEU A 1 11  ? 10.753  -4.907  -3.864  1.00 21.61 ? 11  LEU A CD1 1 
ATOM   80  C CD2 . LEU A 1 11  ? 9.248   -3.518  -5.183  1.00 5.54  ? 11  LEU A CD2 1 
ATOM   81  N N   . SER A 1 12  ? 12.760  -7.436  -5.798  1.00 6.53  ? 12  SER A N   1 
ATOM   82  C CA  . SER A 1 12  ? 13.742  -8.018  -4.875  1.00 3.58  ? 12  SER A CA  1 
ATOM   83  C C   . SER A 1 12  ? 14.758  -6.952  -4.489  1.00 6.31  ? 12  SER A C   1 
ATOM   84  O O   . SER A 1 12  ? 15.138  -6.129  -5.338  1.00 9.94  ? 12  SER A O   1 
ATOM   85  C CB  . SER A 1 12  ? 14.442  -9.191  -5.634  1.00 3.00  ? 12  SER A CB  1 
ATOM   86  O OG  . SER A 1 12  ? 15.566  -9.471  -4.817  1.00 55.92 ? 12  SER A OG  1 
ATOM   87  N N   . VAL A 1 13  ? 14.988  -6.803  -3.185  1.00 4.18  ? 13  VAL A N   1 
ATOM   88  C CA  . VAL A 1 13  ? 15.800  -5.632  -2.788  1.00 3.60  ? 13  VAL A CA  1 
ATOM   89  C C   . VAL A 1 13  ? 16.723  -6.030  -1.644  1.00 12.73 ? 13  VAL A C   1 
ATOM   90  O O   . VAL A 1 13  ? 16.376  -6.976  -0.939  1.00 6.78  ? 13  VAL A O   1 
ATOM   91  C CB  . VAL A 1 13  ? 14.819  -4.535  -2.372  1.00 3.00  ? 13  VAL A CB  1 
ATOM   92  C CG1 . VAL A 1 13  ? 13.946  -5.073  -1.235  1.00 7.66  ? 13  VAL A CG1 1 
ATOM   93  C CG2 . VAL A 1 13  ? 15.528  -3.195  -2.002  1.00 5.08  ? 13  VAL A CG2 1 
ATOM   94  N N   . SER A 1 14  ? 17.858  -5.355  -1.448  1.00 7.51  ? 14  SER A N   1 
ATOM   95  C CA  . SER A 1 14  ? 18.763  -5.706  -0.282  1.00 15.28 ? 14  SER A CA  1 
ATOM   96  C C   . SER A 1 14  ? 18.379  -4.851  0.902   1.00 8.46  ? 14  SER A C   1 
ATOM   97  O O   . SER A 1 14  ? 17.883  -3.749  0.676   1.00 10.51 ? 14  SER A O   1 
ATOM   98  C CB  . SER A 1 14  ? 20.249  -5.329  -0.566  1.00 12.05 ? 14  SER A CB  1 
ATOM   99  O OG  . SER A 1 14  ? 20.559  -5.906  -1.830  1.00 38.47 ? 14  SER A OG  1 
ATOM   100 N N   . ALA A 1 15  ? 18.667  -5.347  2.098   1.00 6.77  ? 15  ALA A N   1 
ATOM   101 C CA  . ALA A 1 15  ? 18.302  -4.634  3.329   1.00 6.69  ? 15  ALA A CA  1 
ATOM   102 C C   . ALA A 1 15  ? 18.858  -3.201  3.375   1.00 16.14 ? 15  ALA A C   1 
ATOM   103 O O   . ALA A 1 15  ? 20.011  -2.940  3.009   1.00 9.68  ? 15  ALA A O   1 
ATOM   104 C CB  . ALA A 1 15  ? 18.825  -5.450  4.524   1.00 9.67  ? 15  ALA A CB  1 
ATOM   105 N N   . GLY A 1 16  ? 18.060  -2.301  3.913   1.00 3.92  ? 16  GLY A N   1 
ATOM   106 C CA  . GLY A 1 16  ? 18.484  -0.899  4.161   1.00 3.00  ? 16  GLY A CA  1 
ATOM   107 C C   . GLY A 1 16  ? 18.252  -0.001  2.956   1.00 5.60  ? 16  GLY A C   1 
ATOM   108 O O   . GLY A 1 16  ? 18.504  1.209   3.052   1.00 7.03  ? 16  GLY A O   1 
ATOM   109 N N   . GLU A 1 17  ? 17.748  -0.587  1.860   1.00 3.00  ? 17  GLU A N   1 
ATOM   110 C CA  . GLU A 1 17  ? 17.511  0.229   0.628   1.00 3.00  ? 17  GLU A CA  1 
ATOM   111 C C   . GLU A 1 17  ? 16.058  0.599   0.365   1.00 14.55 ? 17  GLU A C   1 
ATOM   112 O O   . GLU A 1 17  ? 15.194  0.123   1.080   1.00 13.31 ? 17  GLU A O   1 
ATOM   113 C CB  . GLU A 1 17  ? 18.003  -0.504  -0.601  1.00 3.00  ? 17  GLU A CB  1 
ATOM   114 C CG  . GLU A 1 17  ? 19.532  -0.639  -0.372  1.00 7.49  ? 17  GLU A CG  1 
ATOM   115 C CD  . GLU A 1 17  ? 20.158  -1.380  -1.542  1.00 24.96 ? 17  GLU A CD  1 
ATOM   116 O OE1 . GLU A 1 17  ? 19.452  -1.683  -2.494  1.00 23.52 ? 17  GLU A OE1 1 
ATOM   117 O OE2 . GLU A 1 17  ? 21.353  -1.688  -1.529  1.00 19.67 ? 17  GLU A OE2 1 
ATOM   118 N N   . ARG A 1 18  ? 15.867  1.579   -0.497  1.00 11.10 ? 18  ARG A N   1 
ATOM   119 C CA  . ARG A 1 18  ? 14.508  2.194   -0.720  1.00 7.30  ? 18  ARG A CA  1 
ATOM   120 C C   . ARG A 1 18  ? 13.702  1.475   -1.832  1.00 9.61  ? 18  ARG A C   1 
ATOM   121 O O   . ARG A 1 18  ? 14.224  1.094   -2.885  1.00 10.86 ? 18  ARG A O   1 
ATOM   122 C CB  . ARG A 1 18  ? 14.673  3.720   -0.964  1.00 4.73  ? 18  ARG A CB  1 
ATOM   123 C CG  . ARG A 1 18  ? 13.514  4.374   -1.743  1.00 10.55 ? 18  ARG A CG  1 
ATOM   124 C CD  . ARG A 1 18  ? 13.876  5.851   -2.146  1.00 14.91 ? 18  ARG A CD  1 
ATOM   125 N NE  . ARG A 1 18  ? 13.949  6.520   -0.890  1.00 42.73 ? 18  ARG A NE  1 
ATOM   126 C CZ  . ARG A 1 18  ? 12.981  7.307   -0.501  1.00 46.71 ? 18  ARG A CZ  1 
ATOM   127 N NH1 . ARG A 1 18  ? 11.997  7.612   -1.347  1.00 29.35 ? 18  ARG A NH1 1 
ATOM   128 N NH2 . ARG A 1 18  ? 13.009  7.702   0.763   1.00 34.81 ? 18  ARG A NH2 1 
ATOM   129 N N   . VAL A 1 19  ? 12.405  1.336   -1.627  1.00 4.86  ? 19  VAL A N   1 
ATOM   130 C CA  . VAL A 1 19  ? 11.513  0.845   -2.670  1.00 5.52  ? 19  VAL A CA  1 
ATOM   131 C C   . VAL A 1 19  ? 10.208  1.638   -2.674  1.00 6.81  ? 19  VAL A C   1 
ATOM   132 O O   . VAL A 1 19  ? 9.826   2.195   -1.647  1.00 5.34  ? 19  VAL A O   1 
ATOM   133 C CB  . VAL A 1 19  ? 11.147  -0.674  -2.545  1.00 7.38  ? 19  VAL A CB  1 
ATOM   134 C CG1 . VAL A 1 19  ? 12.429  -1.502  -2.605  1.00 10.06 ? 19  VAL A CG1 1 
ATOM   135 C CG2 . VAL A 1 19  ? 10.332  -0.999  -1.272  1.00 3.32  ? 19  VAL A CG2 1 
ATOM   136 N N   . THR A 1 20  ? 9.687   1.753   -3.871  1.00 3.00  ? 20  THR A N   1 
ATOM   137 C CA  . THR A 1 20  ? 8.459   2.443   -4.175  1.00 11.61 ? 20  THR A CA  1 
ATOM   138 C C   . THR A 1 20  ? 7.495   1.518   -4.905  1.00 8.06  ? 20  THR A C   1 
ATOM   139 O O   . THR A 1 20  ? 7.855   0.918   -5.923  1.00 12.49 ? 20  THR A O   1 
ATOM   140 C CB  . THR A 1 20  ? 8.827   3.676   -5.047  1.00 12.81 ? 20  THR A CB  1 
ATOM   141 O OG1 . THR A 1 20  ? 9.602   4.490   -4.159  1.00 23.05 ? 20  THR A OG1 1 
ATOM   142 C CG2 . THR A 1 20  ? 7.546   4.439   -5.384  1.00 11.74 ? 20  THR A CG2 1 
ATOM   143 N N   . MET A 1 21  ? 6.265   1.517   -4.433  1.00 4.80  ? 21  MET A N   1 
ATOM   144 C CA  . MET A 1 21  ? 5.252   0.785   -5.195  1.00 7.04  ? 21  MET A CA  1 
ATOM   145 C C   . MET A 1 21  ? 3.970   1.569   -5.428  1.00 9.33  ? 21  MET A C   1 
ATOM   146 O O   . MET A 1 21  ? 3.754   2.520   -4.691  1.00 3.71  ? 21  MET A O   1 
ATOM   147 C CB  . MET A 1 21  ? 4.956   -0.542  -4.520  1.00 8.77  ? 21  MET A CB  1 
ATOM   148 C CG  . MET A 1 21  ? 4.451   -0.425  -3.129  1.00 7.80  ? 21  MET A CG  1 
ATOM   149 S SD  . MET A 1 21  ? 4.646   -2.041  -2.274  1.00 24.24 ? 21  MET A SD  1 
ATOM   150 C CE  . MET A 1 21  ? 6.188   -1.906  -1.544  1.00 6.26  ? 21  MET A CE  1 
ATOM   151 N N   . SER A 1 22  ? 3.351   1.318   -6.588  1.00 8.13  ? 22  SER A N   1 
ATOM   152 C CA  . SER A 1 22  ? 2.297   2.136   -7.150  1.00 3.00  ? 22  SER A CA  1 
ATOM   153 C C   . SER A 1 22  ? 0.984   1.402   -7.059  1.00 4.79  ? 22  SER A C   1 
ATOM   154 O O   . SER A 1 22  ? 0.908   0.172   -7.211  1.00 3.83  ? 22  SER A O   1 
ATOM   155 C CB  . SER A 1 22  ? 2.556   2.443   -8.645  1.00 3.00  ? 22  SER A CB  1 
ATOM   156 O OG  . SER A 1 22  ? 3.840   3.085   -8.667  1.00 19.34 ? 22  SER A OG  1 
ATOM   157 N N   . CYS A 1 23  ? 0.002   2.212   -6.893  1.00 5.58  ? 23  CYS A N   1 
ATOM   158 C CA  . CYS A 1 23  ? -1.388  1.717   -6.884  1.00 4.64  ? 23  CYS A CA  1 
ATOM   159 C C   . CYS A 1 23  ? -2.259  2.765   -7.555  1.00 9.40  ? 23  CYS A C   1 
ATOM   160 O O   . CYS A 1 23  ? -2.250  3.943   -7.137  1.00 8.17  ? 23  CYS A O   1 
ATOM   161 C CB  . CYS A 1 23  ? -1.841  1.604   -5.430  1.00 3.00  ? 23  CYS A CB  1 
ATOM   162 S SG  . CYS A 1 23  ? -3.611  1.231   -5.286  1.00 8.32  ? 23  CYS A SG  1 
ATOM   163 N N   . LYS A 1 24  ? -2.854  2.350   -8.654  1.00 6.12  ? 24  LYS A N   1 
ATOM   164 C CA  . LYS A 1 24  ? -3.769  3.264   -9.400  1.00 5.24  ? 24  LYS A CA  1 
ATOM   165 C C   . LYS A 1 24  ? -5.241  2.812   -9.313  1.00 11.57 ? 24  LYS A C   1 
ATOM   166 O O   . LYS A 1 24  ? -5.505  1.636   -9.559  1.00 3.28  ? 24  LYS A O   1 
ATOM   167 C CB  . LYS A 1 24  ? -3.325  3.331   -10.879 1.00 5.67  ? 24  LYS A CB  1 
ATOM   168 C CG  . LYS A 1 24  ? -3.954  4.574   -11.546 1.00 10.43 ? 24  LYS A CG  1 
ATOM   169 C CD  . LYS A 1 24  ? -3.558  4.720   -13.002 1.00 15.70 ? 24  LYS A CD  1 
ATOM   170 C CE  . LYS A 1 24  ? -4.362  5.835   -13.686 1.00 10.92 ? 24  LYS A CE  1 
ATOM   171 N NZ  . LYS A 1 24  ? -3.717  7.093   -13.438 1.00 11.15 ? 24  LYS A NZ  1 
ATOM   172 N N   . SER A 1 25  ? -6.211  3.704   -8.999  1.00 6.34  ? 25  SER A N   1 
ATOM   173 C CA  . SER A 1 25  ? -7.643  3.294   -9.015  1.00 8.23  ? 25  SER A CA  1 
ATOM   174 C C   . SER A 1 25  ? -8.342  3.787   -10.286 1.00 12.26 ? 25  SER A C   1 
ATOM   175 O O   . SER A 1 25  ? -7.954  4.796   -10.908 1.00 5.51  ? 25  SER A O   1 
ATOM   176 C CB  . SER A 1 25  ? -8.493  3.664   -7.750  1.00 4.11  ? 25  SER A CB  1 
ATOM   177 O OG  . SER A 1 25  ? -8.345  5.070   -7.667  1.00 15.18 ? 25  SER A OG  1 
ATOM   178 N N   . SER A 1 26  ? -9.301  2.983   -10.707 1.00 3.00  ? 26  SER A N   1 
ATOM   179 C CA  . SER A 1 26  ? -9.952  3.307   -11.980 1.00 3.00  ? 26  SER A CA  1 
ATOM   180 C C   . SER A 1 26  ? -10.959 4.454   -11.725 1.00 13.97 ? 26  SER A C   1 
ATOM   181 O O   . SER A 1 26  ? -11.511 4.983   -12.664 1.00 8.28  ? 26  SER A O   1 
ATOM   182 C CB  . SER A 1 26  ? -10.692 2.059   -12.495 1.00 3.00  ? 26  SER A CB  1 
ATOM   183 O OG  . SER A 1 26  ? -11.694 1.704   -11.520 1.00 4.56  ? 26  SER A OG  1 
ATOM   184 N N   . GLN A 1 27  ? -11.243 4.813   -10.487 1.00 3.00  ? 27  GLN A N   1 
ATOM   185 C CA  . GLN A 1 27  ? -12.137 5.941   -10.174 1.00 8.44  ? 27  GLN A CA  1 
ATOM   186 C C   . GLN A 1 27  ? -11.492 6.752   -9.080  1.00 10.03 ? 27  GLN A C   1 
ATOM   187 O O   . GLN A 1 27  ? -10.764 6.169   -8.290  1.00 7.02  ? 27  GLN A O   1 
ATOM   188 C CB  . GLN A 1 27  ? -13.506 5.509   -9.579  1.00 12.92 ? 27  GLN A CB  1 
ATOM   189 C CG  . GLN A 1 27  ? -14.278 4.702   -10.615 1.00 32.85 ? 27  GLN A CG  1 
ATOM   190 C CD  . GLN A 1 27  ? -15.685 4.466   -10.065 1.00 58.87 ? 27  GLN A CD  1 
ATOM   191 O OE1 . GLN A 1 27  ? -16.089 5.067   -9.050  1.00 49.20 ? 27  GLN A OE1 1 
ATOM   192 N NE2 . GLN A 1 27  ? -16.363 3.589   -10.788 1.00 53.29 ? 27  GLN A NE2 1 
ATOM   193 N N   . SER A 1 28  ? -11.808 8.038   -9.032  1.00 6.63  ? 28  SER A N   1 
ATOM   194 C CA  . SER A 1 28  ? -11.189 8.877   -8.024  1.00 5.65  ? 28  SER A CA  1 
ATOM   195 C C   . SER A 1 28  ? -11.649 8.478   -6.623  1.00 17.79 ? 28  SER A C   1 
ATOM   196 O O   . SER A 1 28  ? -12.807 8.126   -6.471  1.00 8.39  ? 28  SER A O   1 
ATOM   197 C CB  . SER A 1 28  ? -11.574 10.369  -8.250  1.00 6.85  ? 28  SER A CB  1 
ATOM   198 O OG  . SER A 1 28  ? -11.090 11.028  -7.111  1.00 5.20  ? 28  SER A OG  1 
ATOM   199 N N   . LEU A 1 29  ? -10.724 8.385   -5.704  1.00 13.55 ? 29  LEU A N   1 
ATOM   200 C CA  . LEU A 1 29  ? -10.967 7.996   -4.307  1.00 13.60 ? 29  LEU A CA  1 
ATOM   201 C C   . LEU A 1 29  ? -11.015 9.204   -3.344  1.00 16.08 ? 29  LEU A C   1 
ATOM   202 O O   . LEU A 1 29  ? -11.081 9.110   -2.110  1.00 8.93  ? 29  LEU A O   1 
ATOM   203 C CB  . LEU A 1 29  ? -9.901  6.969   -3.843  1.00 4.48  ? 29  LEU A CB  1 
ATOM   204 C CG  . LEU A 1 29  ? -9.936  5.618   -4.596  1.00 3.63  ? 29  LEU A CG  1 
ATOM   205 C CD1 . LEU A 1 29  ? -8.940  4.615   -3.950  1.00 3.78  ? 29  LEU A CD1 1 
ATOM   206 C CD2 . LEU A 1 29  ? -11.331 5.003   -4.807  1.00 5.76  ? 29  LEU A CD2 1 
ATOM   207 N N   . LEU A 1 30  ? -10.836 10.369  -3.947  1.00 15.22 ? 30  LEU A N   1 
ATOM   208 C CA  . LEU A 1 30  ? -10.744 11.643  -3.217  1.00 16.00 ? 30  LEU A CA  1 
ATOM   209 C C   . LEU A 1 30  ? -12.189 12.075  -2.895  1.00 22.76 ? 30  LEU A C   1 
ATOM   210 O O   . LEU A 1 30  ? -13.008 12.195  -3.803  1.00 27.81 ? 30  LEU A O   1 
ATOM   211 C CB  . LEU A 1 30  ? -10.145 12.623  -4.248  1.00 8.57  ? 30  LEU A CB  1 
ATOM   212 C CG  . LEU A 1 30  ? -10.109 14.050  -3.705  1.00 18.61 ? 30  LEU A CG  1 
ATOM   213 C CD1 . LEU A 1 30  ? -9.327  14.180  -2.406  1.00 16.34 ? 30  LEU A CD1 1 
ATOM   214 C CD2 . LEU A 1 30  ? -9.651  15.021  -4.779  1.00 21.24 ? 30  LEU A CD2 1 
ATOM   215 N N   . ASN A 1 31  ? -12.471 12.322  -1.659  1.00 26.51 ? 31  ASN A N   1 
ATOM   216 C CA  . ASN A 1 31  ? -13.796 12.880  -1.310  1.00 52.70 ? 31  ASN A CA  1 
ATOM   217 C C   . ASN A 1 31  ? -13.723 14.405  -1.236  1.00 52.81 ? 31  ASN A C   1 
ATOM   218 O O   . ASN A 1 31  ? -13.015 14.935  -0.376  1.00 41.82 ? 31  ASN A O   1 
ATOM   219 C CB  . ASN A 1 31  ? -14.341 12.334  0.029   1.00 57.42 ? 31  ASN A CB  1 
ATOM   220 C CG  . ASN A 1 31  ? -15.749 12.895  0.261   1.00 73.99 ? 31  ASN A CG  1 
ATOM   221 O OD1 . ASN A 1 31  ? -15.975 13.617  1.230   1.00 75.86 ? 31  ASN A OD1 1 
ATOM   222 N ND2 . ASN A 1 31  ? -16.686 12.550  -0.623  1.00 75.30 ? 31  ASN A ND2 1 
ATOM   223 N N   . SER A 1 32  A -14.269 15.019  -2.283  1.00 63.86 ? 31  SER A N   1 
ATOM   224 C CA  . SER A 1 32  A -14.256 16.491  -2.522  1.00 75.88 ? 31  SER A CA  1 
ATOM   225 C C   . SER A 1 32  A -14.843 17.254  -1.329  1.00 72.19 ? 31  SER A C   1 
ATOM   226 O O   . SER A 1 32  A -14.335 18.328  -0.994  1.00 65.15 ? 31  SER A O   1 
ATOM   227 C CB  . SER A 1 32  A -15.068 16.815  -3.809  1.00 77.50 ? 31  SER A CB  1 
ATOM   228 O OG  . SER A 1 32  A -15.972 15.717  -4.087  1.00 71.08 ? 31  SER A OG  1 
ATOM   229 N N   . GLY A 1 33  B -15.764 16.581  -0.642  1.00 71.37 ? 31  GLY A N   1 
ATOM   230 C CA  . GLY A 1 33  B -16.291 17.061  0.645   1.00 76.61 ? 31  GLY A CA  1 
ATOM   231 C C   . GLY A 1 33  B -15.189 17.378  1.663   1.00 73.61 ? 31  GLY A C   1 
ATOM   232 O O   . GLY A 1 33  B -14.886 18.549  1.906   1.00 73.09 ? 31  GLY A O   1 
ATOM   233 N N   . ASN A 1 34  C -14.679 16.348  2.303   1.00 62.27 ? 31  ASN A N   1 
ATOM   234 C CA  . ASN A 1 34  C -13.694 16.518  3.395   1.00 55.43 ? 31  ASN A CA  1 
ATOM   235 C C   . ASN A 1 34  C -12.216 16.433  2.990   1.00 50.10 ? 31  ASN A C   1 
ATOM   236 O O   . ASN A 1 34  C -11.392 16.091  3.839   1.00 55.03 ? 31  ASN A O   1 
ATOM   237 C CB  . ASN A 1 34  C -14.019 15.533  4.544   1.00 65.01 ? 31  ASN A CB  1 
ATOM   238 C CG  . ASN A 1 34  C -14.430 14.165  3.992   1.00 72.94 ? 31  ASN A CG  1 
ATOM   239 O OD1 . ASN A 1 34  C -15.316 13.508  4.555   1.00 71.41 ? 31  ASN A OD1 1 
ATOM   240 N ND2 . ASN A 1 34  C -13.805 13.765  2.888   1.00 61.65 ? 31  ASN A ND2 1 
ATOM   241 N N   . GLN A 1 35  D -11.945 16.607  1.699   1.00 44.07 ? 31  GLN A N   1 
ATOM   242 C CA  . GLN A 1 35  D -10.638 16.378  1.020   1.00 35.33 ? 31  GLN A CA  1 
ATOM   243 C C   . GLN A 1 35  D -9.773  15.189  1.465   1.00 49.75 ? 31  GLN A C   1 
ATOM   244 O O   . GLN A 1 35  D -8.546  15.304  1.577   1.00 44.65 ? 31  GLN A O   1 
ATOM   245 C CB  . GLN A 1 35  D -9.824  17.656  0.943   1.00 55.44 ? 31  GLN A CB  1 
ATOM   246 C CG  . GLN A 1 35  D -10.558 18.657  0.004   1.00 73.60 ? 31  GLN A CG  1 
ATOM   247 C CD  . GLN A 1 35  D -10.017 18.590  -1.433  1.00 85.61 ? 31  GLN A CD  1 
ATOM   248 O OE1 . GLN A 1 35  D -10.749 18.850  -2.397  1.00 79.13 ? 31  GLN A OE1 1 
ATOM   249 N NE2 . GLN A 1 35  D -8.723  18.288  -1.555  1.00 79.47 ? 31  GLN A NE2 1 
ATOM   250 N N   . LYS A 1 36  E -10.446 14.054  1.626   1.00 39.75 ? 31  LYS A N   1 
ATOM   251 C CA  . LYS A 1 36  E -9.829  12.803  2.124   1.00 33.99 ? 31  LYS A CA  1 
ATOM   252 C C   . LYS A 1 36  E -9.714  11.778  0.984   1.00 23.35 ? 31  LYS A C   1 
ATOM   253 O O   . LYS A 1 36  E -10.599 11.663  0.134   1.00 20.67 ? 31  LYS A O   1 
ATOM   254 C CB  . LYS A 1 36  E -10.740 12.235  3.233   1.00 42.88 ? 31  LYS A CB  1 
ATOM   255 C CG  . LYS A 1 36  E -10.135 11.029  3.995   1.00 61.86 ? 31  LYS A CG  1 
ATOM   256 C CD  . LYS A 1 36  E -11.074 10.572  5.127   1.00 74.95 ? 31  LYS A CD  1 
ATOM   257 C CE  . LYS A 1 36  E -12.015 11.725  5.561   1.00 76.94 ? 31  LYS A CE  1 
ATOM   258 N NZ  . LYS A 1 36  E -12.100 11.899  7.028   1.00 77.39 ? 31  LYS A NZ  1 
ATOM   259 N N   . ASN A 1 37  F -8.656  11.014  1.004   1.00 10.49 ? 31  ASN A N   1 
ATOM   260 C CA  . ASN A 1 37  F -8.572  9.911   0.027   1.00 8.81  ? 31  ASN A CA  1 
ATOM   261 C C   . ASN A 1 37  F -8.925  8.616   0.753   1.00 3.04  ? 31  ASN A C   1 
ATOM   262 O O   . ASN A 1 37  F -8.309  8.276   1.752   1.00 10.31 ? 31  ASN A O   1 
ATOM   263 C CB  . ASN A 1 37  F -7.161  9.828   -0.595  1.00 6.03  ? 31  ASN A CB  1 
ATOM   264 C CG  . ASN A 1 37  F -6.934  10.999  -1.566  1.00 5.40  ? 31  ASN A CG  1 
ATOM   265 O OD1 . ASN A 1 37  F -7.391  11.016  -2.710  1.00 6.78  ? 31  ASN A OD1 1 
ATOM   266 N ND2 . ASN A 1 37  F -6.193  11.952  -1.100  1.00 8.18  ? 31  ASN A ND2 1 
ATOM   267 N N   . PHE A 1 38  ? -9.922  7.930   0.263   1.00 6.16  ? 32  PHE A N   1 
ATOM   268 C CA  . PHE A 1 38  ? -10.422 6.632   0.833   1.00 5.03  ? 32  PHE A CA  1 
ATOM   269 C C   . PHE A 1 38  ? -9.642  5.413   0.294   1.00 5.70  ? 32  PHE A C   1 
ATOM   270 O O   . PHE A 1 38  ? -10.144 4.651   -0.544  1.00 7.17  ? 32  PHE A O   1 
ATOM   271 C CB  . PHE A 1 38  ? -11.911 6.510   0.450   1.00 12.32 ? 32  PHE A CB  1 
ATOM   272 C CG  . PHE A 1 38  ? -12.732 7.414   1.388   1.00 16.57 ? 32  PHE A CG  1 
ATOM   273 C CD1 . PHE A 1 38  ? -12.515 7.311   2.741   1.00 18.75 ? 32  PHE A CD1 1 
ATOM   274 C CD2 . PHE A 1 38  ? -13.667 8.290   0.897   1.00 18.59 ? 32  PHE A CD2 1 
ATOM   275 C CE1 . PHE A 1 38  ? -13.233 8.072   3.629   1.00 40.70 ? 32  PHE A CE1 1 
ATOM   276 C CE2 . PHE A 1 38  ? -14.399 9.046   1.787   1.00 30.81 ? 32  PHE A CE2 1 
ATOM   277 C CZ  . PHE A 1 38  ? -14.183 8.936   3.151   1.00 30.53 ? 32  PHE A CZ  1 
ATOM   278 N N   . LEU A 1 39  ? -8.455  5.262   0.819   1.00 5.42  ? 33  LEU A N   1 
ATOM   279 C CA  . LEU A 1 39  ? -7.436  4.297   0.315   1.00 7.40  ? 33  LEU A CA  1 
ATOM   280 C C   . LEU A 1 39  ? -6.688  3.748   1.526   1.00 7.56  ? 33  LEU A C   1 
ATOM   281 O O   . LEU A 1 39  ? -6.234  4.512   2.367   1.00 7.39  ? 33  LEU A O   1 
ATOM   282 C CB  . LEU A 1 39  ? -6.462  5.092   -0.651  1.00 6.38  ? 33  LEU A CB  1 
ATOM   283 C CG  . LEU A 1 39  ? -5.423  4.269   -1.457  1.00 6.38  ? 33  LEU A CG  1 
ATOM   284 C CD1 . LEU A 1 39  ? -4.159  3.953   -0.666  1.00 6.33  ? 33  LEU A CD1 1 
ATOM   285 C CD2 . LEU A 1 39  ? -5.972  3.091   -2.260  1.00 3.00  ? 33  LEU A CD2 1 
ATOM   286 N N   . ALA A 1 40  ? -6.628  2.419   1.643   1.00 6.40  ? 34  ALA A N   1 
ATOM   287 C CA  . ALA A 1 40  ? -5.817  1.779   2.686   1.00 9.31  ? 34  ALA A CA  1 
ATOM   288 C C   . ALA A 1 40  ? -4.655  0.966   2.054   1.00 12.23 ? 34  ALA A C   1 
ATOM   289 O O   . ALA A 1 40  ? -4.738  0.438   0.935   1.00 3.00  ? 34  ALA A O   1 
ATOM   290 C CB  . ALA A 1 40  ? -6.703  0.864   3.583   1.00 3.00  ? 34  ALA A CB  1 
ATOM   291 N N   . TRP A 1 41  ? -3.638  0.703   2.848   1.00 6.85  ? 35  TRP A N   1 
ATOM   292 C CA  . TRP A 1 41  ? -2.583  -0.286  2.453   1.00 3.00  ? 35  TRP A CA  1 
ATOM   293 C C   . TRP A 1 41  ? -2.536  -1.303  3.587   1.00 8.35  ? 35  TRP A C   1 
ATOM   294 O O   . TRP A 1 41  ? -2.550  -0.899  4.758   1.00 4.93  ? 35  TRP A O   1 
ATOM   295 C CB  . TRP A 1 41  ? -1.166  0.322   2.420   1.00 3.11  ? 35  TRP A CB  1 
ATOM   296 C CG  . TRP A 1 41  ? -1.007  1.344   1.277   1.00 10.29 ? 35  TRP A CG  1 
ATOM   297 C CD1 . TRP A 1 41  ? -1.229  2.684   1.234   1.00 3.00  ? 35  TRP A CD1 1 
ATOM   298 C CD2 . TRP A 1 41  ? -0.575  0.963   0.005   1.00 3.47  ? 35  TRP A CD2 1 
ATOM   299 N NE1 . TRP A 1 41  ? -0.928  3.142   -0.102  1.00 3.00  ? 35  TRP A NE1 1 
ATOM   300 C CE2 . TRP A 1 41  ? -0.548  2.113   -0.812  1.00 10.66 ? 35  TRP A CE2 1 
ATOM   301 C CE3 . TRP A 1 41  ? -0.145  -0.290  -0.450  1.00 3.00  ? 35  TRP A CE3 1 
ATOM   302 C CZ2 . TRP A 1 41  ? -0.080  2.054   -2.143  1.00 8.48  ? 35  TRP A CZ2 1 
ATOM   303 C CZ3 . TRP A 1 41  ? 0.312   -0.329  -1.785  1.00 7.29  ? 35  TRP A CZ3 1 
ATOM   304 C CH2 . TRP A 1 41  ? 0.346   0.809   -2.613  1.00 3.00  ? 35  TRP A CH2 1 
ATOM   305 N N   . TYR A 1 42  ? -2.446  -2.548  3.184   1.00 3.00  ? 36  TYR A N   1 
ATOM   306 C CA  . TYR A 1 42  ? -2.329  -3.668  4.105   1.00 4.46  ? 36  TYR A CA  1 
ATOM   307 C C   . TYR A 1 42  ? -1.033  -4.438  3.828   1.00 9.17  ? 36  TYR A C   1 
ATOM   308 O O   . TYR A 1 42  ? -0.567  -4.446  2.685   1.00 5.41  ? 36  TYR A O   1 
ATOM   309 C CB  . TYR A 1 42  ? -3.474  -4.630  3.711   1.00 3.00  ? 36  TYR A CB  1 
ATOM   310 C CG  . TYR A 1 42  ? -4.812  -4.292  4.405   1.00 4.12  ? 36  TYR A CG  1 
ATOM   311 C CD1 . TYR A 1 42  ? -5.643  -3.384  3.814   1.00 5.06  ? 36  TYR A CD1 1 
ATOM   312 C CD2 . TYR A 1 42  ? -5.139  -4.829  5.648   1.00 4.68  ? 36  TYR A CD2 1 
ATOM   313 C CE1 . TYR A 1 42  ? -6.860  -3.023  4.427   1.00 12.00 ? 36  TYR A CE1 1 
ATOM   314 C CE2 . TYR A 1 42  ? -6.340  -4.453  6.291   1.00 3.47  ? 36  TYR A CE2 1 
ATOM   315 C CZ  . TYR A 1 42  ? -7.210  -3.566  5.642   1.00 12.20 ? 36  TYR A CZ  1 
ATOM   316 O OH  . TYR A 1 42  ? -8.369  -3.156  6.234   1.00 6.60  ? 36  TYR A OH  1 
ATOM   317 N N   . GLN A 1 43  ? -0.496  -5.066  4.857   1.00 3.00  ? 37  GLN A N   1 
ATOM   318 C CA  . GLN A 1 43  ? 0.716   -5.896  4.675   1.00 3.10  ? 37  GLN A CA  1 
ATOM   319 C C   . GLN A 1 43  ? 0.336   -7.323  5.021   1.00 10.32 ? 37  GLN A C   1 
ATOM   320 O O   . GLN A 1 43  ? -0.266  -7.533  6.077   1.00 6.93  ? 37  GLN A O   1 
ATOM   321 C CB  . GLN A 1 43  ? 1.720   -5.460  5.754   1.00 3.82  ? 37  GLN A CB  1 
ATOM   322 C CG  . GLN A 1 43  ? 3.012   -6.321  5.742   1.00 3.00  ? 37  GLN A CG  1 
ATOM   323 C CD  . GLN A 1 43  ? 3.826   -5.776  6.915   1.00 8.92  ? 37  GLN A CD  1 
ATOM   324 O OE1 . GLN A 1 43  ? 3.317   -5.800  8.018   1.00 7.06  ? 37  GLN A OE1 1 
ATOM   325 N NE2 . GLN A 1 43  ? 5.028   -5.242  6.716   1.00 4.84  ? 37  GLN A NE2 1 
ATOM   326 N N   . GLN A 1 44  ? 0.678   -8.248  4.161   1.00 4.03  ? 38  GLN A N   1 
ATOM   327 C CA  . GLN A 1 44  ? 0.332   -9.649  4.452   1.00 3.00  ? 38  GLN A CA  1 
ATOM   328 C C   . GLN A 1 44  ? 1.590   -10.524 4.493   1.00 9.64  ? 38  GLN A C   1 
ATOM   329 O O   . GLN A 1 44  ? 2.240   -10.763 3.479   1.00 5.93  ? 38  GLN A O   1 
ATOM   330 C CB  . GLN A 1 44  ? -0.705  -10.185 3.450   1.00 3.00  ? 38  GLN A CB  1 
ATOM   331 C CG  . GLN A 1 44  ? -0.982  -11.672 3.828   1.00 3.00  ? 38  GLN A CG  1 
ATOM   332 C CD  . GLN A 1 44  ? -2.165  -12.210 3.002   1.00 8.06  ? 38  GLN A CD  1 
ATOM   333 O OE1 . GLN A 1 44  ? -2.286  -11.926 1.818   1.00 7.68  ? 38  GLN A OE1 1 
ATOM   334 N NE2 . GLN A 1 44  ? -3.026  -13.006 3.627   1.00 6.26  ? 38  GLN A NE2 1 
ATOM   335 N N   . LYS A 1 45  ? 2.080   -10.815 5.670   1.00 5.46  ? 39  LYS A N   1 
ATOM   336 C CA  . LYS A 1 45  ? 3.286   -11.684 5.770   1.00 3.00  ? 39  LYS A CA  1 
ATOM   337 C C   . LYS A 1 45  ? 2.876   -13.116 5.565   1.00 25.88 ? 39  LYS A C   1 
ATOM   338 O O   . LYS A 1 45  ? 1.677   -13.441 5.630   1.00 11.94 ? 39  LYS A O   1 
ATOM   339 C CB  . LYS A 1 45  ? 3.886   -11.577 7.172   1.00 3.01  ? 39  LYS A CB  1 
ATOM   340 C CG  . LYS A 1 45  ? 4.397   -10.120 7.273   1.00 13.67 ? 39  LYS A CG  1 
ATOM   341 C CD  . LYS A 1 45  ? 5.062   -9.982  8.632   1.00 17.79 ? 39  LYS A CD  1 
ATOM   342 C CE  . LYS A 1 45  ? 5.543   -8.580  8.925   1.00 43.49 ? 39  LYS A CE  1 
ATOM   343 N NZ  . LYS A 1 45  ? 5.873   -8.474  10.346  1.00 51.76 ? 39  LYS A NZ  1 
ATOM   344 N N   . PRO A 1 46  ? 3.884   -13.850 5.159   1.00 18.25 ? 40  PRO A N   1 
ATOM   345 C CA  . PRO A 1 46  ? 3.699   -15.266 4.767   1.00 23.95 ? 40  PRO A CA  1 
ATOM   346 C C   . PRO A 1 46  ? 3.011   -16.063 5.888   1.00 20.58 ? 40  PRO A C   1 
ATOM   347 O O   . PRO A 1 46  ? 3.314   -15.857 7.077   1.00 18.12 ? 40  PRO A O   1 
ATOM   348 C CB  . PRO A 1 46  ? 5.117   -15.765 4.466   1.00 26.26 ? 40  PRO A CB  1 
ATOM   349 C CG  . PRO A 1 46  ? 5.949   -14.512 4.183   1.00 24.15 ? 40  PRO A CG  1 
ATOM   350 C CD  . PRO A 1 46  ? 5.289   -13.396 4.998   1.00 36.80 ? 40  PRO A CD  1 
ATOM   351 N N   . GLY A 1 47  ? 1.906   -16.659 5.454   1.00 23.29 ? 41  GLY A N   1 
ATOM   352 C CA  . GLY A 1 47  ? 1.032   -17.457 6.310   1.00 36.71 ? 41  GLY A CA  1 
ATOM   353 C C   . GLY A 1 47  ? 0.190   -16.667 7.303   1.00 29.85 ? 41  GLY A C   1 
ATOM   354 O O   . GLY A 1 47  ? -0.421  -17.277 8.175   1.00 24.04 ? 41  GLY A O   1 
ATOM   355 N N   . GLN A 1 48  ? 0.206   -15.338 7.203   1.00 19.41 ? 42  GLN A N   1 
ATOM   356 C CA  . GLN A 1 48  ? -0.607  -14.497 8.138   1.00 12.74 ? 42  GLN A CA  1 
ATOM   357 C C   . GLN A 1 48  ? -1.763  -13.821 7.421   1.00 19.87 ? 42  GLN A C   1 
ATOM   358 O O   . GLN A 1 48  ? -1.716  -13.733 6.189   1.00 12.58 ? 42  GLN A O   1 
ATOM   359 C CB  . GLN A 1 48  ? 0.306   -13.417 8.795   1.00 15.46 ? 42  GLN A CB  1 
ATOM   360 C CG  . GLN A 1 48  ? 1.405   -14.060 9.657   1.00 21.25 ? 42  GLN A CG  1 
ATOM   361 C CD  . GLN A 1 48  ? 2.153   -12.946 10.391  0.50 41.43 ? 42  GLN A CD  1 
ATOM   362 O OE1 . GLN A 1 48  ? 1.732   -11.783 10.427  0.50 46.49 ? 42  GLN A OE1 1 
ATOM   363 N NE2 . GLN A 1 48  ? 3.253   -13.351 10.953  0.50 46.38 ? 42  GLN A NE2 1 
ATOM   364 N N   . PRO A 1 49  ? -2.752  -13.309 8.186   1.00 12.07 ? 43  PRO A N   1 
ATOM   365 C CA  . PRO A 1 49  ? -3.836  -12.496 7.582   1.00 14.66 ? 43  PRO A CA  1 
ATOM   366 C C   . PRO A 1 49  ? -3.283  -11.120 7.154   1.00 15.51 ? 43  PRO A C   1 
ATOM   367 O O   . PRO A 1 49  ? -2.235  -10.693 7.651   1.00 11.76 ? 43  PRO A O   1 
ATOM   368 C CB  . PRO A 1 49  ? -4.885  -12.371 8.720   1.00 7.13  ? 43  PRO A CB  1 
ATOM   369 C CG  . PRO A 1 49  ? -4.031  -12.417 9.983   1.00 10.51 ? 43  PRO A CG  1 
ATOM   370 C CD  . PRO A 1 49  ? -2.864  -13.361 9.667   1.00 10.06 ? 43  PRO A CD  1 
ATOM   371 N N   . PRO A 1 50  ? -3.967  -10.395 6.292   1.00 7.22  ? 44  PRO A N   1 
ATOM   372 C CA  . PRO A 1 50  ? -3.557  -8.964  6.086   1.00 6.02  ? 44  PRO A CA  1 
ATOM   373 C C   . PRO A 1 50  ? -3.607  -8.125  7.366   1.00 7.98  ? 44  PRO A C   1 
ATOM   374 O O   . PRO A 1 50  ? -4.503  -8.300  8.182   1.00 8.09  ? 44  PRO A O   1 
ATOM   375 C CB  . PRO A 1 50  ? -4.607  -8.489  5.103   1.00 10.58 ? 44  PRO A CB  1 
ATOM   376 C CG  . PRO A 1 50  ? -5.161  -9.779  4.463   1.00 5.41  ? 44  PRO A CG  1 
ATOM   377 C CD  . PRO A 1 50  ? -5.248  -10.704 5.630   1.00 3.00  ? 44  PRO A CD  1 
ATOM   378 N N   . LYS A 1 51  ? -2.718  -7.149  7.494   1.00 8.32  ? 45  LYS A N   1 
ATOM   379 C CA  . LYS A 1 51  ? -2.798  -6.230  8.626   1.00 5.49  ? 45  LYS A CA  1 
ATOM   380 C C   . LYS A 1 51  ? -2.709  -4.790  8.093   1.00 5.32  ? 45  LYS A C   1 
ATOM   381 O O   . LYS A 1 51  ? -1.943  -4.495  7.162   1.00 6.26  ? 45  LYS A O   1 
ATOM   382 C CB  . LYS A 1 51  ? -1.586  -6.517  9.509   1.00 9.05  ? 45  LYS A CB  1 
ATOM   383 C CG  . LYS A 1 51  ? -1.317  -5.315  10.428  1.00 38.07 ? 45  LYS A CG  1 
ATOM   384 C CD  . LYS A 1 51  ? 0.107   -5.277  11.021  1.00 64.68 ? 45  LYS A CD  1 
ATOM   385 C CE  . LYS A 1 51  ? 0.590   -3.828  11.281  1.00 73.30 ? 45  LYS A CE  1 
ATOM   386 N NZ  . LYS A 1 51  ? -0.388  -3.083  12.080  1.00 70.02 ? 45  LYS A NZ  1 
ATOM   387 N N   . LEU A 1 52  ? -3.612  -3.989  8.587   1.00 6.08  ? 46  LEU A N   1 
ATOM   388 C CA  . LEU A 1 52  ? -3.802  -2.583  8.124   1.00 3.43  ? 46  LEU A CA  1 
ATOM   389 C C   . LEU A 1 52  ? -2.563  -1.755  8.479   1.00 6.72  ? 46  LEU A C   1 
ATOM   390 O O   . LEU A 1 52  ? -2.175  -1.648  9.638   1.00 5.06  ? 46  LEU A O   1 
ATOM   391 C CB  . LEU A 1 52  ? -4.979  -2.012  8.928   1.00 3.00  ? 46  LEU A CB  1 
ATOM   392 C CG  . LEU A 1 52  ? -5.219  -0.527  8.531   1.00 6.24  ? 46  LEU A CG  1 
ATOM   393 C CD1 . LEU A 1 52  ? -5.587  -0.376  7.040   1.00 3.00  ? 46  LEU A CD1 1 
ATOM   394 C CD2 . LEU A 1 52  ? -6.403  -0.004  9.353   1.00 6.56  ? 46  LEU A CD2 1 
ATOM   395 N N   . LEU A 1 53  ? -1.895  -1.234  7.495   1.00 5.18  ? 47  LEU A N   1 
ATOM   396 C CA  . LEU A 1 53  ? -0.731  -0.372  7.780   1.00 8.04  ? 47  LEU A CA  1 
ATOM   397 C C   . LEU A 1 53  ? -1.101  1.116   7.747   1.00 6.50  ? 47  LEU A C   1 
ATOM   398 O O   . LEU A 1 53  ? -0.528  1.896   8.508   1.00 11.33 ? 47  LEU A O   1 
ATOM   399 C CB  . LEU A 1 53  ? 0.378   -0.474  6.725   1.00 19.47 ? 47  LEU A CB  1 
ATOM   400 C CG  . LEU A 1 53  ? 1.248   -1.737  6.616   1.00 21.75 ? 47  LEU A CG  1 
ATOM   401 C CD1 . LEU A 1 53  ? 2.192   -1.511  5.414   1.00 19.95 ? 47  LEU A CD1 1 
ATOM   402 C CD2 . LEU A 1 53  ? 2.073   -2.021  7.888   1.00 16.23 ? 47  LEU A CD2 1 
ATOM   403 N N   . ILE A 1 54  ? -1.824  1.533   6.733   1.00 3.95  ? 48  ILE A N   1 
ATOM   404 C CA  . ILE A 1 54  ? -2.086  2.984   6.476   1.00 7.09  ? 48  ILE A CA  1 
ATOM   405 C C   . ILE A 1 54  ? -3.509  3.134   6.013   1.00 6.47  ? 48  ILE A C   1 
ATOM   406 O O   . ILE A 1 54  ? -3.914  2.285   5.229   1.00 5.98  ? 48  ILE A O   1 
ATOM   407 C CB  . ILE A 1 54  ? -1.177  3.424   5.288   1.00 3.55  ? 48  ILE A CB  1 
ATOM   408 C CG1 . ILE A 1 54  ? 0.189   3.826   5.909   1.00 16.43 ? 48  ILE A CG1 1 
ATOM   409 C CG2 . ILE A 1 54  ? -1.703  4.700   4.624   1.00 5.12  ? 48  ILE A CG2 1 
ATOM   410 C CD1 . ILE A 1 54  ? 1.392   3.773   4.948   1.00 9.20  ? 48  ILE A CD1 1 
ATOM   411 N N   . TYR A 1 55  ? -4.207  4.148   6.461   1.00 3.33  ? 49  TYR A N   1 
ATOM   412 C CA  . TYR A 1 55  ? -5.534  4.449   5.869   1.00 3.00  ? 49  TYR A CA  1 
ATOM   413 C C   . TYR A 1 55  ? -5.607  5.957   5.626   1.00 3.48  ? 49  TYR A C   1 
ATOM   414 O O   . TYR A 1 55  ? -4.647  6.689   5.944   1.00 4.28  ? 49  TYR A O   1 
ATOM   415 C CB  . TYR A 1 55  ? -6.721  3.978   6.738   1.00 3.00  ? 49  TYR A CB  1 
ATOM   416 C CG  . TYR A 1 55  ? -6.605  4.671   8.098   1.00 8.52  ? 49  TYR A CG  1 
ATOM   417 C CD1 . TYR A 1 55  ? -5.814  4.133   9.113   1.00 22.22 ? 49  TYR A CD1 1 
ATOM   418 C CD2 . TYR A 1 55  ? -7.218  5.896   8.271   1.00 26.84 ? 49  TYR A CD2 1 
ATOM   419 C CE1 . TYR A 1 55  ? -5.652  4.832   10.316  1.00 24.07 ? 49  TYR A CE1 1 
ATOM   420 C CE2 . TYR A 1 55  ? -7.055  6.607   9.445   1.00 24.84 ? 49  TYR A CE2 1 
ATOM   421 C CZ  . TYR A 1 55  ? -6.272  6.089   10.475  1.00 37.27 ? 49  TYR A CZ  1 
ATOM   422 O OH  . TYR A 1 55  ? -6.094  6.864   11.617  1.00 31.93 ? 49  TYR A OH  1 
ATOM   423 N N   . GLY A 1 56  ? -6.584  6.334   4.810   1.00 4.82  ? 50  GLY A N   1 
ATOM   424 C CA  . GLY A 1 56  ? -6.644  7.762   4.402   1.00 7.30  ? 50  GLY A CA  1 
ATOM   425 C C   . GLY A 1 56  ? -5.433  8.115   3.522   1.00 17.75 ? 50  GLY A C   1 
ATOM   426 O O   . GLY A 1 56  ? -4.990  9.258   3.512   1.00 7.90  ? 50  GLY A O   1 
ATOM   427 N N   . ALA A 1 57  ? -4.930  7.154   2.763   1.00 8.39  ? 51  ALA A N   1 
ATOM   428 C CA  . ALA A 1 57  ? -3.771  7.341   1.832   1.00 7.71  ? 51  ALA A CA  1 
ATOM   429 C C   . ALA A 1 57  ? -2.431  7.579   2.520   1.00 8.88  ? 51  ALA A C   1 
ATOM   430 O O   . ALA A 1 57  ? -1.434  6.954   2.148   1.00 5.05  ? 51  ALA A O   1 
ATOM   431 C CB  . ALA A 1 57  ? -4.029  8.343   0.664   1.00 3.00  ? 51  ALA A CB  1 
ATOM   432 N N   . SER A 1 58  ? -2.424  8.246   3.663   1.00 5.24  ? 52  SER A N   1 
ATOM   433 C CA  . SER A 1 58  ? -1.121  8.521   4.303   1.00 8.22  ? 52  SER A CA  1 
ATOM   434 C C   . SER A 1 58  ? -1.143  8.528   5.819   1.00 9.03  ? 52  SER A C   1 
ATOM   435 O O   . SER A 1 58  ? -0.111  8.846   6.383   1.00 10.42 ? 52  SER A O   1 
ATOM   436 C CB  . SER A 1 58  ? -0.753  9.984   3.953   1.00 12.89 ? 52  SER A CB  1 
ATOM   437 O OG  . SER A 1 58  ? -1.911  10.790  4.259   1.00 20.83 ? 52  SER A OG  1 
ATOM   438 N N   . THR A 1 59  ? -2.232  8.169   6.458   1.00 6.62  ? 53  THR A N   1 
ATOM   439 C CA  . THR A 1 59  ? -2.114  7.994   7.936   1.00 4.01  ? 53  THR A CA  1 
ATOM   440 C C   . THR A 1 59  ? -1.624  6.594   8.326   1.00 4.63  ? 53  THR A C   1 
ATOM   441 O O   . THR A 1 59  ? -2.357  5.633   8.142   1.00 10.76 ? 53  THR A O   1 
ATOM   442 C CB  . THR A 1 59  ? -3.482  8.263   8.568   1.00 9.32  ? 53  THR A CB  1 
ATOM   443 O OG1 . THR A 1 59  ? -3.825  9.591   8.217   1.00 12.53 ? 53  THR A OG1 1 
ATOM   444 C CG2 . THR A 1 59  ? -3.408  8.172   10.090  1.00 7.93  ? 53  THR A CG2 1 
ATOM   445 N N   . ARG A 1 60  ? -0.498  6.538   9.011   1.00 6.38  ? 54  ARG A N   1 
ATOM   446 C CA  . ARG A 1 60  ? 0.002   5.278   9.540   1.00 10.04 ? 54  ARG A CA  1 
ATOM   447 C C   . ARG A 1 60  ? -0.809  4.851   10.749  1.00 17.43 ? 54  ARG A C   1 
ATOM   448 O O   . ARG A 1 60  ? -1.046  5.666   11.640  1.00 13.12 ? 54  ARG A O   1 
ATOM   449 C CB  . ARG A 1 60  ? 1.496   5.375   9.940   1.00 9.28  ? 54  ARG A CB  1 
ATOM   450 C CG  . ARG A 1 60  ? 2.333   5.465   8.665   1.00 15.70 ? 54  ARG A CG  1 
ATOM   451 C CD  . ARG A 1 60  ? 3.826   5.219   8.846   1.00 27.88 ? 54  ARG A CD  1 
ATOM   452 N NE  . ARG A 1 60  ? 4.348   6.268   9.653   1.00 28.55 ? 54  ARG A NE  1 
ATOM   453 C CZ  . ARG A 1 60  ? 4.647   7.437   9.199   1.00 40.15 ? 54  ARG A CZ  1 
ATOM   454 N NH1 . ARG A 1 60  ? 4.688   7.743   7.880   1.00 23.80 ? 54  ARG A NH1 1 
ATOM   455 N NH2 . ARG A 1 60  ? 4.924   8.317   10.155  1.00 59.88 ? 54  ARG A NH2 1 
ATOM   456 N N   . GLU A 1 61  ? -1.105  3.576   10.801  1.00 15.62 ? 55  GLU A N   1 
ATOM   457 C CA  . GLU A 1 61  ? -1.570  2.980   12.047  1.00 12.46 ? 55  GLU A CA  1 
ATOM   458 C C   . GLU A 1 61  ? -0.536  3.060   13.165  1.00 29.08 ? 55  GLU A C   1 
ATOM   459 O O   . GLU A 1 61  ? 0.681   2.940   12.981  1.00 15.99 ? 55  GLU A O   1 
ATOM   460 C CB  . GLU A 1 61  ? -1.998  1.475   11.926  1.00 10.30 ? 55  GLU A CB  1 
ATOM   461 C CG  . GLU A 1 61  ? -3.457  1.401   11.469  1.00 21.27 ? 55  GLU A CG  1 
ATOM   462 C CD  . GLU A 1 61  ? -4.413  1.961   12.521  1.00 27.80 ? 55  GLU A CD  1 
ATOM   463 O OE1 . GLU A 1 61  ? -4.067  2.107   13.686  1.00 33.38 ? 55  GLU A OE1 1 
ATOM   464 O OE2 . GLU A 1 61  ? -5.574  2.229   12.220  1.00 30.63 ? 55  GLU A OE2 1 
ATOM   465 N N   . SER A 1 62  ? -1.102  3.019   14.344  1.00 28.30 ? 56  SER A N   1 
ATOM   466 C CA  . SER A 1 62  ? -0.288  2.906   15.556  1.00 32.20 ? 56  SER A CA  1 
ATOM   467 C C   . SER A 1 62  ? 0.727   1.746   15.538  1.00 29.66 ? 56  SER A C   1 
ATOM   468 O O   . SER A 1 62  ? 0.471   0.604   15.151  1.00 27.47 ? 56  SER A O   1 
ATOM   469 C CB  . SER A 1 62  ? -1.228  2.872   16.784  1.00 32.48 ? 56  SER A CB  1 
ATOM   470 O OG  . SER A 1 62  ? -0.407  2.829   17.961  1.00 86.97 ? 56  SER A OG  1 
ATOM   471 N N   . GLY A 1 63  ? 1.953   2.083   15.786  1.00 29.96 ? 57  GLY A N   1 
ATOM   472 C CA  . GLY A 1 63  ? 2.954   1.017   15.752  1.00 24.33 ? 57  GLY A CA  1 
ATOM   473 C C   . GLY A 1 63  ? 3.592   0.762   14.382  1.00 39.16 ? 57  GLY A C   1 
ATOM   474 O O   . GLY A 1 63  ? 4.389   -0.160  14.284  1.00 31.77 ? 57  GLY A O   1 
ATOM   475 N N   . VAL A 1 64  ? 3.178   1.459   13.338  1.00 28.85 ? 58  VAL A N   1 
ATOM   476 C CA  . VAL A 1 64  ? 3.802   1.215   12.036  1.00 14.24 ? 58  VAL A CA  1 
ATOM   477 C C   . VAL A 1 64  ? 4.986   2.157   11.950  1.00 15.09 ? 58  VAL A C   1 
ATOM   478 O O   . VAL A 1 64  ? 4.779   3.348   12.162  1.00 21.48 ? 58  VAL A O   1 
ATOM   479 C CB  . VAL A 1 64  ? 2.774   1.559   10.926  1.00 6.07  ? 58  VAL A CB  1 
ATOM   480 C CG1 . VAL A 1 64  ? 3.499   1.659   9.562   1.00 4.25  ? 58  VAL A CG1 1 
ATOM   481 C CG2 . VAL A 1 64  ? 1.630   0.518   10.923  1.00 3.00  ? 58  VAL A CG2 1 
ATOM   482 N N   . PRO A 1 65  ? 6.163   1.645   11.684  1.00 12.34 ? 59  PRO A N   1 
ATOM   483 C CA  . PRO A 1 65  ? 7.341   2.519   11.652  1.00 8.50  ? 59  PRO A CA  1 
ATOM   484 C C   . PRO A 1 65  ? 7.282   3.593   10.548  1.00 13.33 ? 59  PRO A C   1 
ATOM   485 O O   . PRO A 1 65  ? 6.628   3.421   9.522   1.00 14.66 ? 59  PRO A O   1 
ATOM   486 C CB  . PRO A 1 65  ? 8.489   1.572   11.428  1.00 16.57 ? 59  PRO A CB  1 
ATOM   487 C CG  . PRO A 1 65  ? 7.926   0.208   11.102  1.00 17.19 ? 59  PRO A CG  1 
ATOM   488 C CD  . PRO A 1 65  ? 6.457   0.245   11.474  1.00 7.65  ? 59  PRO A CD  1 
ATOM   489 N N   . ASP A 1 66  ? 8.024   4.647   10.768  1.00 18.82 ? 60  ASP A N   1 
ATOM   490 C CA  . ASP A 1 66  ? 8.095   5.813   9.889   1.00 25.73 ? 60  ASP A CA  1 
ATOM   491 C C   . ASP A 1 66  ? 8.845   5.528   8.592   1.00 28.24 ? 60  ASP A C   1 
ATOM   492 O O   . ASP A 1 66  ? 8.778   6.329   7.662   1.00 22.09 ? 60  ASP A O   1 
ATOM   493 C CB  . ASP A 1 66  ? 8.647   7.098   10.598  1.00 40.89 ? 60  ASP A CB  1 
ATOM   494 C CG  . ASP A 1 66  ? 10.137  7.021   10.982  0.50 70.69 ? 60  ASP A CG  1 
ATOM   495 O OD1 . ASP A 1 66  ? 10.974  6.359   10.370  0.50 84.49 ? 60  ASP A OD1 1 
ATOM   496 O OD2 . ASP A 1 66  ? 10.529  7.663   11.955  0.50 89.22 ? 60  ASP A OD2 1 
ATOM   497 N N   . ARG A 1 67  ? 9.474   4.360   8.515   1.00 15.69 ? 61  ARG A N   1 
ATOM   498 C CA  . ARG A 1 67  ? 10.066  3.990   7.243   1.00 11.63 ? 61  ARG A CA  1 
ATOM   499 C C   . ARG A 1 67  ? 9.012   3.590   6.193   1.00 10.22 ? 61  ARG A C   1 
ATOM   500 O O   . ARG A 1 67  ? 9.323   3.704   5.025   1.00 13.53 ? 61  ARG A O   1 
ATOM   501 C CB  . ARG A 1 67  ? 11.179  2.922   7.386   1.00 3.97  ? 61  ARG A CB  1 
ATOM   502 C CG  . ARG A 1 67  ? 10.620  1.530   7.726   1.00 9.43  ? 61  ARG A CG  1 
ATOM   503 C CD  . ARG A 1 67  ? 11.690  0.433   7.505   1.00 17.32 ? 61  ARG A CD  1 
ATOM   504 N NE  . ARG A 1 67  ? 11.085  -0.873  7.850   1.00 13.76 ? 61  ARG A NE  1 
ATOM   505 C CZ  . ARG A 1 67  ? 11.040  -1.283  9.129   1.00 21.79 ? 61  ARG A CZ  1 
ATOM   506 N NH1 . ARG A 1 67  ? 11.625  -0.580  10.072  1.00 26.52 ? 61  ARG A NH1 1 
ATOM   507 N NH2 . ARG A 1 67  ? 10.457  -2.421  9.504   1.00 17.17 ? 61  ARG A NH2 1 
ATOM   508 N N   . PHE A 1 68  ? 7.731   3.473   6.574   1.00 6.73  ? 62  PHE A N   1 
ATOM   509 C CA  . PHE A 1 68  ? 6.623   3.378   5.623   1.00 3.00  ? 62  PHE A CA  1 
ATOM   510 C C   . PHE A 1 68  ? 6.038   4.768   5.351   1.00 15.02 ? 62  PHE A C   1 
ATOM   511 O O   . PHE A 1 68  ? 5.598   5.443   6.265   1.00 19.30 ? 62  PHE A O   1 
ATOM   512 C CB  . PHE A 1 68  ? 5.536   2.507   6.225   1.00 4.71  ? 62  PHE A CB  1 
ATOM   513 C CG  . PHE A 1 68  ? 6.014   1.040   6.260   1.00 6.22  ? 62  PHE A CG  1 
ATOM   514 C CD1 . PHE A 1 68  ? 5.796   0.251   5.166   1.00 6.02  ? 62  PHE A CD1 1 
ATOM   515 C CD2 . PHE A 1 68  ? 6.640   0.516   7.373   1.00 17.39 ? 62  PHE A CD2 1 
ATOM   516 C CE1 . PHE A 1 68  ? 6.240   -1.065  5.147   1.00 4.84  ? 62  PHE A CE1 1 
ATOM   517 C CE2 . PHE A 1 68  ? 7.027   -0.829  7.391   1.00 13.15 ? 62  PHE A CE2 1 
ATOM   518 C CZ  . PHE A 1 68  ? 6.828   -1.615  6.276   1.00 6.54  ? 62  PHE A CZ  1 
ATOM   519 N N   . THR A 1 69  ? 5.912   5.177   4.115   1.00 7.70  ? 63  THR A N   1 
ATOM   520 C CA  . THR A 1 69  ? 5.132   6.362   3.831   1.00 6.47  ? 63  THR A CA  1 
ATOM   521 C C   . THR A 1 69  ? 4.103   6.111   2.725   1.00 8.20  ? 63  THR A C   1 
ATOM   522 O O   . THR A 1 69  ? 4.534   5.832   1.611   1.00 8.35  ? 63  THR A O   1 
ATOM   523 C CB  . THR A 1 69  ? 6.114   7.465   3.310   1.00 18.24 ? 63  THR A CB  1 
ATOM   524 O OG1 . THR A 1 69  ? 7.017   7.705   4.352   1.00 22.61 ? 63  THR A OG1 1 
ATOM   525 C CG2 . THR A 1 69  ? 5.369   8.780   3.027   1.00 23.61 ? 63  THR A CG2 1 
ATOM   526 N N   . GLY A 1 70  ? 2.843   6.504   2.926   1.00 3.70  ? 64  GLY A N   1 
ATOM   527 C CA  . GLY A 1 70  ? 1.855   6.422   1.836   1.00 3.00  ? 64  GLY A CA  1 
ATOM   528 C C   . GLY A 1 70  ? 1.583   7.831   1.330   1.00 8.35  ? 64  GLY A C   1 
ATOM   529 O O   . GLY A 1 70  ? 1.689   8.765   2.122   1.00 9.81  ? 64  GLY A O   1 
ATOM   530 N N   . SER A 1 71  ? 1.445   7.990   0.015   1.00 9.19  ? 65  SER A N   1 
ATOM   531 C CA  . SER A 1 71  ? 1.203   9.303   -0.570  1.00 5.99  ? 65  SER A CA  1 
ATOM   532 C C   . SER A 1 71  ? 0.370   9.197   -1.819  1.00 10.03 ? 65  SER A C   1 
ATOM   533 O O   . SER A 1 71  ? 0.101   8.097   -2.286  1.00 6.45  ? 65  SER A O   1 
ATOM   534 C CB  . SER A 1 71  ? 2.505   10.115  -0.847  1.00 16.03 ? 65  SER A CB  1 
ATOM   535 O OG  . SER A 1 71  ? 3.338   9.369   -1.705  1.00 15.43 ? 65  SER A OG  1 
ATOM   536 N N   . GLY A 1 72  ? -0.039  10.367  -2.272  1.00 6.07  ? 66  GLY A N   1 
ATOM   537 C CA  . GLY A 1 72  ? -0.750  10.533  -3.533  1.00 6.97  ? 66  GLY A CA  1 
ATOM   538 C C   . GLY A 1 72  ? -2.211  10.921  -3.305  1.00 8.18  ? 66  GLY A C   1 
ATOM   539 O O   . GLY A 1 72  ? -2.612  11.166  -2.168  1.00 11.65 ? 66  GLY A O   1 
ATOM   540 N N   . SER A 1 73  ? -2.954  11.069  -4.388  1.00 6.52  ? 67  SER A N   1 
ATOM   541 C CA  . SER A 1 73  ? -4.311  11.628  -4.234  1.00 7.27  ? 67  SER A CA  1 
ATOM   542 C C   . SER A 1 73  ? -5.121  11.337  -5.485  1.00 8.92  ? 67  SER A C   1 
ATOM   543 O O   . SER A 1 73  ? -4.495  11.145  -6.527  1.00 10.69 ? 67  SER A O   1 
ATOM   544 C CB  . SER A 1 73  ? -4.164  13.206  -4.182  1.00 7.84  ? 67  SER A CB  1 
ATOM   545 O OG  . SER A 1 73  ? -5.464  13.718  -4.163  1.00 27.29 ? 67  SER A OG  1 
ATOM   546 N N   . GLY A 1 74  ? -6.446  11.310  -5.354  1.00 3.00  ? 68  GLY A N   1 
ATOM   547 C CA  . GLY A 1 74  ? -7.341  11.138  -6.506  1.00 3.00  ? 68  GLY A CA  1 
ATOM   548 C C   . GLY A 1 74  ? -7.345  9.672   -6.960  1.00 8.72  ? 68  GLY A C   1 
ATOM   549 O O   . GLY A 1 74  ? -8.026  8.805   -6.383  1.00 3.53  ? 68  GLY A O   1 
ATOM   550 N N   . THR A 1 75  ? -6.495  9.384   -7.951  1.00 10.53 ? 69  THR A N   1 
ATOM   551 C CA  . THR A 1 75  ? -6.387  7.998   -8.482  1.00 3.62  ? 69  THR A CA  1 
ATOM   552 C C   . THR A 1 75  ? -4.997  7.399   -8.259  1.00 10.45 ? 69  THR A C   1 
ATOM   553 O O   . THR A 1 75  ? -4.787  6.217   -8.535  1.00 3.08  ? 69  THR A O   1 
ATOM   554 C CB  . THR A 1 75  ? -6.739  7.966   -9.995  1.00 7.31  ? 69  THR A CB  1 
ATOM   555 O OG1 . THR A 1 75  ? -5.798  8.839   -10.672 1.00 6.52  ? 69  THR A OG1 1 
ATOM   556 C CG2 . THR A 1 75  ? -8.219  8.356   -10.258 1.00 3.49  ? 69  THR A CG2 1 
ATOM   557 N N   . ASP A 1 76  ? -4.004  8.256   -7.971  1.00 3.39  ? 70  ASP A N   1 
ATOM   558 C CA  . ASP A 1 76  ? -2.606  7.729   -8.143  1.00 4.07  ? 70  ASP A CA  1 
ATOM   559 C C   . ASP A 1 76  ? -1.946  7.726   -6.791  1.00 7.71  ? 70  ASP A C   1 
ATOM   560 O O   . ASP A 1 76  ? -1.801  8.802   -6.198  1.00 3.88  ? 70  ASP A O   1 
ATOM   561 C CB  . ASP A 1 76  ? -1.766  8.666   -9.063  1.00 5.53  ? 70  ASP A CB  1 
ATOM   562 C CG  . ASP A 1 76  ? -2.391  8.749   -10.461 1.00 16.52 ? 70  ASP A CG  1 
ATOM   563 O OD1 . ASP A 1 76  ? -3.201  7.903   -10.878 1.00 10.04 ? 70  ASP A OD1 1 
ATOM   564 O OD2 . ASP A 1 76  ? -2.099  9.692   -11.207 1.00 14.51 ? 70  ASP A OD2 1 
ATOM   565 N N   . PHE A 1 77  ? -1.621  6.521   -6.306  1.00 3.53  ? 71  PHE A N   1 
ATOM   566 C CA  . PHE A 1 77  ? -1.088  6.426   -4.942  1.00 3.00  ? 71  PHE A CA  1 
ATOM   567 C C   . PHE A 1 77  ? 0.250   5.658   -4.945  1.00 8.16  ? 71  PHE A C   1 
ATOM   568 O O   . PHE A 1 77  ? 0.523   4.856   -5.846  1.00 3.00  ? 71  PHE A O   1 
ATOM   569 C CB  . PHE A 1 77  ? -2.133  5.717   -4.036  1.00 4.88  ? 71  PHE A CB  1 
ATOM   570 C CG  . PHE A 1 77  ? -3.458  6.507   -3.997  1.00 9.50  ? 71  PHE A CG  1 
ATOM   571 C CD1 . PHE A 1 77  ? -3.645  7.510   -3.052  1.00 3.00  ? 71  PHE A CD1 1 
ATOM   572 C CD2 . PHE A 1 77  ? -4.464  6.183   -4.911  1.00 7.20  ? 71  PHE A CD2 1 
ATOM   573 C CE1 . PHE A 1 77  ? -4.855  8.240   -3.042  1.00 4.97  ? 71  PHE A CE1 1 
ATOM   574 C CE2 . PHE A 1 77  ? -5.664  6.891   -4.895  1.00 3.92  ? 71  PHE A CE2 1 
ATOM   575 C CZ  . PHE A 1 77  ? -5.846  7.933   -3.971  1.00 5.25  ? 71  PHE A CZ  1 
ATOM   576 N N   . THR A 1 78  ? 1.008   5.868   -3.891  1.00 4.52  ? 72  THR A N   1 
ATOM   577 C CA  . THR A 1 78  ? 2.393   5.324   -3.736  1.00 17.26 ? 72  THR A CA  1 
ATOM   578 C C   . THR A 1 78  ? 2.522   4.828   -2.309  1.00 7.13  ? 72  THR A C   1 
ATOM   579 O O   . THR A 1 78  ? 2.145   5.542   -1.377  1.00 6.24  ? 72  THR A O   1 
ATOM   580 C CB  . THR A 1 78  ? 3.429   6.466   -4.075  1.00 3.00  ? 72  THR A CB  1 
ATOM   581 O OG1 . THR A 1 78  ? 3.208   6.694   -5.483  1.00 14.81 ? 72  THR A OG1 1 
ATOM   582 C CG2 . THR A 1 78  ? 4.856   6.029   -3.882  1.00 9.61  ? 72  THR A CG2 1 
ATOM   583 N N   . LEU A 1 79  ? 3.225   3.712   -2.166  1.00 4.89  ? 73  LEU A N   1 
ATOM   584 C CA  . LEU A 1 79  ? 3.768   3.325   -0.863  1.00 5.37  ? 73  LEU A CA  1 
ATOM   585 C C   . LEU A 1 79  ? 5.294   3.226   -1.011  1.00 10.88 ? 73  LEU A C   1 
ATOM   586 O O   . LEU A 1 79  ? 5.773   2.575   -1.951  1.00 8.42  ? 73  LEU A O   1 
ATOM   587 C CB  . LEU A 1 79  ? 3.207   1.960   -0.377  1.00 3.66  ? 73  LEU A CB  1 
ATOM   588 C CG  . LEU A 1 79  ? 3.727   1.492   1.011   1.00 3.00  ? 73  LEU A CG  1 
ATOM   589 C CD1 . LEU A 1 79  ? 3.300   2.425   2.145   1.00 3.00  ? 73  LEU A CD1 1 
ATOM   590 C CD2 . LEU A 1 79  ? 3.303   0.017   1.224   1.00 3.00  ? 73  LEU A CD2 1 
ATOM   591 N N   . THR A 1 80  ? 6.023   3.971   -0.162  1.00 5.18  ? 74  THR A N   1 
ATOM   592 C CA  . THR A 1 80  ? 7.479   3.932   -0.186  1.00 3.00  ? 74  THR A CA  1 
ATOM   593 C C   . THR A 1 80  ? 7.941   3.341   1.128   1.00 10.13 ? 74  THR A C   1 
ATOM   594 O O   . THR A 1 80  ? 7.407   3.683   2.177   1.00 7.65  ? 74  THR A O   1 
ATOM   595 C CB  . THR A 1 80  ? 8.038   5.381   -0.318  1.00 3.62  ? 74  THR A CB  1 
ATOM   596 O OG1 . THR A 1 80  ? 7.716   5.699   -1.664  1.00 10.66 ? 74  THR A OG1 1 
ATOM   597 C CG2 . THR A 1 80  ? 9.588   5.414   -0.274  1.00 6.61  ? 74  THR A CG2 1 
ATOM   598 N N   . ILE A 1 81  ? 8.930   2.483   1.052   1.00 7.90  ? 75  ILE A N   1 
ATOM   599 C CA  . ILE A 1 81  ? 9.643   1.981   2.242   1.00 9.26  ? 75  ILE A CA  1 
ATOM   600 C C   . ILE A 1 81  ? 11.115  2.399   2.147   1.00 6.82  ? 75  ILE A C   1 
ATOM   601 O O   . ILE A 1 81  ? 11.772  2.122   1.141   1.00 5.96  ? 75  ILE A O   1 
ATOM   602 C CB  . ILE A 1 81  ? 9.635   0.464   2.364   1.00 3.00  ? 75  ILE A CB  1 
ATOM   603 C CG1 . ILE A 1 81  ? 8.221   -0.158  2.246   1.00 6.32  ? 75  ILE A CG1 1 
ATOM   604 C CG2 . ILE A 1 81  ? 10.279  0.132   3.701   1.00 3.22  ? 75  ILE A CG2 1 
ATOM   605 C CD1 . ILE A 1 81  ? 8.277   -1.670  2.029   1.00 3.58  ? 75  ILE A CD1 1 
ATOM   606 N N   . SER A 1 82  ? 11.471  3.345   2.970   1.00 10.43 ? 76  SER A N   1 
ATOM   607 C CA  . SER A 1 82  ? 12.761  4.060   2.744   1.00 8.15  ? 76  SER A CA  1 
ATOM   608 C C   . SER A 1 82  ? 13.971  3.212   3.079   1.00 8.05  ? 76  SER A C   1 
ATOM   609 O O   . SER A 1 82  ? 15.067  3.489   2.605   1.00 14.34 ? 76  SER A O   1 
ATOM   610 C CB  . SER A 1 82  ? 12.826  5.298   3.666   1.00 13.08 ? 76  SER A CB  1 
ATOM   611 O OG  . SER A 1 82  ? 12.537  4.969   5.032   1.00 17.84 ? 76  SER A OG  1 
ATOM   612 N N   . SER A 1 83  ? 13.801  2.269   3.952   1.00 7.69  ? 77  SER A N   1 
ATOM   613 C CA  . SER A 1 83  ? 14.975  1.422   4.323   1.00 3.44  ? 77  SER A CA  1 
ATOM   614 C C   . SER A 1 83  ? 14.416  0.014   4.651   1.00 12.24 ? 77  SER A C   1 
ATOM   615 O O   . SER A 1 83  ? 14.030  -0.260  5.776   1.00 7.04  ? 77  SER A O   1 
ATOM   616 C CB  . SER A 1 83  ? 15.596  2.017   5.611   1.00 3.00  ? 77  SER A CB  1 
ATOM   617 O OG  . SER A 1 83  ? 16.710  1.172   5.930   1.00 9.50  ? 77  SER A OG  1 
ATOM   618 N N   . VAL A 1 84  ? 14.288  -0.840  3.673   1.00 6.82  ? 78  VAL A N   1 
ATOM   619 C CA  . VAL A 1 84  ? 13.632  -2.160  3.858   1.00 10.58 ? 78  VAL A CA  1 
ATOM   620 C C   . VAL A 1 84  ? 14.392  -3.071  4.842   1.00 24.95 ? 78  VAL A C   1 
ATOM   621 O O   . VAL A 1 84  ? 15.598  -3.286  4.724   1.00 15.38 ? 78  VAL A O   1 
ATOM   622 C CB  . VAL A 1 84  ? 13.547  -2.877  2.490   1.00 10.58 ? 78  VAL A CB  1 
ATOM   623 C CG1 . VAL A 1 84  ? 13.125  -4.341  2.708   1.00 7.51  ? 78  VAL A CG1 1 
ATOM   624 C CG2 . VAL A 1 84  ? 12.584  -2.113  1.537   1.00 8.51  ? 78  VAL A CG2 1 
ATOM   625 N N   . GLN A 1 85  ? 13.683  -3.632  5.796   1.00 14.71 ? 79  GLN A N   1 
ATOM   626 C CA  . GLN A 1 85  ? 14.292  -4.578  6.725   1.00 10.15 ? 79  GLN A CA  1 
ATOM   627 C C   . GLN A 1 85  ? 13.691  -5.974  6.590   1.00 20.05 ? 79  GLN A C   1 
ATOM   628 O O   . GLN A 1 85  ? 12.711  -6.193  5.870   1.00 9.66  ? 79  GLN A O   1 
ATOM   629 C CB  . GLN A 1 85  ? 14.080  -4.066  8.163   1.00 8.61  ? 79  GLN A CB  1 
ATOM   630 C CG  . GLN A 1 85  ? 14.745  -2.690  8.490   1.00 6.07  ? 79  GLN A CG  1 
ATOM   631 C CD  . GLN A 1 85  ? 16.239  -2.636  8.145   1.00 15.38 ? 79  GLN A CD  1 
ATOM   632 O OE1 . GLN A 1 85  ? 16.729  -1.632  7.593   1.00 17.33 ? 79  GLN A OE1 1 
ATOM   633 N NE2 . GLN A 1 85  ? 16.950  -3.694  8.460   1.00 10.04 ? 79  GLN A NE2 1 
ATOM   634 N N   . ALA A 1 86  ? 14.331  -6.898  7.251   1.00 11.06 ? 80  ALA A N   1 
ATOM   635 C CA  . ALA A 1 86  ? 13.958  -8.311  7.049   1.00 9.61  ? 80  ALA A CA  1 
ATOM   636 C C   . ALA A 1 86  ? 12.502  -8.592  7.456   1.00 8.15  ? 80  ALA A C   1 
ATOM   637 O O   . ALA A 1 86  ? 11.766  -9.339  6.818   1.00 14.15 ? 80  ALA A O   1 
ATOM   638 C CB  . ALA A 1 86  ? 14.880  -9.143  7.935   1.00 18.14 ? 80  ALA A CB  1 
ATOM   639 N N   . GLU A 1 87  ? 12.033  -7.894  8.405   1.00 8.27  ? 81  GLU A N   1 
ATOM   640 C CA  . GLU A 1 87  ? 10.668  -8.239  8.762   1.00 11.07 ? 81  GLU A CA  1 
ATOM   641 C C   . GLU A 1 87  ? 9.650   -7.596  7.808   1.00 16.04 ? 81  GLU A C   1 
ATOM   642 O O   . GLU A 1 87  ? 8.460   -7.708  8.060   1.00 21.19 ? 81  GLU A O   1 
ATOM   643 C CB  . GLU A 1 87  ? 10.492  -7.679  10.179  1.00 9.79  ? 81  GLU A CB  1 
ATOM   644 C CG  . GLU A 1 87  ? 10.218  -6.182  10.092  1.00 33.97 ? 81  GLU A CG  1 
ATOM   645 C CD  . GLU A 1 87  ? 11.007  -5.490  11.159  1.00 55.06 ? 81  GLU A CD  1 
ATOM   646 O OE1 . GLU A 1 87  ? 12.202  -5.299  10.988  1.00 57.28 ? 81  GLU A OE1 1 
ATOM   647 O OE2 . GLU A 1 87  ? 10.460  -5.112  12.185  1.00 65.53 ? 81  GLU A OE2 1 
ATOM   648 N N   . ASP A 1 88  ? 10.110  -6.810  6.827   1.00 9.87  ? 82  ASP A N   1 
ATOM   649 C CA  . ASP A 1 88  ? 9.161   -6.186  5.877   1.00 5.59  ? 82  ASP A CA  1 
ATOM   650 C C   . ASP A 1 88  ? 8.819   -7.164  4.769   1.00 8.79  ? 82  ASP A C   1 
ATOM   651 O O   . ASP A 1 88  ? 8.023   -6.858  3.900   1.00 5.18  ? 82  ASP A O   1 
ATOM   652 C CB  . ASP A 1 88  ? 9.696   -4.890  5.254   1.00 3.00  ? 82  ASP A CB  1 
ATOM   653 C CG  . ASP A 1 88  ? 9.995   -3.888  6.344   1.00 10.38 ? 82  ASP A CG  1 
ATOM   654 O OD1 . ASP A 1 88  ? 9.370   -3.862  7.399   1.00 8.28  ? 82  ASP A OD1 1 
ATOM   655 O OD2 . ASP A 1 88  ? 10.882  -3.065  6.165   1.00 10.78 ? 82  ASP A OD2 1 
ATOM   656 N N   . LEU A 1 89  ? 9.376   -8.362  4.815   1.00 4.06  ? 83  LEU A N   1 
ATOM   657 C CA  . LEU A 1 89  ? 9.090   -9.326  3.740   1.00 5.79  ? 83  LEU A CA  1 
ATOM   658 C C   . LEU A 1 89  ? 7.582   -9.668  3.756   1.00 15.39 ? 83  LEU A C   1 
ATOM   659 O O   . LEU A 1 89  ? 7.097   -10.063 4.802   1.00 7.17  ? 83  LEU A O   1 
ATOM   660 C CB  . LEU A 1 89  ? 9.934   -10.583 4.084   1.00 21.21 ? 83  LEU A CB  1 
ATOM   661 C CG  . LEU A 1 89  ? 9.826   -11.905 3.234   1.00 29.18 ? 83  LEU A CG  1 
ATOM   662 C CD1 . LEU A 1 89  ? 8.536   -12.713 3.338   1.00 59.56 ? 83  LEU A CD1 1 
ATOM   663 C CD2 . LEU A 1 89  ? 10.283  -11.791 1.811   1.00 57.84 ? 83  LEU A CD2 1 
ATOM   664 N N   . ALA A 1 90  ? 6.853   -9.463  2.658   1.00 3.69  ? 84  ALA A N   1 
ATOM   665 C CA  . ALA A 1 90  ? 5.374   -9.538  2.680   1.00 3.71  ? 84  ALA A CA  1 
ATOM   666 C C   . ALA A 1 90  ? 4.831   -9.257  1.284   1.00 9.20  ? 84  ALA A C   1 
ATOM   667 O O   . ALA A 1 90  ? 5.542   -8.753  0.409   1.00 7.85  ? 84  ALA A O   1 
ATOM   668 C CB  . ALA A 1 90  ? 4.839   -8.467  3.637   1.00 3.00  ? 84  ALA A CB  1 
ATOM   669 N N   . VAL A 1 91  ? 3.531   -9.422  1.162   1.00 4.60  ? 85  VAL A N   1 
ATOM   670 C CA  . VAL A 1 91  ? 2.794   -8.895  0.004   1.00 4.61  ? 85  VAL A CA  1 
ATOM   671 C C   . VAL A 1 91  ? 2.104   -7.612  0.491   1.00 9.14  ? 85  VAL A C   1 
ATOM   672 O O   . VAL A 1 91  ? 1.479   -7.608  1.554   1.00 6.41  ? 85  VAL A O   1 
ATOM   673 C CB  . VAL A 1 91  ? 1.747   -9.918  -0.551  1.00 4.09  ? 85  VAL A CB  1 
ATOM   674 C CG1 . VAL A 1 91  ? 0.998   -9.313  -1.752  1.00 3.00  ? 85  VAL A CG1 1 
ATOM   675 C CG2 . VAL A 1 91  ? 2.443   -11.195 -1.090  1.00 6.17  ? 85  VAL A CG2 1 
ATOM   676 N N   . TYR A 1 92  ? 2.162   -6.552  -0.296  1.00 3.93  ? 86  TYR A N   1 
ATOM   677 C CA  . TYR A 1 92  ? 1.501   -5.310  0.095   1.00 3.00  ? 86  TYR A CA  1 
ATOM   678 C C   . TYR A 1 92  ? 0.310   -5.113  -0.837  1.00 4.01  ? 86  TYR A C   1 
ATOM   679 O O   . TYR A 1 92  ? 0.442   -5.305  -2.035  1.00 5.37  ? 86  TYR A O   1 
ATOM   680 C CB  . TYR A 1 92  ? 2.465   -4.084  -0.020  1.00 3.00  ? 86  TYR A CB  1 
ATOM   681 C CG  . TYR A 1 92  ? 3.561   -4.233  1.032   1.00 6.26  ? 86  TYR A CG  1 
ATOM   682 C CD1 . TYR A 1 92  ? 4.698   -5.019  0.800   1.00 7.08  ? 86  TYR A CD1 1 
ATOM   683 C CD2 . TYR A 1 92  ? 3.347   -3.662  2.281   1.00 3.81  ? 86  TYR A CD2 1 
ATOM   684 C CE1 . TYR A 1 92  ? 5.662   -5.202  1.831   1.00 5.51  ? 86  TYR A CE1 1 
ATOM   685 C CE2 . TYR A 1 92  ? 4.297   -3.846  3.313   1.00 14.24 ? 86  TYR A CE2 1 
ATOM   686 C CZ  . TYR A 1 92  ? 5.459   -4.605  3.076   1.00 12.48 ? 86  TYR A CZ  1 
ATOM   687 O OH  . TYR A 1 92  ? 6.295   -4.910  4.126   1.00 3.37  ? 86  TYR A OH  1 
ATOM   688 N N   . TYR A 1 93  ? -0.825  -4.772  -0.276  1.00 3.86  ? 87  TYR A N   1 
ATOM   689 C CA  . TYR A 1 93  ? -2.043  -4.549  -1.084  1.00 6.98  ? 87  TYR A CA  1 
ATOM   690 C C   . TYR A 1 93  ? -2.566  -3.123  -0.846  1.00 11.86 ? 87  TYR A C   1 
ATOM   691 O O   . TYR A 1 93  ? -2.575  -2.627  0.276   1.00 11.16 ? 87  TYR A O   1 
ATOM   692 C CB  . TYR A 1 93  ? -3.152  -5.499  -0.574  1.00 5.85  ? 87  TYR A CB  1 
ATOM   693 C CG  . TYR A 1 93  ? -2.904  -6.995  -0.853  1.00 6.76  ? 87  TYR A CG  1 
ATOM   694 C CD1 . TYR A 1 93  ? -3.076  -7.480  -2.121  1.00 3.34  ? 87  TYR A CD1 1 
ATOM   695 C CD2 . TYR A 1 93  ? -2.574  -7.847  0.182   1.00 6.19  ? 87  TYR A CD2 1 
ATOM   696 C CE1 . TYR A 1 93  ? -2.929  -8.838  -2.375  1.00 4.54  ? 87  TYR A CE1 1 
ATOM   697 C CE2 . TYR A 1 93  ? -2.382  -9.176  -0.069  1.00 5.17  ? 87  TYR A CE2 1 
ATOM   698 C CZ  . TYR A 1 93  ? -2.577  -9.667  -1.335  1.00 6.51  ? 87  TYR A CZ  1 
ATOM   699 O OH  . TYR A 1 93  ? -2.274  -10.964 -1.570  1.00 11.69 ? 87  TYR A OH  1 
ATOM   700 N N   . CYS A 1 94  ? -3.056  -2.485  -1.877  1.00 3.98  ? 88  CYS A N   1 
ATOM   701 C CA  . CYS A 1 94  ? -3.802  -1.290  -1.599  1.00 3.17  ? 88  CYS A CA  1 
ATOM   702 C C   . CYS A 1 94  ? -5.286  -1.632  -1.739  1.00 12.85 ? 88  CYS A C   1 
ATOM   703 O O   . CYS A 1 94  ? -5.587  -2.597  -2.434  1.00 4.43  ? 88  CYS A O   1 
ATOM   704 C CB  . CYS A 1 94  ? -3.463  -0.141  -2.561  1.00 3.49  ? 88  CYS A CB  1 
ATOM   705 S SG  . CYS A 1 94  ? -3.714  -0.569  -4.305  1.00 6.59  ? 88  CYS A SG  1 
ATOM   706 N N   . GLN A 1 95  ? -6.166  -0.910  -1.049  1.00 3.00  ? 89  GLN A N   1 
ATOM   707 C CA  . GLN A 1 95  ? -7.557  -1.264  -1.087  1.00 3.00  ? 89  GLN A CA  1 
ATOM   708 C C   . GLN A 1 95  ? -8.408  -0.011  -1.237  1.00 5.09  ? 89  GLN A C   1 
ATOM   709 O O   . GLN A 1 95  ? -8.174  0.931   -0.505  1.00 3.38  ? 89  GLN A O   1 
ATOM   710 C CB  . GLN A 1 95  ? -7.875  -1.884  0.270   1.00 3.00  ? 89  GLN A CB  1 
ATOM   711 C CG  . GLN A 1 95  ? -9.330  -2.510  0.280   1.00 3.00  ? 89  GLN A CG  1 
ATOM   712 C CD  . GLN A 1 95  ? -9.859  -2.511  1.706   1.00 11.15 ? 89  GLN A CD  1 
ATOM   713 O OE1 . GLN A 1 95  ? -10.660 -3.382  2.053   1.00 12.66 ? 89  GLN A OE1 1 
ATOM   714 N NE2 . GLN A 1 95  ? -9.363  -1.551  2.521   1.00 3.00  ? 89  GLN A NE2 1 
ATOM   715 N N   . ASN A 1 96  ? -9.410  -0.045  -2.097  1.00 4.09  ? 90  ASN A N   1 
ATOM   716 C CA  . ASN A 1 96  ? -10.501 0.942   -2.060  1.00 4.64  ? 90  ASN A CA  1 
ATOM   717 C C   . ASN A 1 96  ? -11.377 0.612   -0.844  1.00 11.25 ? 90  ASN A C   1 
ATOM   718 O O   . ASN A 1 96  ? -11.932 -0.497  -0.757  1.00 4.86  ? 90  ASN A O   1 
ATOM   719 C CB  . ASN A 1 96  ? -11.299 0.840   -3.406  1.00 10.83 ? 90  ASN A CB  1 
ATOM   720 C CG  . ASN A 1 96  ? -12.834 0.903   -3.248  1.00 15.85 ? 90  ASN A CG  1 
ATOM   721 O OD1 . ASN A 1 96  ? -13.328 1.831   -2.620  1.00 6.45  ? 90  ASN A OD1 1 
ATOM   722 N ND2 . ASN A 1 96  ? -13.542 -0.093  -3.812  1.00 7.46  ? 90  ASN A ND2 1 
ATOM   723 N N   . ASP A 1 97  ? -11.339 1.498   0.162   1.00 7.21  ? 91  ASP A N   1 
ATOM   724 C CA  . ASP A 1 97  ? -11.903 1.060   1.430   1.00 4.15  ? 91  ASP A CA  1 
ATOM   725 C C   . ASP A 1 97  ? -13.220 1.738   1.784   1.00 11.75 ? 91  ASP A C   1 
ATOM   726 O O   . ASP A 1 97  ? -13.661 1.542   2.903   1.00 11.05 ? 91  ASP A O   1 
ATOM   727 C CB  . ASP A 1 97  ? -10.897 1.225   2.548   1.00 3.00  ? 91  ASP A CB  1 
ATOM   728 C CG  . ASP A 1 97  ? -10.606 2.715   2.817   1.00 19.20 ? 91  ASP A CG  1 
ATOM   729 O OD1 . ASP A 1 97  ? -11.199 3.626   2.241   1.00 9.35  ? 91  ASP A OD1 1 
ATOM   730 O OD2 . ASP A 1 97  ? -9.752  3.018   3.653   1.00 8.96  ? 91  ASP A OD2 1 
ATOM   731 N N   . HIS A 1 98  ? -13.864 2.391   0.836   1.00 4.97  ? 92  HIS A N   1 
ATOM   732 C CA  . HIS A 1 98  ? -15.113 3.057   1.215   1.00 6.46  ? 92  HIS A CA  1 
ATOM   733 C C   . HIS A 1 98  ? -16.202 2.878   0.158   1.00 16.20 ? 92  HIS A C   1 
ATOM   734 O O   . HIS A 1 98  ? -17.376 3.144   0.409   1.00 22.04 ? 92  HIS A O   1 
ATOM   735 C CB  . HIS A 1 98  ? -14.786 4.557   1.376   1.00 12.45 ? 92  HIS A CB  1 
ATOM   736 C CG  . HIS A 1 98  ? -15.855 5.364   2.120   1.00 40.96 ? 92  HIS A CG  1 
ATOM   737 N ND1 . HIS A 1 98  ? -15.908 5.395   3.519   1.00 39.79 ? 92  HIS A ND1 1 
ATOM   738 C CD2 . HIS A 1 98  ? -16.793 6.186   1.620   1.00 42.58 ? 92  HIS A CD2 1 
ATOM   739 C CE1 . HIS A 1 98  ? -16.954 6.271   3.873   1.00 63.73 ? 92  HIS A CE1 1 
ATOM   740 N NE2 . HIS A 1 98  ? -17.502 6.763   2.672   1.00 67.14 ? 92  HIS A NE2 1 
ATOM   741 N N   . SER A 1 99  ? -15.863 2.376   -0.999  1.00 10.43 ? 93  SER A N   1 
ATOM   742 C CA  . SER A 1 99  ? -16.934 2.312   -2.014  1.00 3.00  ? 93  SER A CA  1 
ATOM   743 C C   . SER A 1 99  ? -17.253 0.894   -2.408  1.00 7.82  ? 93  SER A C   1 
ATOM   744 O O   . SER A 1 99  ? -16.404 0.146   -2.893  1.00 10.45 ? 93  SER A O   1 
ATOM   745 C CB  . SER A 1 99  ? -16.488 3.226   -3.180  1.00 16.46 ? 93  SER A CB  1 
ATOM   746 O OG  . SER A 1 99  ? -17.357 3.161   -4.298  1.00 25.60 ? 93  SER A OG  1 
ATOM   747 N N   . TYR A 1 100 ? -18.405 0.435   -1.995  1.00 6.13  ? 94  TYR A N   1 
ATOM   748 C CA  . TYR A 1 100 ? -18.655 -1.023  -2.172  1.00 5.32  ? 94  TYR A CA  1 
ATOM   749 C C   . TYR A 1 100 ? -18.927 -1.437  -3.604  1.00 16.79 ? 94  TYR A C   1 
ATOM   750 O O   . TYR A 1 100 ? -19.601 -0.719  -4.343  1.00 14.89 ? 94  TYR A O   1 
ATOM   751 C CB  . TYR A 1 100 ? -19.888 -1.496  -1.376  1.00 10.41 ? 94  TYR A CB  1 
ATOM   752 C CG  . TYR A 1 100 ? -19.485 -1.642  0.084   1.00 13.08 ? 94  TYR A CG  1 
ATOM   753 C CD1 . TYR A 1 100 ? -19.114 -0.533  0.820   1.00 10.15 ? 94  TYR A CD1 1 
ATOM   754 C CD2 . TYR A 1 100 ? -19.446 -2.906  0.626   1.00 13.36 ? 94  TYR A CD2 1 
ATOM   755 C CE1 . TYR A 1 100 ? -18.719 -0.701  2.151   1.00 20.09 ? 94  TYR A CE1 1 
ATOM   756 C CE2 . TYR A 1 100 ? -19.038 -3.085  1.931   1.00 18.32 ? 94  TYR A CE2 1 
ATOM   757 C CZ  . TYR A 1 100 ? -18.682 -1.995  2.697   1.00 21.08 ? 94  TYR A CZ  1 
ATOM   758 O OH  . TYR A 1 100 ? -18.316 -2.215  3.998   1.00 23.49 ? 94  TYR A OH  1 
ATOM   759 N N   . PRO A 1 101 ? -18.546 -2.657  -3.923  1.00 11.72 ? 95  PRO A N   1 
ATOM   760 C CA  . PRO A 1 101 ? -17.794 -3.554  -3.044  1.00 8.88  ? 95  PRO A CA  1 
ATOM   761 C C   . PRO A 1 101 ? -16.348 -3.074  -2.887  1.00 12.72 ? 95  PRO A C   1 
ATOM   762 O O   . PRO A 1 101 ? -15.717 -2.629  -3.864  1.00 11.34 ? 95  PRO A O   1 
ATOM   763 C CB  . PRO A 1 101 ? -17.793 -4.912  -3.834  1.00 13.83 ? 95  PRO A CB  1 
ATOM   764 C CG  . PRO A 1 101 ? -17.853 -4.472  -5.281  1.00 17.89 ? 95  PRO A CG  1 
ATOM   765 C CD  . PRO A 1 101 ? -18.752 -3.251  -5.265  1.00 14.33 ? 95  PRO A CD  1 
ATOM   766 N N   . LEU A 1 102 ? -15.882 -3.231  -1.660  1.00 3.00  ? 96  LEU A N   1 
ATOM   767 C CA  . LEU A 1 102 ? -14.515 -2.858  -1.386  1.00 8.45  ? 96  LEU A CA  1 
ATOM   768 C C   . LEU A 1 102 ? -13.588 -3.812  -2.108  1.00 13.00 ? 96  LEU A C   1 
ATOM   769 O O   . LEU A 1 102 ? -14.009 -4.952  -2.294  1.00 15.51 ? 96  LEU A O   1 
ATOM   770 C CB  . LEU A 1 102 ? -14.250 -2.964  0.122   1.00 3.72  ? 96  LEU A CB  1 
ATOM   771 C CG  . LEU A 1 102 ? -15.248 -2.211  0.967   1.00 6.61  ? 96  LEU A CG  1 
ATOM   772 C CD1 . LEU A 1 102 ? -14.720 -2.371  2.402   1.00 4.26  ? 96  LEU A CD1 1 
ATOM   773 C CD2 . LEU A 1 102 ? -15.290 -0.717  0.527   1.00 3.01  ? 96  LEU A CD2 1 
ATOM   774 N N   . THR A 1 103 ? -12.496 -3.293  -2.666  1.00 6.09  ? 97  THR A N   1 
ATOM   775 C CA  . THR A 1 103 ? -11.661 -4.014  -3.674  1.00 3.74  ? 97  THR A CA  1 
ATOM   776 C C   . THR A 1 103 ? -10.173 -3.801  -3.395  1.00 6.55  ? 97  THR A C   1 
ATOM   777 O O   . THR A 1 103 ? -9.743  -2.707  -3.072  1.00 3.00  ? 97  THR A O   1 
ATOM   778 C CB  . THR A 1 103 ? -12.000 -3.672  -5.160  1.00 6.65  ? 97  THR A CB  1 
ATOM   779 O OG1 . THR A 1 103 ? -12.004 -2.240  -5.328  1.00 6.96  ? 97  THR A OG1 1 
ATOM   780 C CG2 . THR A 1 103 ? -13.376 -4.257  -5.627  1.00 3.00  ? 97  THR A CG2 1 
ATOM   781 N N   . PHE A 1 104 ? -9.452  -4.898  -3.417  1.00 7.16  ? 98  PHE A N   1 
ATOM   782 C CA  . PHE A 1 104 ? -8.006  -4.926  -3.260  1.00 3.00  ? 98  PHE A CA  1 
ATOM   783 C C   . PHE A 1 104 ? -7.376  -4.876  -4.651  1.00 14.76 ? 98  PHE A C   1 
ATOM   784 O O   . PHE A 1 104 ? -7.858  -5.532  -5.583  1.00 7.09  ? 98  PHE A O   1 
ATOM   785 C CB  . PHE A 1 104 ? -7.541  -6.220  -2.574  1.00 3.00  ? 98  PHE A CB  1 
ATOM   786 C CG  . PHE A 1 104 ? -7.770  -6.135  -1.044  1.00 8.08  ? 98  PHE A CG  1 
ATOM   787 C CD1 . PHE A 1 104 ? -8.961  -6.520  -0.438  1.00 5.20  ? 98  PHE A CD1 1 
ATOM   788 C CD2 . PHE A 1 104 ? -6.754  -5.591  -0.265  1.00 7.76  ? 98  PHE A CD2 1 
ATOM   789 C CE1 . PHE A 1 104 ? -9.120  -6.462  0.991   1.00 5.04  ? 98  PHE A CE1 1 
ATOM   790 C CE2 . PHE A 1 104 ? -6.868  -5.543  1.132   1.00 3.76  ? 98  PHE A CE2 1 
ATOM   791 C CZ  . PHE A 1 104 ? -8.044  -6.008  1.784   1.00 6.41  ? 98  PHE A CZ  1 
ATOM   792 N N   . GLY A 1 105 ? -6.138  -4.385  -4.686  1.00 4.47  ? 99  GLY A N   1 
ATOM   793 C CA  . GLY A 1 105 ? -5.365  -4.621  -5.919  1.00 5.40  ? 99  GLY A CA  1 
ATOM   794 C C   . GLY A 1 105 ? -4.696  -6.006  -5.849  1.00 15.61 ? 99  GLY A C   1 
ATOM   795 O O   . GLY A 1 105 ? -4.811  -6.704  -4.855  1.00 6.70  ? 99  GLY A O   1 
ATOM   796 N N   . ALA A 1 106 ? -3.930  -6.374  -6.840  1.00 6.58  ? 100 ALA A N   1 
ATOM   797 C CA  . ALA A 1 106 ? -3.399  -7.750  -6.878  1.00 4.86  ? 100 ALA A CA  1 
ATOM   798 C C   . ALA A 1 106 ? -2.109  -7.895  -6.054  1.00 10.68 ? 100 ALA A C   1 
ATOM   799 O O   . ALA A 1 106 ? -1.605  -9.001  -5.901  1.00 13.43 ? 100 ALA A O   1 
ATOM   800 C CB  . ALA A 1 106 ? -3.047  -8.051  -8.352  1.00 3.00  ? 100 ALA A CB  1 
ATOM   801 N N   . GLY A 1 107 ? -1.594  -6.818  -5.506  1.00 3.00  ? 101 GLY A N   1 
ATOM   802 C CA  . GLY A 1 107 ? -0.534  -6.984  -4.496  1.00 3.00  ? 101 GLY A CA  1 
ATOM   803 C C   . GLY A 1 107 ? 0.870   -6.816  -5.080  1.00 13.88 ? 101 GLY A C   1 
ATOM   804 O O   . GLY A 1 107 ? 1.050   -6.956  -6.278  1.00 8.60  ? 101 GLY A O   1 
ATOM   805 N N   . THR A 1 108 ? 1.796   -6.359  -4.276  1.00 3.00  ? 102 THR A N   1 
ATOM   806 C CA  . THR A 1 108 ? 3.198   -6.278  -4.677  1.00 4.94  ? 102 THR A CA  1 
ATOM   807 C C   . THR A 1 108 ? 3.975   -7.155  -3.705  1.00 11.94 ? 102 THR A C   1 
ATOM   808 O O   . THR A 1 108 ? 3.905   -6.898  -2.511  1.00 7.91  ? 102 THR A O   1 
ATOM   809 C CB  . THR A 1 108 ? 3.796   -4.850  -4.571  1.00 7.00  ? 102 THR A CB  1 
ATOM   810 O OG1 . THR A 1 108 ? 3.106   -4.087  -5.544  1.00 6.33  ? 102 THR A OG1 1 
ATOM   811 C CG2 . THR A 1 108 ? 5.315   -4.882  -4.882  1.00 3.00  ? 102 THR A CG2 1 
ATOM   812 N N   . LYS A 1 109 ? 4.557   -8.222  -4.206  1.00 5.19  ? 103 LYS A N   1 
ATOM   813 C CA  . LYS A 1 109 ? 5.332   -9.085  -3.328  1.00 9.02  ? 103 LYS A CA  1 
ATOM   814 C C   . LYS A 1 109 ? 6.747   -8.528  -3.143  1.00 3.59  ? 103 LYS A C   1 
ATOM   815 O O   . LYS A 1 109 ? 7.435   -8.294  -4.128  1.00 9.69  ? 103 LYS A O   1 
ATOM   816 C CB  . LYS A 1 109 ? 5.378   -10.492 -3.987  1.00 3.57  ? 103 LYS A CB  1 
ATOM   817 C CG  . LYS A 1 109 ? 6.003   -11.492 -3.021  1.00 15.96 ? 103 LYS A CG  1 
ATOM   818 C CD  . LYS A 1 109 ? 6.004   -12.913 -3.675  1.00 15.26 ? 103 LYS A CD  1 
ATOM   819 C CE  . LYS A 1 109 ? 6.893   -13.779 -2.782  0.00 60.00 ? 103 LYS A CE  1 
ATOM   820 N NZ  . LYS A 1 109 ? 6.214   -14.200 -1.569  0.00 60.00 ? 103 LYS A NZ  1 
ATOM   821 N N   . LEU A 1 110 ? 7.147   -8.330  -1.912  1.00 3.16  ? 104 LEU A N   1 
ATOM   822 C CA  . LEU A 1 110 ? 8.501   -7.761  -1.609  1.00 5.01  ? 104 LEU A CA  1 
ATOM   823 C C   . LEU A 1 110 ? 9.376   -8.895  -1.103  1.00 14.67 ? 104 LEU A C   1 
ATOM   824 O O   . LEU A 1 110 ? 9.031   -9.507  -0.100  1.00 13.07 ? 104 LEU A O   1 
ATOM   825 C CB  . LEU A 1 110 ? 8.357   -6.702  -0.514  1.00 3.00  ? 104 LEU A CB  1 
ATOM   826 C CG  . LEU A 1 110 ? 9.683   -5.908  -0.229  1.00 9.42  ? 104 LEU A CG  1 
ATOM   827 C CD1 . LEU A 1 110 ? 9.311   -4.682  0.614   1.00 15.21 ? 104 LEU A CD1 1 
ATOM   828 C CD2 . LEU A 1 110 ? 10.587  -6.732  0.752   1.00 24.90 ? 104 LEU A CD2 1 
ATOM   829 N N   . GLU A 1 111 ? 10.480  -9.142  -1.774  1.00 10.69 ? 105 GLU A N   1 
ATOM   830 C CA  . GLU A 1 111 ? 11.408  -10.204 -1.370  1.00 11.04 ? 105 GLU A CA  1 
ATOM   831 C C   . GLU A 1 111 ? 12.785  -9.604  -1.135  1.00 14.62 ? 105 GLU A C   1 
ATOM   832 O O   . GLU A 1 111 ? 13.068  -8.554  -1.685  1.00 14.19 ? 105 GLU A O   1 
ATOM   833 C CB  . GLU A 1 111 ? 11.565  -11.214 -2.489  1.00 11.63 ? 105 GLU A CB  1 
ATOM   834 C CG  . GLU A 1 111 ? 10.167  -11.607 -3.029  1.00 38.64 ? 105 GLU A CG  1 
ATOM   835 C CD  . GLU A 1 111 ? 10.395  -12.342 -4.342  1.00 72.94 ? 105 GLU A CD  1 
ATOM   836 O OE1 . GLU A 1 111 ? 10.736  -11.754 -5.378  1.00 77.15 ? 105 GLU A OE1 1 
ATOM   837 O OE2 . GLU A 1 111 ? 10.252  -13.559 -4.356  1.00 79.87 ? 105 GLU A OE2 1 
ATOM   838 N N   . LEU A 1 112 ? 13.505  -10.187 -0.204  1.00 11.36 ? 106 LEU A N   1 
ATOM   839 C CA  . LEU A 1 112 ? 14.824  -9.737  0.229   1.00 32.66 ? 106 LEU A CA  1 
ATOM   840 C C   . LEU A 1 112 ? 15.837  -10.529 -0.538  1.00 30.81 ? 106 LEU A C   1 
ATOM   841 O O   . LEU A 1 112 ? 15.665  -11.730 -0.713  1.00 31.65 ? 106 LEU A O   1 
ATOM   842 C CB  . LEU A 1 112 ? 15.052  -10.007 1.718   1.00 30.10 ? 106 LEU A CB  1 
ATOM   843 C CG  . LEU A 1 112 ? 14.356  -8.880  2.477   1.00 36.91 ? 106 LEU A CG  1 
ATOM   844 C CD1 . LEU A 1 112 ? 13.732  -9.405  3.759   1.00 54.99 ? 106 LEU A CD1 1 
ATOM   845 C CD2 . LEU A 1 112 ? 15.368  -7.772  2.731   1.00 20.67 ? 106 LEU A CD2 1 
ATOM   846 N N   . LYS A 1 113 ? 16.802  -9.808  -0.960  1.00 27.20 ? 107 LYS A N   1 
ATOM   847 C CA  . LYS A 1 113 ? 17.990  -10.303 -1.633  1.00 52.44 ? 107 LYS A CA  1 
ATOM   848 C C   . LYS A 1 113 ? 19.116  -10.558 -0.604  1.00 48.87 ? 107 LYS A C   1 
ATOM   849 O O   . LYS A 1 113 ? 19.462  -9.701  0.199   1.00 44.45 ? 107 LYS A O   1 
ATOM   850 C CB  . LYS A 1 113 ? 18.414  -9.179  -2.616  1.00 35.34 ? 107 LYS A CB  1 
ATOM   851 C CG  . LYS A 1 113 ? 19.504  -9.567  -3.610  1.00 45.54 ? 107 LYS A CG  1 
ATOM   852 C CD  . LYS A 1 113 ? 19.987  -8.327  -4.361  1.00 62.69 ? 107 LYS A CD  1 
ATOM   853 C CE  . LYS A 1 113 ? 21.131  -8.648  -5.342  1.00 80.19 ? 107 LYS A CE  1 
ATOM   854 N NZ  . LYS A 1 113 ? 20.709  -9.631  -6.360  1.00 86.23 ? 107 LYS A NZ  1 
ATOM   855 N N   . ARG A 1 114 ? 19.716  -11.719 -0.636  1.00 55.52 ? 108 ARG A N   1 
ATOM   856 C CA  . ARG A 1 114 ? 20.888  -12.061 0.180   0.00 60.00 ? 108 ARG A CA  1 
ATOM   857 C C   . ARG A 1 114 ? 22.174  -11.578 -0.487  0.00 60.00 ? 108 ARG A C   1 
ATOM   858 O O   . ARG A 1 114 ? 23.216  -12.206 -0.310  0.00 60.00 ? 108 ARG A O   1 
ATOM   859 C CB  . ARG A 1 114 ? 20.984  -13.593 0.297   0.00 60.00 ? 108 ARG A CB  1 
ATOM   860 C CG  . ARG A 1 114 ? 19.848  -14.201 1.137   0.00 60.00 ? 108 ARG A CG  1 
ATOM   861 C CD  . ARG A 1 114 ? 19.912  -15.741 1.132   0.00 60.00 ? 108 ARG A CD  1 
ATOM   862 N NE  . ARG A 1 114 ? 19.025  -16.295 2.162   0.00 60.00 ? 108 ARG A NE  1 
ATOM   863 C CZ  . ARG A 1 114 ? 17.940  -16.992 1.886   0.00 60.00 ? 108 ARG A CZ  1 
ATOM   864 N NH1 . ARG A 1 114 ? 17.582  -17.208 0.635   0.00 60.00 ? 108 ARG A NH1 1 
ATOM   865 N NH2 . ARG A 1 114 ? 17.212  -17.480 2.869   0.00 60.00 ? 108 ARG A NH2 1 
ATOM   866 O OXT . ARG A 1 114 ? 22.237  -10.457 -0.991  0.00 60.00 ? 108 ARG A OXT 1 
HETATM 867 S S   . SO4 B 2 .   ? 4.917   11.285  7.744   0.50 81.28 ? 319 SO4 A S   1 
HETATM 868 O O1  . SO4 B 2 .   ? 4.466   11.896  9.060   0.50 82.64 ? 319 SO4 A O1  1 
HETATM 869 O O2  . SO4 B 2 .   ? 5.828   10.129  8.041   0.50 87.16 ? 319 SO4 A O2  1 
HETATM 870 O O3  . SO4 B 2 .   ? 3.737   10.798  6.909   0.50 82.72 ? 319 SO4 A O3  1 
HETATM 871 O O4  . SO4 B 2 .   ? 5.693   12.344  7.010   0.50 86.65 ? 319 SO4 A O4  1 
HETATM 872 C C   . ACT C 3 .   ? -10.005 5.963   5.138   1.00 34.87 ? 320 ACT A C   1 
HETATM 873 O O   . ACT C 3 .   ? -9.227  5.479   4.299   1.00 14.71 ? 320 ACT A O   1 
HETATM 874 O OXT . ACT C 3 .   ? -9.812  7.106   5.552   1.00 40.85 ? 320 ACT A OXT 1 
HETATM 875 C CH3 . ACT C 3 .   ? -11.235 5.236   5.667   1.00 30.64 ? 320 ACT A CH3 1 
HETATM 876 O O   . HOH D 4 .   ? -1.040  5.976   -0.434  1.00 3.00  ? 321 HOH A O   1 
HETATM 877 O O   . HOH D 4 .   ? 1.780   -1.698  -5.245  1.00 4.53  ? 322 HOH A O   1 
HETATM 878 O O   . HOH D 4 .   ? 11.407  -10.177 -7.946  0.50 5.65  ? 323 HOH A O   1 
HETATM 879 O O   . HOH D 4 .   ? 0.349   1.499   -13.368 1.00 6.08  ? 324 HOH A O   1 
HETATM 880 O O   . HOH D 4 .   ? -13.586 -7.562  -3.109  1.00 6.34  ? 325 HOH A O   1 
HETATM 881 O O   . HOH D 4 .   ? -16.040 -1.137  -6.127  1.00 7.77  ? 326 HOH A O   1 
HETATM 882 O O   . HOH D 4 .   ? -9.765  -1.217  5.062   1.00 7.84  ? 327 HOH A O   1 
HETATM 883 O O   . HOH D 4 .   ? 21.852  -0.809  3.506   1.00 8.06  ? 328 HOH A O   1 
HETATM 884 O O   . HOH D 4 .   ? 0.085   0.887   -10.726 1.00 8.30  ? 329 HOH A O   1 
HETATM 885 O O   . HOH D 4 .   ? -8.948  -4.423  -7.990  1.00 8.79  ? 330 HOH A O   1 
HETATM 886 O O   . HOH D 4 .   ? -12.675 4.135   -1.477  1.00 8.88  ? 331 HOH A O   1 
HETATM 887 O O   . HOH D 4 .   ? 16.839  -6.367  8.641   1.00 9.51  ? 332 HOH A O   1 
HETATM 888 O O   . HOH D 4 .   ? 5.158   7.480   -0.734  1.00 9.60  ? 333 HOH A O   1 
HETATM 889 O O   . HOH D 4 .   ? -3.612  -4.821  -9.298  1.00 10.14 ? 334 HOH A O   1 
HETATM 890 O O   . HOH D 4 .   ? -5.537  -7.643  10.772  1.00 10.23 ? 335 HOH A O   1 
HETATM 891 O O   . HOH D 4 .   ? -12.197 -3.366  4.614   0.50 11.39 ? 336 HOH A O   1 
HETATM 892 O O   . HOH D 4 .   ? 7.179   -4.867  8.698   1.00 11.48 ? 337 HOH A O   1 
HETATM 893 O O   . HOH D 4 .   ? -9.464  1.455   5.982   1.00 11.51 ? 338 HOH A O   1 
HETATM 894 O O   . HOH D 4 .   ? 0.580   -10.180 7.981   1.00 11.53 ? 339 HOH A O   1 
HETATM 895 O O   . HOH D 4 .   ? 2.381   7.715   5.607   1.00 11.73 ? 340 HOH A O   1 
HETATM 896 O O   . HOH D 4 .   ? -6.905  0.691   -12.113 1.00 12.14 ? 341 HOH A O   1 
HETATM 897 O O   . HOH D 4 .   ? -11.845 7.773   -13.352 1.00 14.36 ? 342 HOH A O   1 
HETATM 898 O O   . HOH D 4 .   ? -2.370  12.757  -7.706  1.00 16.12 ? 343 HOH A O   1 
HETATM 899 O O   . HOH D 4 .   ? 2.806   -5.415  -12.316 1.00 16.91 ? 344 HOH A O   1 
HETATM 900 O O   . HOH D 4 .   ? 6.516   1.874   -8.752  1.00 17.47 ? 345 HOH A O   1 
HETATM 901 O O   . HOH D 4 .   ? 0.608   5.676   -8.748  1.00 18.99 ? 346 HOH A O   1 
HETATM 902 O O   . HOH D 4 .   ? -13.319 9.016   -11.048 1.00 19.19 ? 347 HOH A O   1 
HETATM 903 O O   . HOH D 4 .   ? 0.289   -6.572  -8.950  1.00 19.76 ? 348 HOH A O   1 
HETATM 904 O O   . HOH D 4 .   ? -14.361 6.148   -2.161  1.00 20.20 ? 349 HOH A O   1 
HETATM 905 O O   . HOH D 4 .   ? -10.715 13.355  -8.229  1.00 20.40 ? 350 HOH A O   1 
HETATM 906 O O   . HOH D 4 .   ? -17.889 0.976   -6.128  1.00 20.61 ? 351 HOH A O   1 
HETATM 907 O O   . HOH D 4 .   ? 8.093   -10.756 7.215   1.00 22.16 ? 352 HOH A O   1 
HETATM 908 O O   . HOH D 4 .   ? 19.588  -8.004  2.452   1.00 22.57 ? 353 HOH A O   1 
HETATM 909 O O   . HOH D 4 .   ? 9.329   6.260   3.476   1.00 23.08 ? 354 HOH A O   1 
HETATM 910 O O   . HOH D 4 .   ? 2.795   11.136  3.499   1.00 24.79 ? 355 HOH A O   1 
HETATM 911 O O   . HOH D 4 .   ? -13.950 1.620   -12.333 1.00 25.33 ? 356 HOH A O   1 
HETATM 912 O O   . HOH D 4 .   ? 20.401  3.131   0.808   1.00 26.75 ? 357 HOH A O   1 
HETATM 913 O O   . HOH D 4 .   ? -20.464 2.254   -1.198  1.00 27.61 ? 358 HOH A O   1 
HETATM 914 O O   . HOH D 4 .   ? 1.016   9.187   9.797   1.00 27.67 ? 359 HOH A O   1 
HETATM 915 O O   . HOH D 4 .   ? -0.763  -15.452 4.054   1.00 27.92 ? 360 HOH A O   1 
HETATM 916 O O   . HOH D 4 .   ? -11.777 -5.010  -8.907  1.00 30.44 ? 361 HOH A O   1 
HETATM 917 O O   . HOH D 4 .   ? 17.785  3.993   2.362   1.00 31.07 ? 362 HOH A O   1 
HETATM 918 O O   . HOH D 4 .   ? -8.360  -4.698  -15.072 1.00 31.25 ? 363 HOH A O   1 
HETATM 919 O O   . HOH D 4 .   ? -0.006  4.729   -13.401 1.00 31.41 ? 364 HOH A O   1 
HETATM 920 O O   . HOH D 4 .   ? 1.251   9.161   -6.421  1.00 31.51 ? 365 HOH A O   1 
HETATM 921 O O   . HOH D 4 .   ? 1.831   -8.006  8.962   1.00 31.90 ? 366 HOH A O   1 
HETATM 922 O O   . HOH D 4 .   ? -7.855  -1.648  -16.224 1.00 32.20 ? 367 HOH A O   1 
HETATM 923 O O   . HOH D 4 .   ? 16.429  4.371   9.040   1.00 32.64 ? 368 HOH A O   1 
HETATM 924 O O   . HOH D 4 .   ? 2.574   -13.266 2.110   1.00 32.74 ? 369 HOH A O   1 
HETATM 925 O O   . HOH D 4 .   ? 3.617   5.763   -7.991  1.00 33.00 ? 370 HOH A O   1 
HETATM 926 O O   . HOH D 4 .   ? -7.464  4.639   -15.435 1.00 33.27 ? 371 HOH A O   1 
HETATM 927 O O   . HOH D 4 .   ? -6.926  -5.717  -9.910  1.00 33.30 ? 372 HOH A O   1 
HETATM 928 O O   . HOH D 4 .   ? -1.202  12.187  -10.413 1.00 33.33 ? 373 HOH A O   1 
HETATM 929 O O   . HOH D 4 .   ? -1.909  -11.569 -4.434  1.00 33.58 ? 374 HOH A O   1 
HETATM 930 O O   . HOH D 4 .   ? -15.042 -7.837  -5.286  1.00 33.75 ? 375 HOH A O   1 
HETATM 931 O O   . HOH D 4 .   ? -1.043  -5.518  -11.804 1.00 34.02 ? 376 HOH A O   1 
HETATM 932 O O   . HOH D 4 .   ? 15.432  6.259   1.542   1.00 34.34 ? 377 HOH A O   1 
HETATM 933 O O   . HOH D 4 .   ? 0.201   3.770   -10.647 1.00 34.95 ? 378 HOH A O   1 
HETATM 934 O O   . HOH D 4 .   ? -5.467  0.185   -17.755 1.00 35.52 ? 379 HOH A O   1 
HETATM 935 O O   . HOH D 4 .   ? -6.152  14.769  -6.796  1.00 35.89 ? 380 HOH A O   1 
HETATM 936 O O   . HOH D 4 .   ? 7.613   -11.927 -0.105  1.00 36.11 ? 381 HOH A O   1 
HETATM 937 O O   . HOH D 4 .   ? 12.692  -13.080 0.025   1.00 36.36 ? 382 HOH A O   1 
HETATM 938 O O   . HOH D 4 .   ? 1.669   -10.014 -6.620  1.00 36.61 ? 383 HOH A O   1 
HETATM 939 O O   . HOH D 4 .   ? -1.949  11.470  0.545   1.00 36.62 ? 384 HOH A O   1 
HETATM 940 O O   . HOH D 4 .   ? -15.061 6.713   -5.047  1.00 36.86 ? 385 HOH A O   1 
HETATM 941 O O   . HOH D 4 .   ? -6.537  3.570   14.423  1.00 36.87 ? 386 HOH A O   1 
HETATM 942 O O   . HOH D 4 .   ? 3.333   -8.499  12.379  1.00 37.14 ? 387 HOH A O   1 
HETATM 943 O O   . HOH D 4 .   ? -0.575  -13.007 -0.273  1.00 37.35 ? 388 HOH A O   1 
HETATM 944 O O   . HOH D 4 .   ? -5.180  10.685  5.963   1.00 37.43 ? 389 HOH A O   1 
HETATM 945 O O   . HOH D 4 .   ? 0.981   -1.718  13.872  1.00 37.59 ? 390 HOH A O   1 
HETATM 946 O O   . HOH D 4 .   ? -17.334 -0.204  5.420   1.00 38.04 ? 391 HOH A O   1 
HETATM 947 O O   . HOH D 4 .   ? 8.756   9.812   6.034   0.50 38.10 ? 392 HOH A O   1 
HETATM 948 O O   . HOH D 4 .   ? -3.424  5.974   13.656  1.00 38.50 ? 393 HOH A O   1 
HETATM 949 O O   . HOH D 4 .   ? -19.373 -8.349  -6.162  1.00 38.67 ? 394 HOH A O   1 
HETATM 950 O O   . HOH D 4 .   ? 3.271   10.118  -4.379  1.00 38.94 ? 395 HOH A O   1 
HETATM 951 O O   . HOH D 4 .   ? -13.001 -0.126  5.013   1.00 39.34 ? 396 HOH A O   1 
HETATM 952 O O   . HOH D 4 .   ? 15.733  8.306   2.971   1.00 39.47 ? 397 HOH A O   1 
HETATM 953 O O   . HOH D 4 .   ? -2.869  -2.165  12.404  1.00 39.48 ? 398 HOH A O   1 
HETATM 954 O O   . HOH D 4 .   ? 18.352  7.879   2.077   1.00 40.44 ? 399 HOH A O   1 
HETATM 955 O O   . HOH D 4 .   ? 10.764  7.111   -4.536  1.00 41.02 ? 400 HOH A O   1 
HETATM 956 O O   . HOH D 4 .   ? 1.907   7.795   -9.296  1.00 41.18 ? 401 HOH A O   1 
HETATM 957 O O   . HOH D 4 .   ? 13.753  -7.137  10.444  1.00 41.35 ? 402 HOH A O   1 
HETATM 958 O O   . HOH D 4 .   ? 14.066  -3.622  11.923  1.00 41.95 ? 403 HOH A O   1 
HETATM 959 O O   . HOH D 4 .   ? -7.205  -7.444  -7.823  1.00 43.09 ? 404 HOH A O   1 
HETATM 960 O O   . HOH D 4 .   ? -12.732 15.421  -6.569  1.00 44.58 ? 405 HOH A O   1 
HETATM 961 O O   . HOH D 4 .   ? 11.121  -12.262 7.538   1.00 44.98 ? 406 HOH A O   1 
HETATM 962 O O   . HOH D 4 .   ? -5.371  -1.707  -15.354 1.00 45.06 ? 407 HOH A O   1 
HETATM 963 O O   . HOH D 4 .   ? 18.522  -9.298  4.783   1.00 45.17 ? 408 HOH A O   1 
HETATM 964 O O   . HOH D 4 .   ? 5.498   -13.236 0.772   1.00 46.25 ? 409 HOH A O   1 
HETATM 965 O O   . HOH D 4 .   ? 11.273  -1.065  13.021  1.00 46.53 ? 410 HOH A O   1 
HETATM 966 O O   . HOH D 4 .   ? 5.450   -2.817  10.515  1.00 46.69 ? 411 HOH A O   1 
HETATM 967 O O   . HOH D 4 .   ? 8.118   8.520   -6.194  0.50 46.85 ? 412 HOH A O   1 
HETATM 968 O O   . HOH D 4 .   ? -3.101  -3.799  -15.954 1.00 46.87 ? 413 HOH A O   1 
HETATM 969 O O   . HOH D 4 .   ? 0.927   11.427  7.413   1.00 47.08 ? 414 HOH A O   1 
HETATM 970 O O   . HOH D 4 .   ? -3.638  -6.249  -11.643 1.00 48.59 ? 415 HOH A O   1 
HETATM 971 O O   . HOH D 4 .   ? 17.391  -10.813 -7.139  1.00 48.61 ? 416 HOH A O   1 
HETATM 972 O O   . HOH D 4 .   ? 8.084   8.438   -3.148  1.00 48.75 ? 417 HOH A O   1 
HETATM 973 O O   . HOH D 4 .   ? 12.712  9.084   3.438   1.00 49.08 ? 418 HOH A O   1 
HETATM 974 O O   . HOH D 4 .   ? -19.671 5.088   -3.354  1.00 49.53 ? 419 HOH A O   1 
HETATM 975 O O   . HOH D 4 .   ? -4.722  11.826  1.512   1.00 49.92 ? 420 HOH A O   1 
HETATM 976 O O   . HOH D 4 .   ? -19.005 2.944   2.678   1.00 49.93 ? 421 HOH A O   1 
HETATM 977 O O   . HOH D 4 .   ? 17.472  8.035   -1.926  1.00 50.37 ? 422 HOH A O   1 
HETATM 978 O O   . HOH D 4 .   ? 10.799  0.561   -6.553  1.00 50.74 ? 423 HOH A O   1 
HETATM 979 O O   . HOH D 4 .   ? 14.390  5.028   7.357   1.00 50.91 ? 424 HOH A O   1 
HETATM 980 O O   . HOH D 4 .   ? 1.235   13.636  -11.474 1.00 52.74 ? 425 HOH A O   1 
HETATM 981 O O   . HOH D 4 .   ? 7.675   9.012   -0.345  1.00 53.68 ? 426 HOH A O   1 
HETATM 982 O O   . HOH D 4 .   ? -17.004 6.450   -1.360  1.00 54.16 ? 427 HOH A O   1 
HETATM 983 O O   . HOH D 4 .   ? 9.385   -14.115 -0.360  1.00 54.41 ? 428 HOH A O   1 
HETATM 984 O O   . HOH D 4 .   ? -17.875 1.323   -10.007 1.00 54.75 ? 429 HOH A O   1 
HETATM 985 O O   . HOH D 4 .   ? -6.830  11.547  3.146   1.00 55.37 ? 430 HOH A O   1 
HETATM 986 O O   . HOH D 4 .   ? -9.913  -6.612  -10.935 1.00 55.44 ? 431 HOH A O   1 
HETATM 987 O O   . HOH D 4 .   ? 3.413   -4.811  10.593  1.00 55.65 ? 432 HOH A O   1 
HETATM 988 O O   . HOH D 4 .   ? -10.165 -7.708  -6.477  1.00 55.81 ? 433 HOH A O   1 
HETATM 989 O O   . HOH D 4 .   ? 15.309  -12.355 -3.829  1.00 56.54 ? 434 HOH A O   1 
HETATM 990 O O   . HOH D 4 .   ? -8.963  -9.339  -8.574  1.00 57.69 ? 435 HOH A O   1 
HETATM 991 O O   . HOH D 4 .   ? -13.949 3.852   4.811   1.00 58.91 ? 436 HOH A O   1 
HETATM 992 O O   . HOH D 4 .   ? -20.018 -0.422  -8.514  1.00 59.25 ? 437 HOH A O   1 
HETATM 993 O O   . HOH D 4 .   ? 0.822   -12.220 -4.500  1.00 59.34 ? 438 HOH A O   1 
HETATM 994 O O   . HOH D 4 .   ? -14.034 -6.670  -7.846  1.00 59.49 ? 439 HOH A O   1 
HETATM 995 O O   . HOH D 4 .   ? -3.329  3.904   -16.747 0.50 62.35 ? 440 HOH A O   1 
HETATM 996 O O   . HOH D 4 .   ? 8.070   -15.703 -4.380  1.00 66.36 ? 441 HOH A O   1 
# 
